data_3EQ3
# 
_entry.id   3EQ3 
# 
_audit_conform.dict_name       mmcif_pdbx.dic 
_audit_conform.dict_version    5.387 
_audit_conform.dict_location   http://mmcif.pdb.org/dictionaries/ascii/mmcif_pdbx.dic 
# 
loop_
_database_2.database_id 
_database_2.database_code 
_database_2.pdbx_database_accession 
_database_2.pdbx_DOI 
PDB   3EQ3         pdb_00003eq3 10.2210/pdb3eq3/pdb 
RCSB  RCSB049634   ?            ?                   
WWPDB D_1000049634 ?            ?                   
# 
loop_
_pdbx_audit_revision_history.ordinal 
_pdbx_audit_revision_history.data_content_type 
_pdbx_audit_revision_history.major_revision 
_pdbx_audit_revision_history.minor_revision 
_pdbx_audit_revision_history.revision_date 
1 'Structure model' 1 0 2008-12-16 
2 'Structure model' 1 1 2011-07-13 
3 'Structure model' 1 2 2012-05-30 
4 'Structure model' 1 3 2018-07-18 
5 'Structure model' 1 4 2024-02-21 
# 
_pdbx_audit_revision_details.ordinal             1 
_pdbx_audit_revision_details.revision_ordinal    1 
_pdbx_audit_revision_details.data_content_type   'Structure model' 
_pdbx_audit_revision_details.provider            repository 
_pdbx_audit_revision_details.type                'Initial release' 
_pdbx_audit_revision_details.description         ? 
_pdbx_audit_revision_details.details             ? 
# 
loop_
_pdbx_audit_revision_group.ordinal 
_pdbx_audit_revision_group.revision_ordinal 
_pdbx_audit_revision_group.data_content_type 
_pdbx_audit_revision_group.group 
1 2 'Structure model' 'Version format compliance' 
2 3 'Structure model' 'Refinement description'    
3 4 'Structure model' 'Data collection'           
4 5 'Structure model' 'Data collection'           
5 5 'Structure model' 'Database references'       
6 5 'Structure model' 'Refinement description'    
# 
loop_
_pdbx_audit_revision_category.ordinal 
_pdbx_audit_revision_category.revision_ordinal 
_pdbx_audit_revision_category.data_content_type 
_pdbx_audit_revision_category.category 
1 4 'Structure model' em_image_scans                
2 4 'Structure model' em_software                   
3 5 'Structure model' chem_comp_atom                
4 5 'Structure model' chem_comp_bond                
5 5 'Structure model' database_2                    
6 5 'Structure model' em_3d_fitting_list            
7 5 'Structure model' pdbx_database_related         
8 5 'Structure model' pdbx_initial_refinement_model 
# 
loop_
_pdbx_audit_revision_item.ordinal 
_pdbx_audit_revision_item.revision_ordinal 
_pdbx_audit_revision_item.data_content_type 
_pdbx_audit_revision_item.item 
1 4 'Structure model' '_em_software.image_processing_id'                
2 5 'Structure model' '_database_2.pdbx_DOI'                            
3 5 'Structure model' '_database_2.pdbx_database_accession'             
4 5 'Structure model' '_em_3d_fitting_list.accession_code'              
5 5 'Structure model' '_em_3d_fitting_list.initial_refinement_model_id' 
6 5 'Structure model' '_em_3d_fitting_list.source_name'                 
7 5 'Structure model' '_em_3d_fitting_list.type'                        
8 5 'Structure model' '_pdbx_database_related.content_type'             
# 
_pdbx_database_status.status_code                     REL 
_pdbx_database_status.entry_id                        3EQ3 
_pdbx_database_status.recvd_initial_deposition_date   2008-09-30 
_pdbx_database_status.deposit_site                    RCSB 
_pdbx_database_status.process_site                    RCSB 
_pdbx_database_status.status_code_sf                  ? 
_pdbx_database_status.status_code_mr                  ? 
_pdbx_database_status.SG_entry                        ? 
_pdbx_database_status.status_code_cs                  ? 
_pdbx_database_status.methods_development_category    ? 
_pdbx_database_status.pdb_format_compatible           Y 
_pdbx_database_status.status_code_nmr_data            ? 
# 
loop_
_pdbx_database_related.db_name 
_pdbx_database_related.db_id 
_pdbx_database_related.details 
_pdbx_database_related.content_type 
PDB  2AVY     'coordinates for initial input model for RSRef'                                        unspecified            
PDB  2AW4     'coordinates for initial input model for RSRef'                                        unspecified            
PDB  1QZA     'coordinates for initial input model for RSRef'                                        unspecified            
PDB  1OB2     'coordinates for initial input model for RSRef'                                        unspecified            
PDB  3EP2     'Model of Phe-tRNA(Phe) in the ribosomal pre-accommodated state revealed by cryo-EM'   unspecified            
PDB  3EQ4     'Model of tRNA(Leu)-EF-Tu in the ribosomal pre-accommodated state revealed by cryo-EM' unspecified            
EMDB EMD-1564 .                                                                                      'other EM volume'      
EMDB EMD-1565 .                                                                                      'associated EM volume' 
# 
loop_
_audit_author.name 
_audit_author.pdbx_ordinal 
'Frank, J.'        1 
'Li, W.'           2 
'Agirrezabala, X.' 3 
# 
_citation.id                        primary 
_citation.title                     'Recognition of aminoacyl-tRNA: a common molecular mechanism revealed by cryo-EM.' 
_citation.journal_abbrev            'Embo J.' 
_citation.journal_volume            27 
_citation.page_first                3322 
_citation.page_last                 3331 
_citation.year                      2008 
_citation.journal_id_ASTM           EMJODG 
_citation.country                   UK 
_citation.journal_id_ISSN           0261-4189 
_citation.journal_id_CSD            0897 
_citation.book_publisher            ? 
_citation.pdbx_database_id_PubMed   19020518 
_citation.pdbx_database_id_DOI      10.1038/emboj.2008.243 
# 
loop_
_citation_author.citation_id 
_citation_author.name 
_citation_author.ordinal 
_citation_author.identifier_ORCID 
primary 'Li, W.'           1  ? 
primary 'Agirrezabala, X.' 2  ? 
primary 'Lei, J.'          3  ? 
primary 'Bouakaz, L.'      4  ? 
primary 'Brunelle, J.L.'   5  ? 
primary 'Ortiz-Meoz, R.F.' 6  ? 
primary 'Green, R.'        7  ? 
primary 'Sanyal, S.'       8  ? 
primary 'Ehrenberg, M.'    9  ? 
primary 'Frank, J.'        10 ? 
# 
loop_
_entity.id 
_entity.type 
_entity.src_method 
_entity.pdbx_description 
_entity.formula_weight 
_entity.pdbx_number_of_molecules 
_entity.pdbx_ec 
_entity.pdbx_mutation 
_entity.pdbx_fragment 
_entity.details 
1 polymer nat 'Elongation factor Tu'            43239.297 1 ? ? ? ? 
2 polymer nat '30S ribosomal protein S12'       13636.961 1 ? ? ? ? 
3 polymer nat '50S ribosomal protein L11'       14763.165 1 ? ? ? ? 
4 polymer nat tRNA                              23844.160 1 ? ? ? ? 
5 polymer nat 'Fragment h18 of the 16S rRNA'    2871.766  1 ? ? ? ? 
6 polymer nat 'Fragment h44 of the 16S rRNA'    3601.218  1 ? ? ? ? 
7 polymer nat 'Fragment H43-44 of the 23S rRNA' 15504.268 1 ? ? ? ? 
8 polymer nat 'Fragment H95 of the 23S rRNA'    9089.461  1 ? ? ? ? 
9 polymer nat 'Fragment H69 of the 23S rRNA'    5427.285  1 ? ? ? ? 
# 
_entity_name_com.entity_id   1 
_entity_name_com.name        'EF-Tu, P-43' 
# 
loop_
_entity_poly.entity_id 
_entity_poly.type 
_entity_poly.nstd_linkage 
_entity_poly.nstd_monomer 
_entity_poly.pdbx_seq_one_letter_code 
_entity_poly.pdbx_seq_one_letter_code_can 
_entity_poly.pdbx_strand_id 
_entity_poly.pdbx_target_identifier 
1 'polypeptide(L)'   no no 
;SKEKFERTKPHVNVGTIGHVDHGKTTLTAAITTVLAKTYGGAARAFDQIDNAPEEKARGITINTSHVEYDTPTRHYAHVD
CPGHADYVKNMITGAAQMDGAILVVAATDGPMPQTREHILLGRQVGVPYIIVFLNKCDMVDDEELLELVEMEVRELLSQY
DFPGDDTPIVRGSALKALEGDAEWEAKILELAGFLDSYIPEPERAIDKPFLLPIEDVFSISGRGTVVTGRVERGIIKVGE
EVEIVGIKETQKSTCTGVEMFRKLLDEGRAGENVGVLLRGIKREEIERGQVLAKPGTIKPHTKFESEVYILSKDEGGRHT
PFFKGYRPQFYFRTTDVTGTIELPEGVEMVMPGDNIKMVVTLIHPIAMDDGLRFAIREGGRTVGAGVVAKVLS
;
;SKEKFERTKPHVNVGTIGHVDHGKTTLTAAITTVLAKTYGGAARAFDQIDNAPEEKARGITINTSHVEYDTPTRHYAHVD
CPGHADYVKNMITGAAQMDGAILVVAATDGPMPQTREHILLGRQVGVPYIIVFLNKCDMVDDEELLELVEMEVRELLSQY
DFPGDDTPIVRGSALKALEGDAEWEAKILELAGFLDSYIPEPERAIDKPFLLPIEDVFSISGRGTVVTGRVERGIIKVGE
EVEIVGIKETQKSTCTGVEMFRKLLDEGRAGENVGVLLRGIKREEIERGQVLAKPGTIKPHTKFESEVYILSKDEGGRHT
PFFKGYRPQFYFRTTDVTGTIELPEGVEMVMPGDNIKMVVTLIHPIAMDDGLRFAIREGGRTVGAGVVAKVLS
;
X ? 
2 'polypeptide(L)'   no no 
;ATVNQLVRKPRARKVAKSNVPALEACPQKRGVCTRVYTTTPKKPNSALRKVCRVRLTNGFEVTSYIGGEGHNLQEHSVIL
IRGGRVKDLPGVRYHTVRGALDCSGVKDRKQARSKYGVKRPKA
;
;ATVNQLVRKPRARKVAKSNVPALEACPQKRGVCTRVYTTTPKKPNSALRKVCRVRLTNGFEVTSYIGGEGHNLQEHSVIL
IRGGRVKDLPGVRYHTVRGALDCSGVKDRKQARSKYGVKRPKA
;
L ? 
3 'polypeptide(L)'   no no 
;AKKVQAYVKLQVAAGMANPSPPVGPALGQQGVNIMEFCKAFNAKTDSIEKGLPIPVVITVYADRSFTFVTKTPPAAVLLK
KAAGIKSGSGKPNKDKVGKISRAQLQEIAQTKAADMTGADIEAMTRSIEGTARSMGLVVED
;
;AKKVQAYVKLQVAAGMANPSPPVGPALGQQGVNIMEFCKAFNAKTDSIEKGLPIPVVITVYADRSFTFVTKTPPAAVLLK
KAAGIKSGSGKPNKDKVGKISRAQLQEIAQTKAADMTGADIEAMTRSIEGTARSMGLVVED
;
I ? 
4 polyribonucleotide no no CGGAUUUAGCUCAGUUGGGAGAGCGCCAGACUGAAGAUCUGGAGGUCCUGUGUUCGAUCCACAGAAUUCGCACC 
CGGAUUUAGCUCAGUUGGGAGAGCGCCAGACUGAAGAUCUGGAGGUCCUGUGUUCGAUCCACAGAAUUCGCACC Y ? 
5 polyribonucleotide no no CGCGGUAAU CGCGGUAAU A ? 
6 polyribonucleotide no no GGGCGAAGUCG GGGCGAAGUCG C ? 
7 polyribonucleotide no no AGGAUGUUGGCUUAGAAGCAGCCAUCAUUUAAAGAAAGCGUAAUAGCU AGGAUGUUGGCUUAGAAGCAGCCAUCAUUUAAAGAAAGCGUAAUAGCU B ? 
8 polyribonucleotide no no UGCUCCUAGUACGAGAGGACCGGAGUGG UGCUCCUAGUACGAGAGGACCGGAGUGG D ? 
9 polyribonucleotide no no GCCGUAACUAUAACGGU GCCGUAACUAUAACGGU E ? 
# 
loop_
_entity_poly_seq.entity_id 
_entity_poly_seq.num 
_entity_poly_seq.mon_id 
_entity_poly_seq.hetero 
1 1   SER n 
1 2   LYS n 
1 3   GLU n 
1 4   LYS n 
1 5   PHE n 
1 6   GLU n 
1 7   ARG n 
1 8   THR n 
1 9   LYS n 
1 10  PRO n 
1 11  HIS n 
1 12  VAL n 
1 13  ASN n 
1 14  VAL n 
1 15  GLY n 
1 16  THR n 
1 17  ILE n 
1 18  GLY n 
1 19  HIS n 
1 20  VAL n 
1 21  ASP n 
1 22  HIS n 
1 23  GLY n 
1 24  LYS n 
1 25  THR n 
1 26  THR n 
1 27  LEU n 
1 28  THR n 
1 29  ALA n 
1 30  ALA n 
1 31  ILE n 
1 32  THR n 
1 33  THR n 
1 34  VAL n 
1 35  LEU n 
1 36  ALA n 
1 37  LYS n 
1 38  THR n 
1 39  TYR n 
1 40  GLY n 
1 41  GLY n 
1 42  ALA n 
1 43  ALA n 
1 44  ARG n 
1 45  ALA n 
1 46  PHE n 
1 47  ASP n 
1 48  GLN n 
1 49  ILE n 
1 50  ASP n 
1 51  ASN n 
1 52  ALA n 
1 53  PRO n 
1 54  GLU n 
1 55  GLU n 
1 56  LYS n 
1 57  ALA n 
1 58  ARG n 
1 59  GLY n 
1 60  ILE n 
1 61  THR n 
1 62  ILE n 
1 63  ASN n 
1 64  THR n 
1 65  SER n 
1 66  HIS n 
1 67  VAL n 
1 68  GLU n 
1 69  TYR n 
1 70  ASP n 
1 71  THR n 
1 72  PRO n 
1 73  THR n 
1 74  ARG n 
1 75  HIS n 
1 76  TYR n 
1 77  ALA n 
1 78  HIS n 
1 79  VAL n 
1 80  ASP n 
1 81  CYS n 
1 82  PRO n 
1 83  GLY n 
1 84  HIS n 
1 85  ALA n 
1 86  ASP n 
1 87  TYR n 
1 88  VAL n 
1 89  LYS n 
1 90  ASN n 
1 91  MET n 
1 92  ILE n 
1 93  THR n 
1 94  GLY n 
1 95  ALA n 
1 96  ALA n 
1 97  GLN n 
1 98  MET n 
1 99  ASP n 
1 100 GLY n 
1 101 ALA n 
1 102 ILE n 
1 103 LEU n 
1 104 VAL n 
1 105 VAL n 
1 106 ALA n 
1 107 ALA n 
1 108 THR n 
1 109 ASP n 
1 110 GLY n 
1 111 PRO n 
1 112 MET n 
1 113 PRO n 
1 114 GLN n 
1 115 THR n 
1 116 ARG n 
1 117 GLU n 
1 118 HIS n 
1 119 ILE n 
1 120 LEU n 
1 121 LEU n 
1 122 GLY n 
1 123 ARG n 
1 124 GLN n 
1 125 VAL n 
1 126 GLY n 
1 127 VAL n 
1 128 PRO n 
1 129 TYR n 
1 130 ILE n 
1 131 ILE n 
1 132 VAL n 
1 133 PHE n 
1 134 LEU n 
1 135 ASN n 
1 136 LYS n 
1 137 CYS n 
1 138 ASP n 
1 139 MET n 
1 140 VAL n 
1 141 ASP n 
1 142 ASP n 
1 143 GLU n 
1 144 GLU n 
1 145 LEU n 
1 146 LEU n 
1 147 GLU n 
1 148 LEU n 
1 149 VAL n 
1 150 GLU n 
1 151 MET n 
1 152 GLU n 
1 153 VAL n 
1 154 ARG n 
1 155 GLU n 
1 156 LEU n 
1 157 LEU n 
1 158 SER n 
1 159 GLN n 
1 160 TYR n 
1 161 ASP n 
1 162 PHE n 
1 163 PRO n 
1 164 GLY n 
1 165 ASP n 
1 166 ASP n 
1 167 THR n 
1 168 PRO n 
1 169 ILE n 
1 170 VAL n 
1 171 ARG n 
1 172 GLY n 
1 173 SER n 
1 174 ALA n 
1 175 LEU n 
1 176 LYS n 
1 177 ALA n 
1 178 LEU n 
1 179 GLU n 
1 180 GLY n 
1 181 ASP n 
1 182 ALA n 
1 183 GLU n 
1 184 TRP n 
1 185 GLU n 
1 186 ALA n 
1 187 LYS n 
1 188 ILE n 
1 189 LEU n 
1 190 GLU n 
1 191 LEU n 
1 192 ALA n 
1 193 GLY n 
1 194 PHE n 
1 195 LEU n 
1 196 ASP n 
1 197 SER n 
1 198 TYR n 
1 199 ILE n 
1 200 PRO n 
1 201 GLU n 
1 202 PRO n 
1 203 GLU n 
1 204 ARG n 
1 205 ALA n 
1 206 ILE n 
1 207 ASP n 
1 208 LYS n 
1 209 PRO n 
1 210 PHE n 
1 211 LEU n 
1 212 LEU n 
1 213 PRO n 
1 214 ILE n 
1 215 GLU n 
1 216 ASP n 
1 217 VAL n 
1 218 PHE n 
1 219 SER n 
1 220 ILE n 
1 221 SER n 
1 222 GLY n 
1 223 ARG n 
1 224 GLY n 
1 225 THR n 
1 226 VAL n 
1 227 VAL n 
1 228 THR n 
1 229 GLY n 
1 230 ARG n 
1 231 VAL n 
1 232 GLU n 
1 233 ARG n 
1 234 GLY n 
1 235 ILE n 
1 236 ILE n 
1 237 LYS n 
1 238 VAL n 
1 239 GLY n 
1 240 GLU n 
1 241 GLU n 
1 242 VAL n 
1 243 GLU n 
1 244 ILE n 
1 245 VAL n 
1 246 GLY n 
1 247 ILE n 
1 248 LYS n 
1 249 GLU n 
1 250 THR n 
1 251 GLN n 
1 252 LYS n 
1 253 SER n 
1 254 THR n 
1 255 CYS n 
1 256 THR n 
1 257 GLY n 
1 258 VAL n 
1 259 GLU n 
1 260 MET n 
1 261 PHE n 
1 262 ARG n 
1 263 LYS n 
1 264 LEU n 
1 265 LEU n 
1 266 ASP n 
1 267 GLU n 
1 268 GLY n 
1 269 ARG n 
1 270 ALA n 
1 271 GLY n 
1 272 GLU n 
1 273 ASN n 
1 274 VAL n 
1 275 GLY n 
1 276 VAL n 
1 277 LEU n 
1 278 LEU n 
1 279 ARG n 
1 280 GLY n 
1 281 ILE n 
1 282 LYS n 
1 283 ARG n 
1 284 GLU n 
1 285 GLU n 
1 286 ILE n 
1 287 GLU n 
1 288 ARG n 
1 289 GLY n 
1 290 GLN n 
1 291 VAL n 
1 292 LEU n 
1 293 ALA n 
1 294 LYS n 
1 295 PRO n 
1 296 GLY n 
1 297 THR n 
1 298 ILE n 
1 299 LYS n 
1 300 PRO n 
1 301 HIS n 
1 302 THR n 
1 303 LYS n 
1 304 PHE n 
1 305 GLU n 
1 306 SER n 
1 307 GLU n 
1 308 VAL n 
1 309 TYR n 
1 310 ILE n 
1 311 LEU n 
1 312 SER n 
1 313 LYS n 
1 314 ASP n 
1 315 GLU n 
1 316 GLY n 
1 317 GLY n 
1 318 ARG n 
1 319 HIS n 
1 320 THR n 
1 321 PRO n 
1 322 PHE n 
1 323 PHE n 
1 324 LYS n 
1 325 GLY n 
1 326 TYR n 
1 327 ARG n 
1 328 PRO n 
1 329 GLN n 
1 330 PHE n 
1 331 TYR n 
1 332 PHE n 
1 333 ARG n 
1 334 THR n 
1 335 THR n 
1 336 ASP n 
1 337 VAL n 
1 338 THR n 
1 339 GLY n 
1 340 THR n 
1 341 ILE n 
1 342 GLU n 
1 343 LEU n 
1 344 PRO n 
1 345 GLU n 
1 346 GLY n 
1 347 VAL n 
1 348 GLU n 
1 349 MET n 
1 350 VAL n 
1 351 MET n 
1 352 PRO n 
1 353 GLY n 
1 354 ASP n 
1 355 ASN n 
1 356 ILE n 
1 357 LYS n 
1 358 MET n 
1 359 VAL n 
1 360 VAL n 
1 361 THR n 
1 362 LEU n 
1 363 ILE n 
1 364 HIS n 
1 365 PRO n 
1 366 ILE n 
1 367 ALA n 
1 368 MET n 
1 369 ASP n 
1 370 ASP n 
1 371 GLY n 
1 372 LEU n 
1 373 ARG n 
1 374 PHE n 
1 375 ALA n 
1 376 ILE n 
1 377 ARG n 
1 378 GLU n 
1 379 GLY n 
1 380 GLY n 
1 381 ARG n 
1 382 THR n 
1 383 VAL n 
1 384 GLY n 
1 385 ALA n 
1 386 GLY n 
1 387 VAL n 
1 388 VAL n 
1 389 ALA n 
1 390 LYS n 
1 391 VAL n 
1 392 LEU n 
1 393 SER n 
2 1   ALA n 
2 2   THR n 
2 3   VAL n 
2 4   ASN n 
2 5   GLN n 
2 6   LEU n 
2 7   VAL n 
2 8   ARG n 
2 9   LYS n 
2 10  PRO n 
2 11  ARG n 
2 12  ALA n 
2 13  ARG n 
2 14  LYS n 
2 15  VAL n 
2 16  ALA n 
2 17  LYS n 
2 18  SER n 
2 19  ASN n 
2 20  VAL n 
2 21  PRO n 
2 22  ALA n 
2 23  LEU n 
2 24  GLU n 
2 25  ALA n 
2 26  CYS n 
2 27  PRO n 
2 28  GLN n 
2 29  LYS n 
2 30  ARG n 
2 31  GLY n 
2 32  VAL n 
2 33  CYS n 
2 34  THR n 
2 35  ARG n 
2 36  VAL n 
2 37  TYR n 
2 38  THR n 
2 39  THR n 
2 40  THR n 
2 41  PRO n 
2 42  LYS n 
2 43  LYS n 
2 44  PRO n 
2 45  ASN n 
2 46  SER n 
2 47  ALA n 
2 48  LEU n 
2 49  ARG n 
2 50  LYS n 
2 51  VAL n 
2 52  CYS n 
2 53  ARG n 
2 54  VAL n 
2 55  ARG n 
2 56  LEU n 
2 57  THR n 
2 58  ASN n 
2 59  GLY n 
2 60  PHE n 
2 61  GLU n 
2 62  VAL n 
2 63  THR n 
2 64  SER n 
2 65  TYR n 
2 66  ILE n 
2 67  GLY n 
2 68  GLY n 
2 69  GLU n 
2 70  GLY n 
2 71  HIS n 
2 72  ASN n 
2 73  LEU n 
2 74  GLN n 
2 75  GLU n 
2 76  HIS n 
2 77  SER n 
2 78  VAL n 
2 79  ILE n 
2 80  LEU n 
2 81  ILE n 
2 82  ARG n 
2 83  GLY n 
2 84  GLY n 
2 85  ARG n 
2 86  VAL n 
2 87  LYS n 
2 88  ASP n 
2 89  LEU n 
2 90  PRO n 
2 91  GLY n 
2 92  VAL n 
2 93  ARG n 
2 94  TYR n 
2 95  HIS n 
2 96  THR n 
2 97  VAL n 
2 98  ARG n 
2 99  GLY n 
2 100 ALA n 
2 101 LEU n 
2 102 ASP n 
2 103 CYS n 
2 104 SER n 
2 105 GLY n 
2 106 VAL n 
2 107 LYS n 
2 108 ASP n 
2 109 ARG n 
2 110 LYS n 
2 111 GLN n 
2 112 ALA n 
2 113 ARG n 
2 114 SER n 
2 115 LYS n 
2 116 TYR n 
2 117 GLY n 
2 118 VAL n 
2 119 LYS n 
2 120 ARG n 
2 121 PRO n 
2 122 LYS n 
2 123 ALA n 
3 1   ALA n 
3 2   LYS n 
3 3   LYS n 
3 4   VAL n 
3 5   GLN n 
3 6   ALA n 
3 7   TYR n 
3 8   VAL n 
3 9   LYS n 
3 10  LEU n 
3 11  GLN n 
3 12  VAL n 
3 13  ALA n 
3 14  ALA n 
3 15  GLY n 
3 16  MET n 
3 17  ALA n 
3 18  ASN n 
3 19  PRO n 
3 20  SER n 
3 21  PRO n 
3 22  PRO n 
3 23  VAL n 
3 24  GLY n 
3 25  PRO n 
3 26  ALA n 
3 27  LEU n 
3 28  GLY n 
3 29  GLN n 
3 30  GLN n 
3 31  GLY n 
3 32  VAL n 
3 33  ASN n 
3 34  ILE n 
3 35  MET n 
3 36  GLU n 
3 37  PHE n 
3 38  CYS n 
3 39  LYS n 
3 40  ALA n 
3 41  PHE n 
3 42  ASN n 
3 43  ALA n 
3 44  LYS n 
3 45  THR n 
3 46  ASP n 
3 47  SER n 
3 48  ILE n 
3 49  GLU n 
3 50  LYS n 
3 51  GLY n 
3 52  LEU n 
3 53  PRO n 
3 54  ILE n 
3 55  PRO n 
3 56  VAL n 
3 57  VAL n 
3 58  ILE n 
3 59  THR n 
3 60  VAL n 
3 61  TYR n 
3 62  ALA n 
3 63  ASP n 
3 64  ARG n 
3 65  SER n 
3 66  PHE n 
3 67  THR n 
3 68  PHE n 
3 69  VAL n 
3 70  THR n 
3 71  LYS n 
3 72  THR n 
3 73  PRO n 
3 74  PRO n 
3 75  ALA n 
3 76  ALA n 
3 77  VAL n 
3 78  LEU n 
3 79  LEU n 
3 80  LYS n 
3 81  LYS n 
3 82  ALA n 
3 83  ALA n 
3 84  GLY n 
3 85  ILE n 
3 86  LYS n 
3 87  SER n 
3 88  GLY n 
3 89  SER n 
3 90  GLY n 
3 91  LYS n 
3 92  PRO n 
3 93  ASN n 
3 94  LYS n 
3 95  ASP n 
3 96  LYS n 
3 97  VAL n 
3 98  GLY n 
3 99  LYS n 
3 100 ILE n 
3 101 SER n 
3 102 ARG n 
3 103 ALA n 
3 104 GLN n 
3 105 LEU n 
3 106 GLN n 
3 107 GLU n 
3 108 ILE n 
3 109 ALA n 
3 110 GLN n 
3 111 THR n 
3 112 LYS n 
3 113 ALA n 
3 114 ALA n 
3 115 ASP n 
3 116 MET n 
3 117 THR n 
3 118 GLY n 
3 119 ALA n 
3 120 ASP n 
3 121 ILE n 
3 122 GLU n 
3 123 ALA n 
3 124 MET n 
3 125 THR n 
3 126 ARG n 
3 127 SER n 
3 128 ILE n 
3 129 GLU n 
3 130 GLY n 
3 131 THR n 
3 132 ALA n 
3 133 ARG n 
3 134 SER n 
3 135 MET n 
3 136 GLY n 
3 137 LEU n 
3 138 VAL n 
3 139 VAL n 
3 140 GLU n 
3 141 ASP n 
4 1   C   n 
4 2   G   n 
4 3   G   n 
4 4   A   n 
4 5   U   n 
4 6   U   n 
4 7   U   n 
4 8   A   n 
4 9   G   n 
4 10  C   n 
4 11  U   n 
4 12  C   n 
4 13  A   n 
4 14  G   n 
4 15  U   n 
4 16  U   n 
4 17  G   n 
4 18  G   n 
4 19  G   n 
4 20  A   n 
4 21  G   n 
4 22  A   n 
4 23  G   n 
4 24  C   n 
4 25  G   n 
4 26  C   n 
4 27  C   n 
4 28  A   n 
4 29  G   n 
4 30  A   n 
4 31  C   n 
4 32  U   n 
4 33  G   n 
4 34  A   n 
4 35  A   n 
4 36  G   n 
4 37  A   n 
4 38  U   n 
4 39  C   n 
4 40  U   n 
4 41  G   n 
4 42  G   n 
4 43  A   n 
4 44  G   n 
4 45  G   n 
4 46  U   n 
4 47  C   n 
4 48  C   n 
4 49  U   n 
4 50  G   n 
4 51  U   n 
4 52  G   n 
4 53  U   n 
4 54  U   n 
4 55  C   n 
4 56  G   n 
4 57  A   n 
4 58  U   n 
4 59  C   n 
4 60  C   n 
4 61  A   n 
4 62  C   n 
4 63  A   n 
4 64  G   n 
4 65  A   n 
4 66  A   n 
4 67  U   n 
4 68  U   n 
4 69  C   n 
4 70  G   n 
4 71  C   n 
4 72  A   n 
4 73  C   n 
4 74  C   n 
5 1   C   n 
5 2   G   n 
5 3   C   n 
5 4   G   n 
5 5   G   n 
5 6   U   n 
5 7   A   n 
5 8   A   n 
5 9   U   n 
6 1   G   n 
6 2   G   n 
6 3   G   n 
6 4   C   n 
6 5   G   n 
6 6   A   n 
6 7   A   n 
6 8   G   n 
6 9   U   n 
6 10  C   n 
6 11  G   n 
7 1   A   n 
7 2   G   n 
7 3   G   n 
7 4   A   n 
7 5   U   n 
7 6   G   n 
7 7   U   n 
7 8   U   n 
7 9   G   n 
7 10  G   n 
7 11  C   n 
7 12  U   n 
7 13  U   n 
7 14  A   n 
7 15  G   n 
7 16  A   n 
7 17  A   n 
7 18  G   n 
7 19  C   n 
7 20  A   n 
7 21  G   n 
7 22  C   n 
7 23  C   n 
7 24  A   n 
7 25  U   n 
7 26  C   n 
7 27  A   n 
7 28  U   n 
7 29  U   n 
7 30  U   n 
7 31  A   n 
7 32  A   n 
7 33  A   n 
7 34  G   n 
7 35  A   n 
7 36  A   n 
7 37  A   n 
7 38  G   n 
7 39  C   n 
7 40  G   n 
7 41  U   n 
7 42  A   n 
7 43  A   n 
7 44  U   n 
7 45  A   n 
7 46  G   n 
7 47  C   n 
7 48  U   n 
8 1   U   n 
8 2   G   n 
8 3   C   n 
8 4   U   n 
8 5   C   n 
8 6   C   n 
8 7   U   n 
8 8   A   n 
8 9   G   n 
8 10  U   n 
8 11  A   n 
8 12  C   n 
8 13  G   n 
8 14  A   n 
8 15  G   n 
8 16  A   n 
8 17  G   n 
8 18  G   n 
8 19  A   n 
8 20  C   n 
8 21  C   n 
8 22  G   n 
8 23  G   n 
8 24  A   n 
8 25  G   n 
8 26  U   n 
8 27  G   n 
8 28  G   n 
9 1   G   n 
9 2   C   n 
9 3   C   n 
9 4   G   n 
9 5   U   n 
9 6   A   n 
9 7   A   n 
9 8   C   n 
9 9   U   n 
9 10  A   n 
9 11  U   n 
9 12  A   n 
9 13  A   n 
9 14  C   n 
9 15  G   n 
9 16  G   n 
9 17  U   n 
# 
loop_
_entity_src_nat.entity_id 
_entity_src_nat.pdbx_src_id 
_entity_src_nat.pdbx_alt_source_flag 
_entity_src_nat.pdbx_beg_seq_num 
_entity_src_nat.pdbx_end_seq_num 
_entity_src_nat.common_name 
_entity_src_nat.pdbx_organism_scientific 
_entity_src_nat.pdbx_ncbi_taxonomy_id 
_entity_src_nat.genus 
_entity_src_nat.species 
_entity_src_nat.strain 
_entity_src_nat.tissue 
_entity_src_nat.tissue_fraction 
_entity_src_nat.pdbx_secretion 
_entity_src_nat.pdbx_fragment 
_entity_src_nat.pdbx_variant 
_entity_src_nat.pdbx_cell_line 
_entity_src_nat.pdbx_atcc 
_entity_src_nat.pdbx_cellular_location 
_entity_src_nat.pdbx_organ 
_entity_src_nat.pdbx_organelle 
_entity_src_nat.pdbx_cell 
_entity_src_nat.pdbx_plasmid_name 
_entity_src_nat.pdbx_plasmid_details 
_entity_src_nat.details 
1 1 sample ? ? ? 'Escherichia coli K12' 83333 ? ? ? ? ? ? ? ? ? ? ? ? ? ? ? ? ? 
2 1 sample ? ? ? 'Escherichia coli K12' 83333 ? ? ? ? ? ? ? ? ? ? ? ? ? ? ? ? ? 
3 1 sample ? ? ? 'Escherichia coli K12' 83333 ? ? ? ? ? ? ? ? ? ? ? ? ? ? ? ? ? 
4 1 sample ? ? ? 'Escherichia coli K12' 83333 ? ? ? ? ? ? ? ? ? ? ? ? ? ? ? ? ? 
5 1 sample ? ? ? 'Escherichia coli K12' 83333 ? ? ? ? ? ? ? ? ? ? ? ? ? ? ? ? ? 
6 1 sample ? ? ? 'Escherichia coli K12' 83333 ? ? ? ? ? ? ? ? ? ? ? ? ? ? ? ? ? 
7 1 sample ? ? ? 'Escherichia coli K12' 83333 ? ? ? ? ? ? ? ? ? ? ? ? ? ? ? ? ? 
8 1 sample ? ? ? 'Escherichia coli K12' 83333 ? ? ? ? ? ? ? ? ? ? ? ? ? ? ? ? ? 
9 1 sample ? ? ? 'Escherichia coli K12' 83333 ? ? ? ? ? ? ? ? ? ? ? ? ? ? ? ? ? 
# 
loop_
_chem_comp.id 
_chem_comp.type 
_chem_comp.mon_nstd_flag 
_chem_comp.name 
_chem_comp.pdbx_synonyms 
_chem_comp.formula 
_chem_comp.formula_weight 
A   'RNA linking'       y "ADENOSINE-5'-MONOPHOSPHATE" ? 'C10 H14 N5 O7 P' 347.221 
ALA 'L-peptide linking' y ALANINE                      ? 'C3 H7 N O2'      89.093  
ARG 'L-peptide linking' y ARGININE                     ? 'C6 H15 N4 O2 1'  175.209 
ASN 'L-peptide linking' y ASPARAGINE                   ? 'C4 H8 N2 O3'     132.118 
ASP 'L-peptide linking' y 'ASPARTIC ACID'              ? 'C4 H7 N O4'      133.103 
C   'RNA linking'       y "CYTIDINE-5'-MONOPHOSPHATE"  ? 'C9 H14 N3 O8 P'  323.197 
CYS 'L-peptide linking' y CYSTEINE                     ? 'C3 H7 N O2 S'    121.158 
G   'RNA linking'       y "GUANOSINE-5'-MONOPHOSPHATE" ? 'C10 H14 N5 O8 P' 363.221 
GLN 'L-peptide linking' y GLUTAMINE                    ? 'C5 H10 N2 O3'    146.144 
GLU 'L-peptide linking' y 'GLUTAMIC ACID'              ? 'C5 H9 N O4'      147.129 
GLY 'peptide linking'   y GLYCINE                      ? 'C2 H5 N O2'      75.067  
HIS 'L-peptide linking' y HISTIDINE                    ? 'C6 H10 N3 O2 1'  156.162 
ILE 'L-peptide linking' y ISOLEUCINE                   ? 'C6 H13 N O2'     131.173 
LEU 'L-peptide linking' y LEUCINE                      ? 'C6 H13 N O2'     131.173 
LYS 'L-peptide linking' y LYSINE                       ? 'C6 H15 N2 O2 1'  147.195 
MET 'L-peptide linking' y METHIONINE                   ? 'C5 H11 N O2 S'   149.211 
PHE 'L-peptide linking' y PHENYLALANINE                ? 'C9 H11 N O2'     165.189 
PRO 'L-peptide linking' y PROLINE                      ? 'C5 H9 N O2'      115.130 
SER 'L-peptide linking' y SERINE                       ? 'C3 H7 N O3'      105.093 
THR 'L-peptide linking' y THREONINE                    ? 'C4 H9 N O3'      119.119 
TRP 'L-peptide linking' y TRYPTOPHAN                   ? 'C11 H12 N2 O2'   204.225 
TYR 'L-peptide linking' y TYROSINE                     ? 'C9 H11 N O3'     181.189 
U   'RNA linking'       y "URIDINE-5'-MONOPHOSPHATE"   ? 'C9 H13 N2 O9 P'  324.181 
VAL 'L-peptide linking' y VALINE                       ? 'C5 H11 N O2'     117.146 
# 
loop_
_pdbx_poly_seq_scheme.asym_id 
_pdbx_poly_seq_scheme.entity_id 
_pdbx_poly_seq_scheme.seq_id 
_pdbx_poly_seq_scheme.mon_id 
_pdbx_poly_seq_scheme.ndb_seq_num 
_pdbx_poly_seq_scheme.pdb_seq_num 
_pdbx_poly_seq_scheme.auth_seq_num 
_pdbx_poly_seq_scheme.pdb_mon_id 
_pdbx_poly_seq_scheme.auth_mon_id 
_pdbx_poly_seq_scheme.pdb_strand_id 
_pdbx_poly_seq_scheme.pdb_ins_code 
_pdbx_poly_seq_scheme.hetero 
A 1 1   SER 1   1    1    SER ALA X . n 
A 1 2   LYS 2   2    2    LYS LYS X . n 
A 1 3   GLU 3   3    3    GLU GLU X . n 
A 1 4   LYS 4   4    4    LYS LYS X . n 
A 1 5   PHE 5   5    5    PHE PHE X . n 
A 1 6   GLU 6   6    6    GLU GLU X . n 
A 1 7   ARG 7   7    7    ARG ARG X . n 
A 1 8   THR 8   8    8    THR THR X . n 
A 1 9   LYS 9   9    9    LYS LYS X . n 
A 1 10  PRO 10  10   10   PRO PRO X . n 
A 1 11  HIS 11  11   11   HIS HIS X . n 
A 1 12  VAL 12  12   12   VAL VAL X . n 
A 1 13  ASN 13  13   13   ASN ASN X . n 
A 1 14  VAL 14  14   14   VAL VAL X . n 
A 1 15  GLY 15  15   15   GLY GLY X . n 
A 1 16  THR 16  16   16   THR THR X . n 
A 1 17  ILE 17  17   17   ILE ILE X . n 
A 1 18  GLY 18  18   18   GLY GLY X . n 
A 1 19  HIS 19  19   19   HIS HIS X . n 
A 1 20  VAL 20  20   20   VAL VAL X . n 
A 1 21  ASP 21  21   21   ASP ASP X . n 
A 1 22  HIS 22  22   22   HIS HIS X . n 
A 1 23  GLY 23  23   23   GLY GLY X . n 
A 1 24  LYS 24  24   24   LYS LYS X . n 
A 1 25  THR 25  25   25   THR THR X . n 
A 1 26  THR 26  26   26   THR THR X . n 
A 1 27  LEU 27  27   27   LEU LEU X . n 
A 1 28  THR 28  28   28   THR THR X . n 
A 1 29  ALA 29  29   29   ALA ALA X . n 
A 1 30  ALA 30  30   30   ALA ALA X . n 
A 1 31  ILE 31  31   31   ILE ILE X . n 
A 1 32  THR 32  32   32   THR THR X . n 
A 1 33  THR 33  33   33   THR THR X . n 
A 1 34  VAL 34  34   34   VAL VAL X . n 
A 1 35  LEU 35  35   35   LEU LEU X . n 
A 1 36  ALA 36  36   36   ALA ALA X . n 
A 1 37  LYS 37  37   37   LYS LYS X . n 
A 1 38  THR 38  38   38   THR THR X . n 
A 1 39  TYR 39  39   39   TYR TYR X . n 
A 1 40  GLY 40  40   40   GLY GLY X . n 
A 1 41  GLY 41  41   41   GLY GLY X . n 
A 1 42  ALA 42  42   42   ALA ALA X . n 
A 1 43  ALA 43  43   43   ALA ALA X . n 
A 1 44  ARG 44  44   44   ARG ARG X . n 
A 1 45  ALA 45  45   45   ALA ALA X . n 
A 1 46  PHE 46  46   46   PHE PHE X . n 
A 1 47  ASP 47  47   47   ASP ASP X . n 
A 1 48  GLN 48  48   48   GLN GLN X . n 
A 1 49  ILE 49  49   49   ILE ILE X . n 
A 1 50  ASP 50  50   50   ASP ASP X . n 
A 1 51  ASN 51  51   51   ASN ASN X . n 
A 1 52  ALA 52  52   52   ALA ALA X . n 
A 1 53  PRO 53  53   53   PRO PRO X . n 
A 1 54  GLU 54  54   54   GLU GLU X . n 
A 1 55  GLU 55  55   55   GLU GLU X . n 
A 1 56  LYS 56  56   56   LYS LYS X . n 
A 1 57  ALA 57  57   57   ALA ALA X . n 
A 1 58  ARG 58  58   58   ARG ARG X . n 
A 1 59  GLY 59  59   59   GLY GLY X . n 
A 1 60  ILE 60  60   60   ILE ILE X . n 
A 1 61  THR 61  61   61   THR THR X . n 
A 1 62  ILE 62  62   62   ILE ILE X . n 
A 1 63  ASN 63  63   63   ASN ASN X . n 
A 1 64  THR 64  64   64   THR THR X . n 
A 1 65  SER 65  65   65   SER SER X . n 
A 1 66  HIS 66  66   66   HIS HIS X . n 
A 1 67  VAL 67  67   67   VAL VAL X . n 
A 1 68  GLU 68  68   68   GLU GLU X . n 
A 1 69  TYR 69  69   69   TYR TYR X . n 
A 1 70  ASP 70  70   70   ASP ASP X . n 
A 1 71  THR 71  71   71   THR THR X . n 
A 1 72  PRO 72  72   72   PRO PRO X . n 
A 1 73  THR 73  73   73   THR THR X . n 
A 1 74  ARG 74  74   74   ARG ARG X . n 
A 1 75  HIS 75  75   75   HIS HIS X . n 
A 1 76  TYR 76  76   76   TYR TYR X . n 
A 1 77  ALA 77  77   77   ALA ALA X . n 
A 1 78  HIS 78  78   78   HIS HIS X . n 
A 1 79  VAL 79  79   79   VAL VAL X . n 
A 1 80  ASP 80  80   80   ASP ASP X . n 
A 1 81  CYS 81  81   81   CYS CYS X . n 
A 1 82  PRO 82  82   82   PRO PRO X . n 
A 1 83  GLY 83  83   83   GLY GLY X . n 
A 1 84  HIS 84  84   84   HIS HIS X . n 
A 1 85  ALA 85  85   85   ALA ALA X . n 
A 1 86  ASP 86  86   86   ASP ASP X . n 
A 1 87  TYR 87  87   87   TYR TYR X . n 
A 1 88  VAL 88  88   88   VAL VAL X . n 
A 1 89  LYS 89  89   89   LYS LYS X . n 
A 1 90  ASN 90  90   90   ASN ASN X . n 
A 1 91  MET 91  91   91   MET MET X . n 
A 1 92  ILE 92  92   92   ILE ILE X . n 
A 1 93  THR 93  93   93   THR THR X . n 
A 1 94  GLY 94  94   94   GLY GLY X . n 
A 1 95  ALA 95  95   95   ALA ALA X . n 
A 1 96  ALA 96  96   96   ALA ALA X . n 
A 1 97  GLN 97  97   97   GLN GLN X . n 
A 1 98  MET 98  98   98   MET MET X . n 
A 1 99  ASP 99  99   99   ASP ASP X . n 
A 1 100 GLY 100 100  100  GLY GLY X . n 
A 1 101 ALA 101 101  101  ALA ALA X . n 
A 1 102 ILE 102 102  102  ILE ILE X . n 
A 1 103 LEU 103 103  103  LEU LEU X . n 
A 1 104 VAL 104 104  104  VAL VAL X . n 
A 1 105 VAL 105 105  105  VAL VAL X . n 
A 1 106 ALA 106 106  106  ALA ALA X . n 
A 1 107 ALA 107 107  107  ALA ALA X . n 
A 1 108 THR 108 108  108  THR THR X . n 
A 1 109 ASP 109 109  109  ASP ASP X . n 
A 1 110 GLY 110 110  110  GLY GLY X . n 
A 1 111 PRO 111 111  111  PRO PRO X . n 
A 1 112 MET 112 112  112  MET MET X . n 
A 1 113 PRO 113 113  113  PRO PRO X . n 
A 1 114 GLN 114 114  114  GLN GLN X . n 
A 1 115 THR 115 115  115  THR THR X . n 
A 1 116 ARG 116 116  116  ARG ARG X . n 
A 1 117 GLU 117 117  117  GLU GLU X . n 
A 1 118 HIS 118 118  118  HIS HIS X . n 
A 1 119 ILE 119 119  119  ILE ILE X . n 
A 1 120 LEU 120 120  120  LEU LEU X . n 
A 1 121 LEU 121 121  121  LEU LEU X . n 
A 1 122 GLY 122 122  122  GLY GLY X . n 
A 1 123 ARG 123 123  123  ARG ARG X . n 
A 1 124 GLN 124 124  124  GLN GLN X . n 
A 1 125 VAL 125 125  125  VAL VAL X . n 
A 1 126 GLY 126 126  126  GLY GLY X . n 
A 1 127 VAL 127 127  127  VAL VAL X . n 
A 1 128 PRO 128 128  128  PRO PRO X . n 
A 1 129 TYR 129 129  129  TYR TYR X . n 
A 1 130 ILE 130 130  130  ILE ILE X . n 
A 1 131 ILE 131 131  131  ILE ILE X . n 
A 1 132 VAL 132 132  132  VAL VAL X . n 
A 1 133 PHE 133 133  133  PHE PHE X . n 
A 1 134 LEU 134 134  134  LEU LEU X . n 
A 1 135 ASN 135 135  135  ASN ASN X . n 
A 1 136 LYS 136 136  136  LYS LYS X . n 
A 1 137 CYS 137 137  137  CYS CYS X . n 
A 1 138 ASP 138 138  138  ASP ASP X . n 
A 1 139 MET 139 139  139  MET MET X . n 
A 1 140 VAL 140 140  140  VAL VAL X . n 
A 1 141 ASP 141 141  141  ASP ASP X . n 
A 1 142 ASP 142 142  142  ASP ASP X . n 
A 1 143 GLU 143 143  143  GLU GLU X . n 
A 1 144 GLU 144 144  144  GLU GLU X . n 
A 1 145 LEU 145 145  145  LEU LEU X . n 
A 1 146 LEU 146 146  146  LEU LEU X . n 
A 1 147 GLU 147 147  147  GLU GLU X . n 
A 1 148 LEU 148 148  148  LEU LEU X . n 
A 1 149 VAL 149 149  149  VAL VAL X . n 
A 1 150 GLU 150 150  150  GLU GLU X . n 
A 1 151 MET 151 151  151  MET MET X . n 
A 1 152 GLU 152 152  152  GLU GLU X . n 
A 1 153 VAL 153 153  153  VAL VAL X . n 
A 1 154 ARG 154 154  154  ARG ARG X . n 
A 1 155 GLU 155 155  155  GLU GLU X . n 
A 1 156 LEU 156 156  156  LEU LEU X . n 
A 1 157 LEU 157 157  157  LEU LEU X . n 
A 1 158 SER 158 158  158  SER SER X . n 
A 1 159 GLN 159 159  159  GLN GLN X . n 
A 1 160 TYR 160 160  160  TYR TYR X . n 
A 1 161 ASP 161 161  161  ASP ASP X . n 
A 1 162 PHE 162 162  162  PHE PHE X . n 
A 1 163 PRO 163 163  163  PRO PRO X . n 
A 1 164 GLY 164 164  164  GLY GLY X . n 
A 1 165 ASP 165 165  165  ASP ASP X . n 
A 1 166 ASP 166 166  166  ASP ASP X . n 
A 1 167 THR 167 167  167  THR THR X . n 
A 1 168 PRO 168 168  168  PRO PRO X . n 
A 1 169 ILE 169 169  169  ILE ILE X . n 
A 1 170 VAL 170 170  170  VAL VAL X . n 
A 1 171 ARG 171 171  171  ARG ARG X . n 
A 1 172 GLY 172 172  172  GLY GLY X . n 
A 1 173 SER 173 173  173  SER SER X . n 
A 1 174 ALA 174 174  174  ALA ALA X . n 
A 1 175 LEU 175 175  175  LEU LEU X . n 
A 1 176 LYS 176 176  176  LYS LYS X . n 
A 1 177 ALA 177 177  177  ALA ALA X . n 
A 1 178 LEU 178 178  178  LEU LEU X . n 
A 1 179 GLU 179 179  179  GLU GLU X . n 
A 1 180 GLY 180 180  180  GLY GLY X . n 
A 1 181 ASP 181 181  181  ASP ASP X . n 
A 1 182 ALA 182 182  182  ALA ALA X . n 
A 1 183 GLU 183 183  183  GLU GLU X . n 
A 1 184 TRP 184 184  184  TRP TRP X . n 
A 1 185 GLU 185 185  185  GLU GLU X . n 
A 1 186 ALA 186 186  186  ALA ALA X . n 
A 1 187 LYS 187 187  187  LYS LYS X . n 
A 1 188 ILE 188 188  188  ILE ILE X . n 
A 1 189 LEU 189 189  189  LEU LEU X . n 
A 1 190 GLU 190 190  190  GLU GLU X . n 
A 1 191 LEU 191 191  191  LEU LEU X . n 
A 1 192 ALA 192 192  192  ALA ALA X . n 
A 1 193 GLY 193 193  193  GLY GLY X . n 
A 1 194 PHE 194 194  194  PHE PHE X . n 
A 1 195 LEU 195 195  195  LEU LEU X . n 
A 1 196 ASP 196 196  196  ASP ASP X . n 
A 1 197 SER 197 197  197  SER SER X . n 
A 1 198 TYR 198 198  198  TYR TYR X . n 
A 1 199 ILE 199 199  199  ILE ILE X . n 
A 1 200 PRO 200 200  200  PRO PRO X . n 
A 1 201 GLU 201 201  201  GLU GLU X . n 
A 1 202 PRO 202 202  202  PRO PRO X . n 
A 1 203 GLU 203 203  203  GLU GLU X . n 
A 1 204 ARG 204 204  204  ARG ARG X . n 
A 1 205 ALA 205 205  205  ALA ALA X . n 
A 1 206 ILE 206 206  206  ILE ILE X . n 
A 1 207 ASP 207 207  207  ASP ASP X . n 
A 1 208 LYS 208 208  208  LYS LYS X . n 
A 1 209 PRO 209 209  209  PRO PRO X . n 
A 1 210 PHE 210 210  210  PHE PHE X . n 
A 1 211 LEU 211 211  211  LEU LEU X . n 
A 1 212 LEU 212 212  212  LEU LEU X . n 
A 1 213 PRO 213 213  213  PRO PRO X . n 
A 1 214 ILE 214 214  214  ILE ILE X . n 
A 1 215 GLU 215 215  215  GLU GLU X . n 
A 1 216 ASP 216 216  216  ASP ASP X . n 
A 1 217 VAL 217 217  217  VAL VAL X . n 
A 1 218 PHE 218 218  218  PHE PHE X . n 
A 1 219 SER 219 219  219  SER SER X . n 
A 1 220 ILE 220 220  220  ILE ILE X . n 
A 1 221 SER 221 221  221  SER SER X . n 
A 1 222 GLY 222 222  222  GLY GLY X . n 
A 1 223 ARG 223 223  223  ARG ARG X . n 
A 1 224 GLY 224 224  224  GLY GLY X . n 
A 1 225 THR 225 225  225  THR THR X . n 
A 1 226 VAL 226 226  226  VAL VAL X . n 
A 1 227 VAL 227 227  227  VAL VAL X . n 
A 1 228 THR 228 228  228  THR THR X . n 
A 1 229 GLY 229 229  229  GLY GLY X . n 
A 1 230 ARG 230 230  230  ARG ARG X . n 
A 1 231 VAL 231 231  231  VAL VAL X . n 
A 1 232 GLU 232 232  232  GLU GLU X . n 
A 1 233 ARG 233 233  233  ARG ARG X . n 
A 1 234 GLY 234 234  234  GLY GLY X . n 
A 1 235 ILE 235 235  235  ILE ILE X . n 
A 1 236 ILE 236 236  236  ILE ILE X . n 
A 1 237 LYS 237 237  237  LYS LYS X . n 
A 1 238 VAL 238 238  238  VAL VAL X . n 
A 1 239 GLY 239 239  239  GLY GLY X . n 
A 1 240 GLU 240 240  240  GLU GLU X . n 
A 1 241 GLU 241 241  241  GLU GLU X . n 
A 1 242 VAL 242 242  242  VAL VAL X . n 
A 1 243 GLU 243 243  243  GLU GLU X . n 
A 1 244 ILE 244 244  244  ILE ILE X . n 
A 1 245 VAL 245 245  245  VAL VAL X . n 
A 1 246 GLY 246 246  246  GLY GLY X . n 
A 1 247 ILE 247 247  247  ILE ILE X . n 
A 1 248 LYS 248 248  248  LYS LYS X . n 
A 1 249 GLU 249 249  249  GLU GLU X . n 
A 1 250 THR 250 250  250  THR THR X . n 
A 1 251 GLN 251 251  251  GLN GLN X . n 
A 1 252 LYS 252 252  252  LYS LYS X . n 
A 1 253 SER 253 253  253  SER SER X . n 
A 1 254 THR 254 254  254  THR THR X . n 
A 1 255 CYS 255 255  255  CYS CYS X . n 
A 1 256 THR 256 256  256  THR THR X . n 
A 1 257 GLY 257 257  257  GLY GLY X . n 
A 1 258 VAL 258 258  258  VAL VAL X . n 
A 1 259 GLU 259 259  259  GLU GLU X . n 
A 1 260 MET 260 260  260  MET MET X . n 
A 1 261 PHE 261 261  261  PHE PHE X . n 
A 1 262 ARG 262 262  262  ARG ARG X . n 
A 1 263 LYS 263 263  263  LYS LYS X . n 
A 1 264 LEU 264 264  264  LEU LEU X . n 
A 1 265 LEU 265 265  265  LEU LEU X . n 
A 1 266 ASP 266 266  266  ASP ASP X . n 
A 1 267 GLU 267 267  267  GLU GLU X . n 
A 1 268 GLY 268 268  268  GLY GLY X . n 
A 1 269 ARG 269 269  269  ARG ARG X . n 
A 1 270 ALA 270 270  270  ALA ALA X . n 
A 1 271 GLY 271 271  271  GLY GLY X . n 
A 1 272 GLU 272 272  272  GLU GLU X . n 
A 1 273 ASN 273 273  273  ASN ASN X . n 
A 1 274 VAL 274 274  274  VAL VAL X . n 
A 1 275 GLY 275 275  275  GLY GLY X . n 
A 1 276 VAL 276 276  276  VAL VAL X . n 
A 1 277 LEU 277 277  277  LEU LEU X . n 
A 1 278 LEU 278 278  278  LEU LEU X . n 
A 1 279 ARG 279 279  279  ARG ARG X . n 
A 1 280 GLY 280 280  280  GLY GLY X . n 
A 1 281 ILE 281 281  281  ILE ILE X . n 
A 1 282 LYS 282 282  282  LYS LYS X . n 
A 1 283 ARG 283 283  283  ARG ARG X . n 
A 1 284 GLU 284 284  284  GLU GLU X . n 
A 1 285 GLU 285 285  285  GLU GLU X . n 
A 1 286 ILE 286 286  286  ILE ILE X . n 
A 1 287 GLU 287 287  287  GLU GLU X . n 
A 1 288 ARG 288 288  288  ARG ARG X . n 
A 1 289 GLY 289 289  289  GLY GLY X . n 
A 1 290 GLN 290 290  290  GLN GLN X . n 
A 1 291 VAL 291 291  291  VAL VAL X . n 
A 1 292 LEU 292 292  292  LEU LEU X . n 
A 1 293 ALA 293 293  293  ALA ALA X . n 
A 1 294 LYS 294 294  294  LYS LYS X . n 
A 1 295 PRO 295 295  295  PRO PRO X . n 
A 1 296 GLY 296 296  296  GLY GLY X . n 
A 1 297 THR 297 297  297  THR THR X . n 
A 1 298 ILE 298 298  298  ILE ILE X . n 
A 1 299 LYS 299 299  299  LYS LYS X . n 
A 1 300 PRO 300 300  300  PRO PRO X . n 
A 1 301 HIS 301 301  301  HIS HIS X . n 
A 1 302 THR 302 302  302  THR THR X . n 
A 1 303 LYS 303 303  303  LYS LYS X . n 
A 1 304 PHE 304 304  304  PHE PHE X . n 
A 1 305 GLU 305 305  305  GLU GLU X . n 
A 1 306 SER 306 306  306  SER SER X . n 
A 1 307 GLU 307 307  307  GLU GLU X . n 
A 1 308 VAL 308 308  308  VAL VAL X . n 
A 1 309 TYR 309 309  309  TYR TYR X . n 
A 1 310 ILE 310 310  310  ILE ILE X . n 
A 1 311 LEU 311 311  311  LEU LEU X . n 
A 1 312 SER 312 312  312  SER SER X . n 
A 1 313 LYS 313 313  313  LYS LYS X . n 
A 1 314 ASP 314 314  314  ASP ASP X . n 
A 1 315 GLU 315 315  315  GLU GLU X . n 
A 1 316 GLY 316 316  316  GLY GLY X . n 
A 1 317 GLY 317 317  317  GLY GLY X . n 
A 1 318 ARG 318 318  318  ARG ARG X . n 
A 1 319 HIS 319 319  319  HIS HIS X . n 
A 1 320 THR 320 320  320  THR THR X . n 
A 1 321 PRO 321 321  321  PRO PRO X . n 
A 1 322 PHE 322 322  322  PHE PHE X . n 
A 1 323 PHE 323 323  323  PHE PHE X . n 
A 1 324 LYS 324 324  324  LYS LYS X . n 
A 1 325 GLY 325 325  325  GLY GLY X . n 
A 1 326 TYR 326 326  326  TYR TYR X . n 
A 1 327 ARG 327 327  327  ARG ARG X . n 
A 1 328 PRO 328 328  328  PRO PRO X . n 
A 1 329 GLN 329 329  329  GLN GLN X . n 
A 1 330 PHE 330 330  330  PHE PHE X . n 
A 1 331 TYR 331 331  331  TYR TYR X . n 
A 1 332 PHE 332 332  332  PHE PHE X . n 
A 1 333 ARG 333 333  333  ARG ARG X . n 
A 1 334 THR 334 334  334  THR THR X . n 
A 1 335 THR 335 335  335  THR THR X . n 
A 1 336 ASP 336 336  336  ASP ASP X . n 
A 1 337 VAL 337 337  337  VAL VAL X . n 
A 1 338 THR 338 338  338  THR THR X . n 
A 1 339 GLY 339 339  339  GLY GLY X . n 
A 1 340 THR 340 340  340  THR THR X . n 
A 1 341 ILE 341 341  341  ILE ILE X . n 
A 1 342 GLU 342 342  342  GLU GLU X . n 
A 1 343 LEU 343 343  343  LEU LEU X . n 
A 1 344 PRO 344 344  344  PRO PRO X . n 
A 1 345 GLU 345 345  345  GLU GLU X . n 
A 1 346 GLY 346 346  346  GLY GLY X . n 
A 1 347 VAL 347 347  347  VAL VAL X . n 
A 1 348 GLU 348 348  348  GLU GLU X . n 
A 1 349 MET 349 349  349  MET MET X . n 
A 1 350 VAL 350 350  350  VAL VAL X . n 
A 1 351 MET 351 351  351  MET MET X . n 
A 1 352 PRO 352 352  352  PRO PRO X . n 
A 1 353 GLY 353 353  353  GLY GLY X . n 
A 1 354 ASP 354 354  354  ASP ASP X . n 
A 1 355 ASN 355 355  355  ASN ASN X . n 
A 1 356 ILE 356 356  356  ILE ILE X . n 
A 1 357 LYS 357 357  357  LYS LYS X . n 
A 1 358 MET 358 358  358  MET MET X . n 
A 1 359 VAL 359 359  359  VAL VAL X . n 
A 1 360 VAL 360 360  360  VAL VAL X . n 
A 1 361 THR 361 361  361  THR THR X . n 
A 1 362 LEU 362 362  362  LEU LEU X . n 
A 1 363 ILE 363 363  363  ILE ILE X . n 
A 1 364 HIS 364 364  364  HIS HIS X . n 
A 1 365 PRO 365 365  365  PRO PRO X . n 
A 1 366 ILE 366 366  366  ILE ILE X . n 
A 1 367 ALA 367 367  367  ALA ALA X . n 
A 1 368 MET 368 368  368  MET MET X . n 
A 1 369 ASP 369 369  369  ASP ASP X . n 
A 1 370 ASP 370 370  370  ASP ASP X . n 
A 1 371 GLY 371 371  371  GLY GLY X . n 
A 1 372 LEU 372 372  372  LEU LEU X . n 
A 1 373 ARG 373 373  373  ARG ARG X . n 
A 1 374 PHE 374 374  374  PHE PHE X . n 
A 1 375 ALA 375 375  375  ALA ALA X . n 
A 1 376 ILE 376 376  376  ILE ILE X . n 
A 1 377 ARG 377 377  377  ARG ARG X . n 
A 1 378 GLU 378 378  378  GLU GLU X . n 
A 1 379 GLY 379 379  379  GLY GLY X . n 
A 1 380 GLY 380 380  380  GLY GLY X . n 
A 1 381 ARG 381 381  381  ARG ARG X . n 
A 1 382 THR 382 382  382  THR THR X . n 
A 1 383 VAL 383 383  383  VAL VAL X . n 
A 1 384 GLY 384 384  384  GLY GLY X . n 
A 1 385 ALA 385 385  385  ALA ALA X . n 
A 1 386 GLY 386 386  386  GLY GLY X . n 
A 1 387 VAL 387 387  387  VAL VAL X . n 
A 1 388 VAL 388 388  388  VAL VAL X . n 
A 1 389 ALA 389 389  389  ALA ALA X . n 
A 1 390 LYS 390 390  390  LYS LYS X . n 
A 1 391 VAL 391 391  391  VAL VAL X . n 
A 1 392 LEU 392 392  392  LEU LEU X . n 
A 1 393 SER 393 393  393  SER SER X . n 
B 2 1   ALA 1   1    1    ALA ALA L . n 
B 2 2   THR 2   2    2    THR THR L . n 
B 2 3   VAL 3   3    3    VAL VAL L . n 
B 2 4   ASN 4   4    4    ASN ASN L . n 
B 2 5   GLN 5   5    5    GLN GLN L . n 
B 2 6   LEU 6   6    6    LEU LEU L . n 
B 2 7   VAL 7   7    7    VAL VAL L . n 
B 2 8   ARG 8   8    8    ARG ARG L . n 
B 2 9   LYS 9   9    9    LYS LYS L . n 
B 2 10  PRO 10  10   10   PRO PRO L . n 
B 2 11  ARG 11  11   11   ARG ARG L . n 
B 2 12  ALA 12  12   12   ALA ALA L . n 
B 2 13  ARG 13  13   13   ARG ARG L . n 
B 2 14  LYS 14  14   14   LYS LYS L . n 
B 2 15  VAL 15  15   15   VAL VAL L . n 
B 2 16  ALA 16  16   16   ALA ALA L . n 
B 2 17  LYS 17  17   17   LYS LYS L . n 
B 2 18  SER 18  18   18   SER SER L . n 
B 2 19  ASN 19  19   19   ASN ASN L . n 
B 2 20  VAL 20  20   20   VAL VAL L . n 
B 2 21  PRO 21  21   21   PRO PRO L . n 
B 2 22  ALA 22  22   22   ALA ALA L . n 
B 2 23  LEU 23  23   23   LEU LEU L . n 
B 2 24  GLU 24  24   24   GLU GLU L . n 
B 2 25  ALA 25  25   25   ALA ALA L . n 
B 2 26  CYS 26  26   26   CYS CYS L . n 
B 2 27  PRO 27  27   27   PRO PRO L . n 
B 2 28  GLN 28  28   28   GLN GLN L . n 
B 2 29  LYS 29  29   29   LYS LYS L . n 
B 2 30  ARG 30  30   30   ARG ARG L . n 
B 2 31  GLY 31  31   31   GLY GLY L . n 
B 2 32  VAL 32  32   32   VAL VAL L . n 
B 2 33  CYS 33  33   33   CYS CYS L . n 
B 2 34  THR 34  34   34   THR THR L . n 
B 2 35  ARG 35  35   35   ARG ARG L . n 
B 2 36  VAL 36  36   36   VAL VAL L . n 
B 2 37  TYR 37  37   37   TYR TYR L . n 
B 2 38  THR 38  38   38   THR THR L . n 
B 2 39  THR 39  39   39   THR THR L . n 
B 2 40  THR 40  40   40   THR THR L . n 
B 2 41  PRO 41  41   41   PRO PRO L . n 
B 2 42  LYS 42  42   42   LYS LYS L . n 
B 2 43  LYS 43  43   43   LYS LYS L . n 
B 2 44  PRO 44  44   44   PRO PRO L . n 
B 2 45  ASN 45  45   45   ASN ASN L . n 
B 2 46  SER 46  46   46   SER SER L . n 
B 2 47  ALA 47  47   47   ALA ALA L . n 
B 2 48  LEU 48  48   48   LEU LEU L . n 
B 2 49  ARG 49  49   49   ARG ARG L . n 
B 2 50  LYS 50  50   50   LYS LYS L . n 
B 2 51  VAL 51  51   51   VAL VAL L . n 
B 2 52  CYS 52  52   52   CYS CYS L . n 
B 2 53  ARG 53  53   53   ARG ARG L . n 
B 2 54  VAL 54  54   54   VAL VAL L . n 
B 2 55  ARG 55  55   55   ARG ARG L . n 
B 2 56  LEU 56  56   56   LEU LEU L . n 
B 2 57  THR 57  57   57   THR THR L . n 
B 2 58  ASN 58  58   58   ASN ASN L . n 
B 2 59  GLY 59  59   59   GLY GLY L . n 
B 2 60  PHE 60  60   60   PHE PHE L . n 
B 2 61  GLU 61  61   61   GLU GLU L . n 
B 2 62  VAL 62  62   62   VAL VAL L . n 
B 2 63  THR 63  63   63   THR THR L . n 
B 2 64  SER 64  64   64   SER SER L . n 
B 2 65  TYR 65  65   65   TYR TYR L . n 
B 2 66  ILE 66  66   66   ILE ILE L . n 
B 2 67  GLY 67  67   67   GLY GLY L . n 
B 2 68  GLY 68  68   68   GLY GLY L . n 
B 2 69  GLU 69  69   69   GLU GLU L . n 
B 2 70  GLY 70  70   70   GLY GLY L . n 
B 2 71  HIS 71  71   71   HIS HIS L . n 
B 2 72  ASN 72  72   72   ASN ASN L . n 
B 2 73  LEU 73  73   73   LEU LEU L . n 
B 2 74  GLN 74  74   74   GLN GLN L . n 
B 2 75  GLU 75  75   75   GLU GLU L . n 
B 2 76  HIS 76  76   76   HIS HIS L . n 
B 2 77  SER 77  77   77   SER SER L . n 
B 2 78  VAL 78  78   78   VAL VAL L . n 
B 2 79  ILE 79  79   79   ILE ILE L . n 
B 2 80  LEU 80  80   80   LEU LEU L . n 
B 2 81  ILE 81  81   81   ILE ILE L . n 
B 2 82  ARG 82  82   82   ARG ARG L . n 
B 2 83  GLY 83  83   83   GLY GLY L . n 
B 2 84  GLY 84  84   84   GLY GLY L . n 
B 2 85  ARG 85  85   85   ARG ARG L . n 
B 2 86  VAL 86  86   86   VAL VAL L . n 
B 2 87  LYS 87  87   87   LYS LYS L . n 
B 2 88  ASP 88  88   88   ASP ASP L . n 
B 2 89  LEU 89  89   89   LEU LEU L . n 
B 2 90  PRO 90  90   90   PRO PRO L . n 
B 2 91  GLY 91  91   91   GLY GLY L . n 
B 2 92  VAL 92  92   92   VAL VAL L . n 
B 2 93  ARG 93  93   93   ARG ARG L . n 
B 2 94  TYR 94  94   94   TYR TYR L . n 
B 2 95  HIS 95  95   95   HIS HIS L . n 
B 2 96  THR 96  96   96   THR THR L . n 
B 2 97  VAL 97  97   97   VAL VAL L . n 
B 2 98  ARG 98  98   98   ARG ARG L . n 
B 2 99  GLY 99  99   99   GLY GLY L . n 
B 2 100 ALA 100 100  100  ALA ALA L . n 
B 2 101 LEU 101 101  101  LEU LEU L . n 
B 2 102 ASP 102 102  102  ASP ASP L . n 
B 2 103 CYS 103 103  103  CYS CYS L . n 
B 2 104 SER 104 104  104  SER SER L . n 
B 2 105 GLY 105 105  105  GLY GLY L . n 
B 2 106 VAL 106 106  106  VAL VAL L . n 
B 2 107 LYS 107 107  107  LYS LYS L . n 
B 2 108 ASP 108 108  108  ASP ASP L . n 
B 2 109 ARG 109 109  109  ARG ARG L . n 
B 2 110 LYS 110 110  110  LYS LYS L . n 
B 2 111 GLN 111 111  111  GLN GLN L . n 
B 2 112 ALA 112 112  112  ALA ALA L . n 
B 2 113 ARG 113 113  113  ARG ARG L . n 
B 2 114 SER 114 114  114  SER SER L . n 
B 2 115 LYS 115 115  115  LYS LYS L . n 
B 2 116 TYR 116 116  116  TYR TYR L . n 
B 2 117 GLY 117 117  117  GLY GLY L . n 
B 2 118 VAL 118 118  118  VAL VAL L . n 
B 2 119 LYS 119 119  119  LYS LYS L . n 
B 2 120 ARG 120 120  120  ARG ARG L . n 
B 2 121 PRO 121 121  121  PRO PRO L . n 
B 2 122 LYS 122 122  122  LYS LYS L . n 
B 2 123 ALA 123 123  123  ALA ALA L . n 
C 3 1   ALA 1   1    1    ALA ALA I . n 
C 3 2   LYS 2   2    2    LYS LYS I . n 
C 3 3   LYS 3   3    3    LYS LYS I . n 
C 3 4   VAL 4   4    4    VAL VAL I . n 
C 3 5   GLN 5   5    5    GLN GLN I . n 
C 3 6   ALA 6   6    6    ALA ALA I . n 
C 3 7   TYR 7   7    7    TYR TYR I . n 
C 3 8   VAL 8   8    8    VAL VAL I . n 
C 3 9   LYS 9   9    9    LYS LYS I . n 
C 3 10  LEU 10  10   10   LEU LEU I . n 
C 3 11  GLN 11  11   11   GLN GLN I . n 
C 3 12  VAL 12  12   12   VAL VAL I . n 
C 3 13  ALA 13  13   13   ALA ALA I . n 
C 3 14  ALA 14  14   14   ALA ALA I . n 
C 3 15  GLY 15  15   15   GLY GLY I . n 
C 3 16  MET 16  16   16   MET MET I . n 
C 3 17  ALA 17  17   17   ALA ALA I . n 
C 3 18  ASN 18  18   18   ASN ASN I . n 
C 3 19  PRO 19  19   19   PRO PRO I . n 
C 3 20  SER 20  20   20   SER SER I . n 
C 3 21  PRO 21  21   21   PRO PRO I . n 
C 3 22  PRO 22  22   22   PRO PRO I . n 
C 3 23  VAL 23  23   23   VAL VAL I . n 
C 3 24  GLY 24  24   24   GLY GLY I . n 
C 3 25  PRO 25  25   25   PRO PRO I . n 
C 3 26  ALA 26  26   26   ALA ALA I . n 
C 3 27  LEU 27  27   27   LEU LEU I . n 
C 3 28  GLY 28  28   28   GLY GLY I . n 
C 3 29  GLN 29  29   29   GLN GLN I . n 
C 3 30  GLN 30  30   30   GLN GLN I . n 
C 3 31  GLY 31  31   31   GLY GLY I . n 
C 3 32  VAL 32  32   32   VAL VAL I . n 
C 3 33  ASN 33  33   33   ASN ASN I . n 
C 3 34  ILE 34  34   34   ILE ILE I . n 
C 3 35  MET 35  35   35   MET MET I . n 
C 3 36  GLU 36  36   36   GLU GLU I . n 
C 3 37  PHE 37  37   37   PHE PHE I . n 
C 3 38  CYS 38  38   38   CYS CYS I . n 
C 3 39  LYS 39  39   39   LYS LYS I . n 
C 3 40  ALA 40  40   40   ALA ALA I . n 
C 3 41  PHE 41  41   41   PHE PHE I . n 
C 3 42  ASN 42  42   42   ASN ASN I . n 
C 3 43  ALA 43  43   43   ALA ALA I . n 
C 3 44  LYS 44  44   44   LYS LYS I . n 
C 3 45  THR 45  45   45   THR THR I . n 
C 3 46  ASP 46  46   46   ASP ASP I . n 
C 3 47  SER 47  47   47   SER SER I . n 
C 3 48  ILE 48  48   48   ILE ILE I . n 
C 3 49  GLU 49  49   49   GLU GLU I . n 
C 3 50  LYS 50  50   50   LYS LYS I . n 
C 3 51  GLY 51  51   51   GLY GLY I . n 
C 3 52  LEU 52  52   52   LEU LEU I . n 
C 3 53  PRO 53  53   53   PRO PRO I . n 
C 3 54  ILE 54  54   54   ILE ILE I . n 
C 3 55  PRO 55  55   55   PRO PRO I . n 
C 3 56  VAL 56  56   56   VAL VAL I . n 
C 3 57  VAL 57  57   57   VAL VAL I . n 
C 3 58  ILE 58  58   58   ILE ILE I . n 
C 3 59  THR 59  59   59   THR THR I . n 
C 3 60  VAL 60  60   60   VAL VAL I . n 
C 3 61  TYR 61  61   61   TYR TYR I . n 
C 3 62  ALA 62  62   62   ALA ALA I . n 
C 3 63  ASP 63  63   63   ASP ASP I . n 
C 3 64  ARG 64  64   64   ARG ARG I . n 
C 3 65  SER 65  65   65   SER SER I . n 
C 3 66  PHE 66  66   66   PHE PHE I . n 
C 3 67  THR 67  67   67   THR THR I . n 
C 3 68  PHE 68  68   68   PHE PHE I . n 
C 3 69  VAL 69  69   69   VAL VAL I . n 
C 3 70  THR 70  70   70   THR THR I . n 
C 3 71  LYS 71  71   71   LYS LYS I . n 
C 3 72  THR 72  72   72   THR THR I . n 
C 3 73  PRO 73  73   73   PRO PRO I . n 
C 3 74  PRO 74  74   74   PRO PRO I . n 
C 3 75  ALA 75  75   75   ALA ALA I . n 
C 3 76  ALA 76  76   76   ALA ALA I . n 
C 3 77  VAL 77  77   77   VAL VAL I . n 
C 3 78  LEU 78  78   78   LEU LEU I . n 
C 3 79  LEU 79  79   79   LEU LEU I . n 
C 3 80  LYS 80  80   80   LYS LYS I . n 
C 3 81  LYS 81  81   81   LYS LYS I . n 
C 3 82  ALA 82  82   82   ALA ALA I . n 
C 3 83  ALA 83  83   83   ALA ALA I . n 
C 3 84  GLY 84  84   84   GLY GLY I . n 
C 3 85  ILE 85  85   85   ILE ILE I . n 
C 3 86  LYS 86  86   86   LYS LYS I . n 
C 3 87  SER 87  87   87   SER SER I . n 
C 3 88  GLY 88  88   88   GLY GLY I . n 
C 3 89  SER 89  89   89   SER SER I . n 
C 3 90  GLY 90  90   90   GLY GLY I . n 
C 3 91  LYS 91  91   91   LYS LYS I . n 
C 3 92  PRO 92  92   92   PRO PRO I . n 
C 3 93  ASN 93  93   93   ASN ASN I . n 
C 3 94  LYS 94  94   94   LYS LYS I . n 
C 3 95  ASP 95  95   95   ASP ASP I . n 
C 3 96  LYS 96  96   96   LYS LYS I . n 
C 3 97  VAL 97  97   97   VAL VAL I . n 
C 3 98  GLY 98  98   98   GLY GLY I . n 
C 3 99  LYS 99  99   99   LYS LYS I . n 
C 3 100 ILE 100 100  100  ILE ILE I . n 
C 3 101 SER 101 101  101  SER SER I . n 
C 3 102 ARG 102 102  102  ARG ARG I . n 
C 3 103 ALA 103 103  103  ALA ALA I . n 
C 3 104 GLN 104 104  104  GLN GLN I . n 
C 3 105 LEU 105 105  105  LEU LEU I . n 
C 3 106 GLN 106 106  106  GLN GLN I . n 
C 3 107 GLU 107 107  107  GLU GLU I . n 
C 3 108 ILE 108 108  108  ILE ILE I . n 
C 3 109 ALA 109 109  109  ALA ALA I . n 
C 3 110 GLN 110 110  110  GLN GLN I . n 
C 3 111 THR 111 111  111  THR THR I . n 
C 3 112 LYS 112 112  112  LYS LYS I . n 
C 3 113 ALA 113 113  113  ALA ALA I . n 
C 3 114 ALA 114 114  114  ALA ALA I . n 
C 3 115 ASP 115 115  115  ASP ASP I . n 
C 3 116 MET 116 116  116  MET MET I . n 
C 3 117 THR 117 117  117  THR THR I . n 
C 3 118 GLY 118 118  118  GLY GLY I . n 
C 3 119 ALA 119 119  119  ALA ALA I . n 
C 3 120 ASP 120 120  120  ASP ASP I . n 
C 3 121 ILE 121 121  121  ILE ILE I . n 
C 3 122 GLU 122 122  122  GLU GLU I . n 
C 3 123 ALA 123 123  123  ALA ALA I . n 
C 3 124 MET 124 124  124  MET MET I . n 
C 3 125 THR 125 125  125  THR THR I . n 
C 3 126 ARG 126 126  126  ARG ARG I . n 
C 3 127 SER 127 127  127  SER SER I . n 
C 3 128 ILE 128 128  128  ILE ILE I . n 
C 3 129 GLU 129 129  129  GLU GLU I . n 
C 3 130 GLY 130 130  130  GLY GLY I . n 
C 3 131 THR 131 131  131  THR THR I . n 
C 3 132 ALA 132 132  132  ALA ALA I . n 
C 3 133 ARG 133 133  133  ARG ARG I . n 
C 3 134 SER 134 134  134  SER SER I . n 
C 3 135 MET 135 135  135  MET MET I . n 
C 3 136 GLY 136 136  136  GLY GLY I . n 
C 3 137 LEU 137 137  137  LEU LEU I . n 
C 3 138 VAL 138 138  138  VAL VAL I . n 
C 3 139 VAL 139 139  139  VAL VAL I . n 
C 3 140 GLU 140 140  140  GLU GLU I . n 
C 3 141 ASP 141 141  141  ASP ASP I . n 
D 4 1   C   1   2    2    C   C   Y . n 
D 4 2   G   2   3    3    G   G   Y . n 
D 4 3   G   3   4    4    G   G   Y . n 
D 4 4   A   4   5    5    A   A   Y . n 
D 4 5   U   5   6    6    U   U   Y . n 
D 4 6   U   6   7    7    U   U   Y . n 
D 4 7   U   7   8    8    U   U   Y . n 
D 4 8   A   8   9    9    A   A   Y . n 
D 4 9   G   9   10   10   G   G   Y . n 
D 4 10  C   10  11   11   C   C   Y . n 
D 4 11  U   11  12   12   U   U   Y . n 
D 4 12  C   12  13   13   C   C   Y . n 
D 4 13  A   13  14   14   A   A   Y . n 
D 4 14  G   14  15   15   G   G   Y . n 
D 4 15  U   15  16   16   U   U   Y . n 
D 4 16  U   16  17   17   U   U   Y . n 
D 4 17  G   17  18   18   G   G   Y . n 
D 4 18  G   18  19   19   G   G   Y . n 
D 4 19  G   19  20   20   G   G   Y . n 
D 4 20  A   20  21   21   A   A   Y . n 
D 4 21  G   21  22   22   G   G   Y . n 
D 4 22  A   22  23   23   A   A   Y . n 
D 4 23  G   23  24   24   G   G   Y . n 
D 4 24  C   24  25   25   C   C   Y . n 
D 4 25  G   25  26   26   G   G   Y . n 
D 4 26  C   26  27   27   C   C   Y . n 
D 4 27  C   27  28   28   C   C   Y . n 
D 4 28  A   28  29   29   A   A   Y . n 
D 4 29  G   29  30   30   G   G   Y . n 
D 4 30  A   30  31   31   A   A   Y . n 
D 4 31  C   31  32   32   C   C   Y . n 
D 4 32  U   32  33   33   U   U   Y . n 
D 4 33  G   33  34   34   G   G   Y . n 
D 4 34  A   34  35   35   A   A   Y . n 
D 4 35  A   35  36   36   A   A   Y . n 
D 4 36  G   36  37   37   G   G   Y . n 
D 4 37  A   37  38   38   A   A   Y . n 
D 4 38  U   38  39   39   U   U   Y . n 
D 4 39  C   39  40   40   C   C   Y . n 
D 4 40  U   40  41   41   U   U   Y . n 
D 4 41  G   41  42   42   G   G   Y . n 
D 4 42  G   42  43   43   G   G   Y . n 
D 4 43  A   43  44   44   A   A   Y . n 
D 4 44  G   44  45   45   G   G   Y . n 
D 4 45  G   45  46   46   G   G   Y . n 
D 4 46  U   46  47   47   U   U   Y . n 
D 4 47  C   47  48   48   C   C   Y . n 
D 4 48  C   48  49   49   C   C   Y . n 
D 4 49  U   49  50   50   U   U   Y . n 
D 4 50  G   50  51   51   G   G   Y . n 
D 4 51  U   51  52   52   U   U   Y . n 
D 4 52  G   52  53   53   G   G   Y . n 
D 4 53  U   53  54   54   U   U   Y . n 
D 4 54  U   54  55   55   U   U   Y . n 
D 4 55  C   55  56   56   C   C   Y . n 
D 4 56  G   56  57   57   G   G   Y . n 
D 4 57  A   57  58   58   A   A   Y . n 
D 4 58  U   58  59   59   U   U   Y . n 
D 4 59  C   59  60   60   C   C   Y . n 
D 4 60  C   60  61   61   C   C   Y . n 
D 4 61  A   61  62   62   A   A   Y . n 
D 4 62  C   62  63   63   C   C   Y . n 
D 4 63  A   63  64   64   A   A   Y . n 
D 4 64  G   64  65   65   G   G   Y . n 
D 4 65  A   65  66   66   A   A   Y . n 
D 4 66  A   66  67   67   A   A   Y . n 
D 4 67  U   67  68   68   U   U   Y . n 
D 4 68  U   68  69   69   U   U   Y . n 
D 4 69  C   69  70   70   C   C   Y . n 
D 4 70  G   70  71   71   G   G   Y . n 
D 4 71  C   71  72   72   C   C   Y . n 
D 4 72  A   72  73   73   A   A   Y . n 
D 4 73  C   73  74   74   C   C   Y . n 
D 4 74  C   74  75   75   C   C   Y . n 
E 5 1   C   1   526  526  C   C   A . n 
E 5 2   G   2   527  527  G   G   A . n 
E 5 3   C   3   528  528  C   C   A . n 
E 5 4   G   4   529  529  G   G   A . n 
E 5 5   G   5   530  530  G   G   A . n 
E 5 6   U   6   531  531  U   U   A . n 
E 5 7   A   7   532  532  A   A   A . n 
E 5 8   A   8   533  533  A   A   A . n 
E 5 9   U   9   534  534  U   U   A . n 
F 6 1   G   1   1487 1487 G   G   C . n 
F 6 2   G   2   1488 1488 G   G   C . n 
F 6 3   G   3   1489 1489 G   G   C . n 
F 6 4   C   4   1490 1490 C   C   C . n 
F 6 5   G   5   1491 1491 G   G   C . n 
F 6 6   A   6   1492 1492 A   A   C . n 
F 6 7   A   7   1493 1493 A   A   C . n 
F 6 8   G   8   1494 1494 G   G   C . n 
F 6 9   U   9   1495 1495 U   U   C . n 
F 6 10  C   10  1496 1496 C   C   C . n 
F 6 11  G   11  1497 1497 G   G   C . n 
G 7 1   A   1   1054 1054 A   A   B . n 
G 7 2   G   2   1055 1055 G   G   B . n 
G 7 3   G   3   1056 1056 G   G   B . n 
G 7 4   A   4   1057 1057 A   A   B . n 
G 7 5   U   5   1058 1058 U   U   B . n 
G 7 6   G   6   1059 1059 G   G   B . n 
G 7 7   U   7   1060 1060 U   U   B . n 
G 7 8   U   8   1061 1061 U   U   B . n 
G 7 9   G   9   1062 1062 G   G   B . n 
G 7 10  G   10  1063 1063 G   G   B . n 
G 7 11  C   11  1064 1064 C   C   B . n 
G 7 12  U   12  1065 1065 U   U   B . n 
G 7 13  U   13  1066 1066 U   U   B . n 
G 7 14  A   14  1067 1067 A   A   B . n 
G 7 15  G   15  1068 1068 G   G   B . n 
G 7 16  A   16  1069 1069 A   A   B . n 
G 7 17  A   17  1070 1070 A   A   B . n 
G 7 18  G   18  1071 1071 G   G   B . n 
G 7 19  C   19  1072 1072 C   C   B . n 
G 7 20  A   20  1073 1073 A   A   B . n 
G 7 21  G   21  1074 1074 G   G   B . n 
G 7 22  C   22  1075 1075 C   C   B . n 
G 7 23  C   23  1076 1076 C   C   B . n 
G 7 24  A   24  1077 1077 A   A   B . n 
G 7 25  U   25  1078 1078 U   U   B . n 
G 7 26  C   26  1079 1079 C   C   B . n 
G 7 27  A   27  1080 1080 A   A   B . n 
G 7 28  U   28  1081 1081 U   U   B . n 
G 7 29  U   29  1082 1082 U   U   B . n 
G 7 30  U   30  1083 1083 U   U   B . n 
G 7 31  A   31  1084 1084 A   A   B . n 
G 7 32  A   32  1085 1085 A   A   B . n 
G 7 33  A   33  1086 1086 A   A   B . n 
G 7 34  G   34  1087 1087 G   G   B . n 
G 7 35  A   35  1088 1088 A   A   B . n 
G 7 36  A   36  1089 1089 A   A   B . n 
G 7 37  A   37  1090 1090 A   A   B . n 
G 7 38  G   38  1091 1091 G   G   B . n 
G 7 39  C   39  1092 1092 C   C   B . n 
G 7 40  G   40  1093 1093 G   G   B . n 
G 7 41  U   41  1094 1094 U   U   B . n 
G 7 42  A   42  1095 1095 A   A   B . n 
G 7 43  A   43  1096 1096 A   A   B . n 
G 7 44  U   44  1097 1097 U   U   B . n 
G 7 45  A   45  1098 1098 A   A   B . n 
G 7 46  G   46  1099 1099 G   G   B . n 
G 7 47  C   47  1100 1100 C   C   B . n 
G 7 48  U   48  1101 1101 U   U   B . n 
H 8 1   U   1   2647 2647 U   U   D . n 
H 8 2   G   2   2648 2648 G   G   D . n 
H 8 3   C   3   2649 2649 C   C   D . n 
H 8 4   U   4   2650 2650 U   U   D . n 
H 8 5   C   5   2651 2651 C   C   D . n 
H 8 6   C   6   2652 2652 C   C   D . n 
H 8 7   U   7   2653 2653 U   U   D . n 
H 8 8   A   8   2654 2654 A   A   D . n 
H 8 9   G   9   2655 2655 G   G   D . n 
H 8 10  U   10  2656 2656 U   U   D . n 
H 8 11  A   11  2657 2657 A   A   D . n 
H 8 12  C   12  2658 2658 C   C   D . n 
H 8 13  G   13  2659 2659 G   G   D . n 
H 8 14  A   14  2660 2660 A   A   D . n 
H 8 15  G   15  2661 2661 G   G   D . n 
H 8 16  A   16  2662 2662 A   A   D . n 
H 8 17  G   17  2663 2663 G   G   D . n 
H 8 18  G   18  2664 2664 G   G   D . n 
H 8 19  A   19  2665 2665 A   A   D . n 
H 8 20  C   20  2666 2666 C   C   D . n 
H 8 21  C   21  2667 2667 C   C   D . n 
H 8 22  G   22  2668 2668 G   G   D . n 
H 8 23  G   23  2669 2669 G   G   D . n 
H 8 24  A   24  2670 2670 A   A   D . n 
H 8 25  G   25  2671 2671 G   G   D . n 
H 8 26  U   26  2672 2672 U   U   D . n 
H 8 27  G   27  2673 2673 G   G   D . n 
H 8 28  G   28  2674 2674 G   G   D . n 
I 9 1   G   1   1907 1907 G   G   E . n 
I 9 2   C   2   1908 1908 C   C   E . n 
I 9 3   C   3   1909 1909 C   C   E . n 
I 9 4   G   4   1910 1910 G   G   E . n 
I 9 5   U   5   1911 1911 U   U   E . n 
I 9 6   A   6   1912 1912 A   A   E . n 
I 9 7   A   7   1913 1913 A   A   E . n 
I 9 8   C   8   1914 1914 C   C   E . n 
I 9 9   U   9   1915 1915 U   U   E . n 
I 9 10  A   10  1916 1916 A   A   E . n 
I 9 11  U   11  1917 1917 U   U   E . n 
I 9 12  A   12  1918 1918 A   A   E . n 
I 9 13  A   13  1919 1919 A   A   E . n 
I 9 14  C   14  1920 1920 C   C   E . n 
I 9 15  G   15  1921 1921 G   G   E . n 
I 9 16  G   16  1922 1922 G   G   E . n 
I 9 17  U   17  1923 1923 U   U   E . n 
# 
_cell.entry_id           3EQ3 
_cell.length_a           1.000 
_cell.length_b           1.000 
_cell.length_c           1.000 
_cell.angle_alpha        90.00 
_cell.angle_beta         90.00 
_cell.angle_gamma        90.00 
_cell.pdbx_unique_axis   ? 
_cell.Z_PDB              1 
_cell.length_a_esd       ? 
_cell.length_b_esd       ? 
_cell.length_c_esd       ? 
_cell.angle_alpha_esd    ? 
_cell.angle_beta_esd     ? 
_cell.angle_gamma_esd    ? 
# 
_symmetry.entry_id                         3EQ3 
_symmetry.space_group_name_H-M             'P 1' 
_symmetry.pdbx_full_space_group_name_H-M   ? 
_symmetry.Int_Tables_number                1 
_symmetry.cell_setting                     ? 
# 
_exptl.entry_id          3EQ3 
_exptl.method            'ELECTRON MICROSCOPY' 
_exptl.crystals_number   ? 
# 
_refine_hist.pdbx_refine_id                   'ELECTRON MICROSCOPY' 
_refine_hist.cycle_id                         LAST 
_refine_hist.pdbx_number_atoms_protein        657 
_refine_hist.pdbx_number_atoms_nucleic_acid   187 
_refine_hist.pdbx_number_atoms_ligand         0 
_refine_hist.number_atoms_solvent             0 
_refine_hist.number_atoms_total               844 
_refine_hist.d_res_high                       . 
_refine_hist.d_res_low                        . 
# 
_struct.entry_id                  3EQ3 
_struct.title                     'Model of tRNA(Trp)-EF-Tu in the ribosomal pre-accommodated state revealed by cryo-EM' 
_struct.pdbx_model_details        ? 
_struct.pdbx_CASP_flag            ? 
_struct.pdbx_model_type_details   ? 
# 
_struct_keywords.entry_id        3EQ3 
_struct_keywords.pdbx_keywords   'RIBOSOMAL PROTEIN/RNA' 
_struct_keywords.text            
;protein translation, ternary complex, A/T-tRNA, automated data collection, Antibiotic resistance, Elongation factor, GTP-binding, Membrane, Methylation, Nucleotide-binding, Phosphoprotein, Protein biosynthesis, Ribonucleoprotein, Ribosomal protein, RNA-binding, rRNA-binding, tRNA-binding, RIBOSOMAL PROTEIN-RNA COMPLEX
;
# 
loop_
_struct_asym.id 
_struct_asym.pdbx_blank_PDB_chainid_flag 
_struct_asym.pdbx_modified 
_struct_asym.entity_id 
_struct_asym.details 
A N N 1 ? 
B N N 2 ? 
C N N 3 ? 
D N N 4 ? 
E N N 5 ? 
F N N 6 ? 
G N N 7 ? 
H N N 8 ? 
I N N 9 ? 
# 
loop_
_struct_ref.id 
_struct_ref.db_name 
_struct_ref.db_code 
_struct_ref.pdbx_db_accession 
_struct_ref.entity_id 
_struct_ref.pdbx_seq_one_letter_code 
_struct_ref.pdbx_align_begin 
_struct_ref.pdbx_db_isoform 
1 UNP EFTU_ECOLI P0A6N1 1 
;SKEKFERTKPHVNVGTIGHVDHGKTTLTAAITTVLAKTYGGAARAFDQIDNAPEEKARGITINTSHVEYDTPTRHYAHVD
CPGHADYVKNMITGAAQMDGAILVVAATDGPMPQTREHILLGRQVGVPYIIVFLNKCDMVDDEELLELVEMEVRELLSQY
DFPGDDTPIVRGSALKALEGDAEWEAKILELAGFLDSYIPEPERAIDKPFLLPIEDVFSISGRGTVVTGRVERGIIKVGE
EVEIVGIKETQKSTCTGVEMFRKLLDEGRAGENVGVLLRGIKREEIERGQVLAKPGTIKPHTKFESEVYILSKDEGGRHT
PFFKGYRPQFYFRTTDVTGTIELPEGVEMVMPGDNIKMVVTLIHPIAMDDGLRFAIREGGRTVGAGVVAKVLS
;
2    ? 
2 UNP RS12_ECOLI P0A7S3 2 
;ATVNQLVRKPRARKVAKSNVPALEACPQKRGVCTRVYTTTPKKPNSALRKVCRVRLTNGFEVTSYIGGEGHNLQEHSVIL
IRGGRVKDLPGVRYHTVRGALDCSGVKDRKQARSKYGVKRPKA
;
2    ? 
3 UNP RL11_ECOLI P0A7J7 3 
;AKKVQAYVKLQVAAGMANPSPPVGPALGQQGVNIMEFCKAFNAKTDSIEKGLPIPVVITVYADRSFTFVTKTPPAAVLLK
KAAGIKSGSGKPNKDKVGKISRAQLQEIAQTKAADMTGADIEAMTRSIEGTARSMGLVVED
;
2    ? 
4 PDB 3EQ3       3EQ3   4 CGGAUUUAGCUCAGUUGGGAGAGCGCCAGACUGAAGAUCUGGAGGUCCUGUGUUCGAUCCACAGAAUUCGCACC 2    ? 
5 PDB 3EQ3       3EQ3   5 CGCGGUAAU 526  ? 
6 PDB 3EQ3       3EQ3   6 GGGCGAAGUCG 1487 ? 
7 PDB 3EQ3       3EQ3   7 AGGAUGUUGGCUUAGAAGCAGCCAUCAUUUAAAGAAAGCGUAAUAGCU 1054 ? 
8 PDB 3EQ3       3EQ3   8 UGCUCCUAGUACGAGAGGACCGGAGUGG 2647 ? 
9 PDB 3EQ3       3EQ3   9 GCCGUAACUAUAACGGU 1907 ? 
# 
loop_
_struct_ref_seq.align_id 
_struct_ref_seq.ref_id 
_struct_ref_seq.pdbx_PDB_id_code 
_struct_ref_seq.pdbx_strand_id 
_struct_ref_seq.seq_align_beg 
_struct_ref_seq.pdbx_seq_align_beg_ins_code 
_struct_ref_seq.seq_align_end 
_struct_ref_seq.pdbx_seq_align_end_ins_code 
_struct_ref_seq.pdbx_db_accession 
_struct_ref_seq.db_align_beg 
_struct_ref_seq.pdbx_db_align_beg_ins_code 
_struct_ref_seq.db_align_end 
_struct_ref_seq.pdbx_db_align_end_ins_code 
_struct_ref_seq.pdbx_auth_seq_align_beg 
_struct_ref_seq.pdbx_auth_seq_align_end 
1 1 3EQ3 X 1 ? 393 ? P0A6N1 2    ? 394  ? 1    393  
2 2 3EQ3 L 1 ? 123 ? P0A7S3 2    ? 124  ? 1    123  
3 3 3EQ3 I 1 ? 141 ? P0A7J7 2    ? 142  ? 1    141  
4 4 3EQ3 Y 1 ? 74  ? 3EQ3   2    ? 75   ? 2    75   
5 5 3EQ3 A 1 ? 9   ? 3EQ3   526  ? 534  ? 526  534  
6 6 3EQ3 C 1 ? 11  ? 3EQ3   1487 ? 1497 ? 1487 1497 
7 7 3EQ3 B 1 ? 48  ? 3EQ3   1054 ? 1101 ? 1054 1101 
8 8 3EQ3 D 1 ? 28  ? 3EQ3   2647 ? 2674 ? 2647 2674 
9 9 3EQ3 E 1 ? 17  ? 3EQ3   1907 ? 1923 ? 1907 1923 
# 
_pdbx_struct_assembly.id                   1 
_pdbx_struct_assembly.details              author_defined_assembly 
_pdbx_struct_assembly.method_details       ? 
_pdbx_struct_assembly.oligomeric_details   nonameric 
_pdbx_struct_assembly.oligomeric_count     9 
# 
_pdbx_struct_assembly_gen.assembly_id       1 
_pdbx_struct_assembly_gen.oper_expression   1 
_pdbx_struct_assembly_gen.asym_id_list      A,B,C,D,E,F,G,H,I 
# 
_pdbx_struct_oper_list.id                   1 
_pdbx_struct_oper_list.type                 'identity operation' 
_pdbx_struct_oper_list.name                 1_555 
_pdbx_struct_oper_list.symmetry_operation   x,y,z 
_pdbx_struct_oper_list.matrix[1][1]         1.0000000000 
_pdbx_struct_oper_list.matrix[1][2]         0.0000000000 
_pdbx_struct_oper_list.matrix[1][3]         0.0000000000 
_pdbx_struct_oper_list.vector[1]            0.0000000000 
_pdbx_struct_oper_list.matrix[2][1]         0.0000000000 
_pdbx_struct_oper_list.matrix[2][2]         1.0000000000 
_pdbx_struct_oper_list.matrix[2][3]         0.0000000000 
_pdbx_struct_oper_list.vector[2]            0.0000000000 
_pdbx_struct_oper_list.matrix[3][1]         0.0000000000 
_pdbx_struct_oper_list.matrix[3][2]         0.0000000000 
_pdbx_struct_oper_list.matrix[3][3]         1.0000000000 
_pdbx_struct_oper_list.vector[3]            0.0000000000 
# 
_em_3d_fitting.id                1 
_em_3d_fitting.entry_id          3EQ3 
_em_3d_fitting.ref_protocol      OTHER 
_em_3d_fitting.ref_space         REAL 
_em_3d_fitting.overall_b_value   ? 
_em_3d_fitting.target_criteria   'cross-correlation coefficient' 
_em_3d_fitting.details           'METHOD--See Method in the citation REFINEMENT PROTOCOL--auto' 
_em_3d_fitting.method            ? 
# 
loop_
_em_3d_fitting_list.3d_fitting_id 
_em_3d_fitting_list.id 
_em_3d_fitting_list.pdb_entry_id 
_em_3d_fitting_list.pdb_chain_id 
_em_3d_fitting_list.details 
_em_3d_fitting_list.initial_refinement_model_id 
_em_3d_fitting_list.chain_id 
_em_3d_fitting_list.chain_residue_range 
_em_3d_fitting_list.pdb_chain_residue_range 
_em_3d_fitting_list.source_name 
_em_3d_fitting_list.type 
_em_3d_fitting_list.accession_code 
1 1 2AVY ? ? 1 ? ? ? PDB 'experimental model' 2AVY 
1 2 2AW4 ? ? 2 ? ? ? PDB 'experimental model' 2AW4 
1 3 1QZA ? ? 3 ? ? ? PDB 'experimental model' 1QZA 
1 4 1OB2 ? ? 4 ? ? ? PDB 'experimental model' 1OB2 
# 
_em_3d_reconstruction.entry_id                    3EQ3 
_em_3d_reconstruction.id                          1 
_em_3d_reconstruction.symmetry_type               POINT 
_em_3d_reconstruction.num_particles               290000 
_em_3d_reconstruction.image_processing_id         1 
_em_3d_reconstruction.method                      'SINGLE PARTICLE' 
_em_3d_reconstruction.nominal_pixel_size          ? 
_em_3d_reconstruction.actual_pixel_size           ? 
_em_3d_reconstruction.resolution                  9 
_em_3d_reconstruction.magnification_calibration   ? 
_em_3d_reconstruction.details                     ? 
_em_3d_reconstruction.resolution_method           ? 
_em_3d_reconstruction.num_class_averages          ? 
_em_3d_reconstruction.algorithm                   ? 
# 
_em_buffer.id            1 
_em_buffer.pH            7.5 
_em_buffer.details       
'HiFi buffer (50 mM Tris-HCl pH 7.5, 70mM NH4Cl, 30 mM KCl, 3.5 mM MgCl2, 0.5 mM spermidine, 8mM putrescine, 2 mM DTT, 3.5 mM MgCl2)' 
_em_buffer.specimen_id   1 
_em_buffer.name          ? 
# 
_em_entity_assembly.id                   1 
_em_entity_assembly.name                 'ribosome in pre-accommodated state' 
_em_entity_assembly.type                 RIBOSOME 
_em_entity_assembly.parent_id            0 
_em_entity_assembly.synonym              ? 
_em_entity_assembly.details              
'A/T-tRNA(Trp), EF-Tu, L11, S12, fragments h44 and h18 from the 16S rRNA, fragments H43-H44, H69, and H95 from the 23S rRNA' 
_em_entity_assembly.oligomeric_details   ? 
# 
_em_imaging.entry_id                        3EQ3 
_em_imaging.id                              1 
_em_imaging.nominal_magnification           59000 
_em_imaging.nominal_defocus_min             1200 
_em_imaging.nominal_defocus_max             4000 
_em_imaging.microscope_model                'FEI TECNAI F30' 
_em_imaging.mode                            'BRIGHT FIELD' 
_em_imaging.illumination_mode               'FLOOD BEAM' 
_em_imaging.electron_source                 'FIELD EMISSION GUN' 
_em_imaging.accelerating_voltage            300 
_em_imaging.specimen_id                     1 
_em_imaging.date                            2007-01-01 
_em_imaging.temperature                     ? 
_em_imaging.tilt_angle_min                  ? 
_em_imaging.tilt_angle_max                  ? 
_em_imaging.nominal_cs                      ? 
_em_imaging.calibrated_magnification        ? 
_em_imaging.details                         ? 
_em_imaging.specimen_holder_type            ? 
_em_imaging.specimen_holder_model           ? 
_em_imaging.citation_id                     ? 
_em_imaging.detector_distance               ? 
_em_imaging.recording_temperature_maximum   ? 
_em_imaging.recording_temperature_minimum   ? 
_em_imaging.astigmatism                     ? 
_em_imaging.electron_beam_tilt_params       ? 
# 
_em_vitrification.entry_id              3EQ3 
_em_vitrification.id                    1 
_em_vitrification.instrument            'FEI VITROBOT MARK I' 
_em_vitrification.cryogen_name          NITROGEN 
_em_vitrification.specimen_id           1 
_em_vitrification.humidity              ? 
_em_vitrification.chamber_temperature   ? 
_em_vitrification.details               ? 
_em_vitrification.citation_id           ? 
_em_vitrification.method                ? 
_em_vitrification.temp                  ? 
_em_vitrification.time_resolved_state   ? 
# 
_em_experiment.entry_id                3EQ3 
_em_experiment.id                      1 
_em_experiment.reconstruction_method   'SINGLE PARTICLE' 
_em_experiment.aggregation_state       PARTICLE 
_em_experiment.entity_assembly_id      1 
# 
_em_single_particle_entity.entry_id              3EQ3 
_em_single_particle_entity.id                    1 
_em_single_particle_entity.point_symmetry        C1 
_em_single_particle_entity.image_processing_id   1 
# 
loop_
_chem_comp_atom.comp_id 
_chem_comp_atom.atom_id 
_chem_comp_atom.type_symbol 
_chem_comp_atom.pdbx_aromatic_flag 
_chem_comp_atom.pdbx_stereo_config 
_chem_comp_atom.pdbx_ordinal 
A   OP3    O N N 1   
A   P      P N N 2   
A   OP1    O N N 3   
A   OP2    O N N 4   
A   "O5'"  O N N 5   
A   "C5'"  C N N 6   
A   "C4'"  C N R 7   
A   "O4'"  O N N 8   
A   "C3'"  C N S 9   
A   "O3'"  O N N 10  
A   "C2'"  C N R 11  
A   "O2'"  O N N 12  
A   "C1'"  C N R 13  
A   N9     N Y N 14  
A   C8     C Y N 15  
A   N7     N Y N 16  
A   C5     C Y N 17  
A   C6     C Y N 18  
A   N6     N N N 19  
A   N1     N Y N 20  
A   C2     C Y N 21  
A   N3     N Y N 22  
A   C4     C Y N 23  
A   HOP3   H N N 24  
A   HOP2   H N N 25  
A   "H5'"  H N N 26  
A   "H5''" H N N 27  
A   "H4'"  H N N 28  
A   "H3'"  H N N 29  
A   "HO3'" H N N 30  
A   "H2'"  H N N 31  
A   "HO2'" H N N 32  
A   "H1'"  H N N 33  
A   H8     H N N 34  
A   H61    H N N 35  
A   H62    H N N 36  
A   H2     H N N 37  
ALA N      N N N 38  
ALA CA     C N S 39  
ALA C      C N N 40  
ALA O      O N N 41  
ALA CB     C N N 42  
ALA OXT    O N N 43  
ALA H      H N N 44  
ALA H2     H N N 45  
ALA HA     H N N 46  
ALA HB1    H N N 47  
ALA HB2    H N N 48  
ALA HB3    H N N 49  
ALA HXT    H N N 50  
ARG N      N N N 51  
ARG CA     C N S 52  
ARG C      C N N 53  
ARG O      O N N 54  
ARG CB     C N N 55  
ARG CG     C N N 56  
ARG CD     C N N 57  
ARG NE     N N N 58  
ARG CZ     C N N 59  
ARG NH1    N N N 60  
ARG NH2    N N N 61  
ARG OXT    O N N 62  
ARG H      H N N 63  
ARG H2     H N N 64  
ARG HA     H N N 65  
ARG HB2    H N N 66  
ARG HB3    H N N 67  
ARG HG2    H N N 68  
ARG HG3    H N N 69  
ARG HD2    H N N 70  
ARG HD3    H N N 71  
ARG HE     H N N 72  
ARG HH11   H N N 73  
ARG HH12   H N N 74  
ARG HH21   H N N 75  
ARG HH22   H N N 76  
ARG HXT    H N N 77  
ASN N      N N N 78  
ASN CA     C N S 79  
ASN C      C N N 80  
ASN O      O N N 81  
ASN CB     C N N 82  
ASN CG     C N N 83  
ASN OD1    O N N 84  
ASN ND2    N N N 85  
ASN OXT    O N N 86  
ASN H      H N N 87  
ASN H2     H N N 88  
ASN HA     H N N 89  
ASN HB2    H N N 90  
ASN HB3    H N N 91  
ASN HD21   H N N 92  
ASN HD22   H N N 93  
ASN HXT    H N N 94  
ASP N      N N N 95  
ASP CA     C N S 96  
ASP C      C N N 97  
ASP O      O N N 98  
ASP CB     C N N 99  
ASP CG     C N N 100 
ASP OD1    O N N 101 
ASP OD2    O N N 102 
ASP OXT    O N N 103 
ASP H      H N N 104 
ASP H2     H N N 105 
ASP HA     H N N 106 
ASP HB2    H N N 107 
ASP HB3    H N N 108 
ASP HD2    H N N 109 
ASP HXT    H N N 110 
C   OP3    O N N 111 
C   P      P N N 112 
C   OP1    O N N 113 
C   OP2    O N N 114 
C   "O5'"  O N N 115 
C   "C5'"  C N N 116 
C   "C4'"  C N R 117 
C   "O4'"  O N N 118 
C   "C3'"  C N S 119 
C   "O3'"  O N N 120 
C   "C2'"  C N R 121 
C   "O2'"  O N N 122 
C   "C1'"  C N R 123 
C   N1     N N N 124 
C   C2     C N N 125 
C   O2     O N N 126 
C   N3     N N N 127 
C   C4     C N N 128 
C   N4     N N N 129 
C   C5     C N N 130 
C   C6     C N N 131 
C   HOP3   H N N 132 
C   HOP2   H N N 133 
C   "H5'"  H N N 134 
C   "H5''" H N N 135 
C   "H4'"  H N N 136 
C   "H3'"  H N N 137 
C   "HO3'" H N N 138 
C   "H2'"  H N N 139 
C   "HO2'" H N N 140 
C   "H1'"  H N N 141 
C   H41    H N N 142 
C   H42    H N N 143 
C   H5     H N N 144 
C   H6     H N N 145 
CYS N      N N N 146 
CYS CA     C N R 147 
CYS C      C N N 148 
CYS O      O N N 149 
CYS CB     C N N 150 
CYS SG     S N N 151 
CYS OXT    O N N 152 
CYS H      H N N 153 
CYS H2     H N N 154 
CYS HA     H N N 155 
CYS HB2    H N N 156 
CYS HB3    H N N 157 
CYS HG     H N N 158 
CYS HXT    H N N 159 
G   OP3    O N N 160 
G   P      P N N 161 
G   OP1    O N N 162 
G   OP2    O N N 163 
G   "O5'"  O N N 164 
G   "C5'"  C N N 165 
G   "C4'"  C N R 166 
G   "O4'"  O N N 167 
G   "C3'"  C N S 168 
G   "O3'"  O N N 169 
G   "C2'"  C N R 170 
G   "O2'"  O N N 171 
G   "C1'"  C N R 172 
G   N9     N Y N 173 
G   C8     C Y N 174 
G   N7     N Y N 175 
G   C5     C Y N 176 
G   C6     C N N 177 
G   O6     O N N 178 
G   N1     N N N 179 
G   C2     C N N 180 
G   N2     N N N 181 
G   N3     N N N 182 
G   C4     C Y N 183 
G   HOP3   H N N 184 
G   HOP2   H N N 185 
G   "H5'"  H N N 186 
G   "H5''" H N N 187 
G   "H4'"  H N N 188 
G   "H3'"  H N N 189 
G   "HO3'" H N N 190 
G   "H2'"  H N N 191 
G   "HO2'" H N N 192 
G   "H1'"  H N N 193 
G   H8     H N N 194 
G   H1     H N N 195 
G   H21    H N N 196 
G   H22    H N N 197 
GLN N      N N N 198 
GLN CA     C N S 199 
GLN C      C N N 200 
GLN O      O N N 201 
GLN CB     C N N 202 
GLN CG     C N N 203 
GLN CD     C N N 204 
GLN OE1    O N N 205 
GLN NE2    N N N 206 
GLN OXT    O N N 207 
GLN H      H N N 208 
GLN H2     H N N 209 
GLN HA     H N N 210 
GLN HB2    H N N 211 
GLN HB3    H N N 212 
GLN HG2    H N N 213 
GLN HG3    H N N 214 
GLN HE21   H N N 215 
GLN HE22   H N N 216 
GLN HXT    H N N 217 
GLU N      N N N 218 
GLU CA     C N S 219 
GLU C      C N N 220 
GLU O      O N N 221 
GLU CB     C N N 222 
GLU CG     C N N 223 
GLU CD     C N N 224 
GLU OE1    O N N 225 
GLU OE2    O N N 226 
GLU OXT    O N N 227 
GLU H      H N N 228 
GLU H2     H N N 229 
GLU HA     H N N 230 
GLU HB2    H N N 231 
GLU HB3    H N N 232 
GLU HG2    H N N 233 
GLU HG3    H N N 234 
GLU HE2    H N N 235 
GLU HXT    H N N 236 
GLY N      N N N 237 
GLY CA     C N N 238 
GLY C      C N N 239 
GLY O      O N N 240 
GLY OXT    O N N 241 
GLY H      H N N 242 
GLY H2     H N N 243 
GLY HA2    H N N 244 
GLY HA3    H N N 245 
GLY HXT    H N N 246 
HIS N      N N N 247 
HIS CA     C N S 248 
HIS C      C N N 249 
HIS O      O N N 250 
HIS CB     C N N 251 
HIS CG     C Y N 252 
HIS ND1    N Y N 253 
HIS CD2    C Y N 254 
HIS CE1    C Y N 255 
HIS NE2    N Y N 256 
HIS OXT    O N N 257 
HIS H      H N N 258 
HIS H2     H N N 259 
HIS HA     H N N 260 
HIS HB2    H N N 261 
HIS HB3    H N N 262 
HIS HD1    H N N 263 
HIS HD2    H N N 264 
HIS HE1    H N N 265 
HIS HE2    H N N 266 
HIS HXT    H N N 267 
ILE N      N N N 268 
ILE CA     C N S 269 
ILE C      C N N 270 
ILE O      O N N 271 
ILE CB     C N S 272 
ILE CG1    C N N 273 
ILE CG2    C N N 274 
ILE CD1    C N N 275 
ILE OXT    O N N 276 
ILE H      H N N 277 
ILE H2     H N N 278 
ILE HA     H N N 279 
ILE HB     H N N 280 
ILE HG12   H N N 281 
ILE HG13   H N N 282 
ILE HG21   H N N 283 
ILE HG22   H N N 284 
ILE HG23   H N N 285 
ILE HD11   H N N 286 
ILE HD12   H N N 287 
ILE HD13   H N N 288 
ILE HXT    H N N 289 
LEU N      N N N 290 
LEU CA     C N S 291 
LEU C      C N N 292 
LEU O      O N N 293 
LEU CB     C N N 294 
LEU CG     C N N 295 
LEU CD1    C N N 296 
LEU CD2    C N N 297 
LEU OXT    O N N 298 
LEU H      H N N 299 
LEU H2     H N N 300 
LEU HA     H N N 301 
LEU HB2    H N N 302 
LEU HB3    H N N 303 
LEU HG     H N N 304 
LEU HD11   H N N 305 
LEU HD12   H N N 306 
LEU HD13   H N N 307 
LEU HD21   H N N 308 
LEU HD22   H N N 309 
LEU HD23   H N N 310 
LEU HXT    H N N 311 
LYS N      N N N 312 
LYS CA     C N S 313 
LYS C      C N N 314 
LYS O      O N N 315 
LYS CB     C N N 316 
LYS CG     C N N 317 
LYS CD     C N N 318 
LYS CE     C N N 319 
LYS NZ     N N N 320 
LYS OXT    O N N 321 
LYS H      H N N 322 
LYS H2     H N N 323 
LYS HA     H N N 324 
LYS HB2    H N N 325 
LYS HB3    H N N 326 
LYS HG2    H N N 327 
LYS HG3    H N N 328 
LYS HD2    H N N 329 
LYS HD3    H N N 330 
LYS HE2    H N N 331 
LYS HE3    H N N 332 
LYS HZ1    H N N 333 
LYS HZ2    H N N 334 
LYS HZ3    H N N 335 
LYS HXT    H N N 336 
MET N      N N N 337 
MET CA     C N S 338 
MET C      C N N 339 
MET O      O N N 340 
MET CB     C N N 341 
MET CG     C N N 342 
MET SD     S N N 343 
MET CE     C N N 344 
MET OXT    O N N 345 
MET H      H N N 346 
MET H2     H N N 347 
MET HA     H N N 348 
MET HB2    H N N 349 
MET HB3    H N N 350 
MET HG2    H N N 351 
MET HG3    H N N 352 
MET HE1    H N N 353 
MET HE2    H N N 354 
MET HE3    H N N 355 
MET HXT    H N N 356 
PHE N      N N N 357 
PHE CA     C N S 358 
PHE C      C N N 359 
PHE O      O N N 360 
PHE CB     C N N 361 
PHE CG     C Y N 362 
PHE CD1    C Y N 363 
PHE CD2    C Y N 364 
PHE CE1    C Y N 365 
PHE CE2    C Y N 366 
PHE CZ     C Y N 367 
PHE OXT    O N N 368 
PHE H      H N N 369 
PHE H2     H N N 370 
PHE HA     H N N 371 
PHE HB2    H N N 372 
PHE HB3    H N N 373 
PHE HD1    H N N 374 
PHE HD2    H N N 375 
PHE HE1    H N N 376 
PHE HE2    H N N 377 
PHE HZ     H N N 378 
PHE HXT    H N N 379 
PRO N      N N N 380 
PRO CA     C N S 381 
PRO C      C N N 382 
PRO O      O N N 383 
PRO CB     C N N 384 
PRO CG     C N N 385 
PRO CD     C N N 386 
PRO OXT    O N N 387 
PRO H      H N N 388 
PRO HA     H N N 389 
PRO HB2    H N N 390 
PRO HB3    H N N 391 
PRO HG2    H N N 392 
PRO HG3    H N N 393 
PRO HD2    H N N 394 
PRO HD3    H N N 395 
PRO HXT    H N N 396 
SER N      N N N 397 
SER CA     C N S 398 
SER C      C N N 399 
SER O      O N N 400 
SER CB     C N N 401 
SER OG     O N N 402 
SER OXT    O N N 403 
SER H      H N N 404 
SER H2     H N N 405 
SER HA     H N N 406 
SER HB2    H N N 407 
SER HB3    H N N 408 
SER HG     H N N 409 
SER HXT    H N N 410 
THR N      N N N 411 
THR CA     C N S 412 
THR C      C N N 413 
THR O      O N N 414 
THR CB     C N R 415 
THR OG1    O N N 416 
THR CG2    C N N 417 
THR OXT    O N N 418 
THR H      H N N 419 
THR H2     H N N 420 
THR HA     H N N 421 
THR HB     H N N 422 
THR HG1    H N N 423 
THR HG21   H N N 424 
THR HG22   H N N 425 
THR HG23   H N N 426 
THR HXT    H N N 427 
TRP N      N N N 428 
TRP CA     C N S 429 
TRP C      C N N 430 
TRP O      O N N 431 
TRP CB     C N N 432 
TRP CG     C Y N 433 
TRP CD1    C Y N 434 
TRP CD2    C Y N 435 
TRP NE1    N Y N 436 
TRP CE2    C Y N 437 
TRP CE3    C Y N 438 
TRP CZ2    C Y N 439 
TRP CZ3    C Y N 440 
TRP CH2    C Y N 441 
TRP OXT    O N N 442 
TRP H      H N N 443 
TRP H2     H N N 444 
TRP HA     H N N 445 
TRP HB2    H N N 446 
TRP HB3    H N N 447 
TRP HD1    H N N 448 
TRP HE1    H N N 449 
TRP HE3    H N N 450 
TRP HZ2    H N N 451 
TRP HZ3    H N N 452 
TRP HH2    H N N 453 
TRP HXT    H N N 454 
TYR N      N N N 455 
TYR CA     C N S 456 
TYR C      C N N 457 
TYR O      O N N 458 
TYR CB     C N N 459 
TYR CG     C Y N 460 
TYR CD1    C Y N 461 
TYR CD2    C Y N 462 
TYR CE1    C Y N 463 
TYR CE2    C Y N 464 
TYR CZ     C Y N 465 
TYR OH     O N N 466 
TYR OXT    O N N 467 
TYR H      H N N 468 
TYR H2     H N N 469 
TYR HA     H N N 470 
TYR HB2    H N N 471 
TYR HB3    H N N 472 
TYR HD1    H N N 473 
TYR HD2    H N N 474 
TYR HE1    H N N 475 
TYR HE2    H N N 476 
TYR HH     H N N 477 
TYR HXT    H N N 478 
U   OP3    O N N 479 
U   P      P N N 480 
U   OP1    O N N 481 
U   OP2    O N N 482 
U   "O5'"  O N N 483 
U   "C5'"  C N N 484 
U   "C4'"  C N R 485 
U   "O4'"  O N N 486 
U   "C3'"  C N S 487 
U   "O3'"  O N N 488 
U   "C2'"  C N R 489 
U   "O2'"  O N N 490 
U   "C1'"  C N R 491 
U   N1     N N N 492 
U   C2     C N N 493 
U   O2     O N N 494 
U   N3     N N N 495 
U   C4     C N N 496 
U   O4     O N N 497 
U   C5     C N N 498 
U   C6     C N N 499 
U   HOP3   H N N 500 
U   HOP2   H N N 501 
U   "H5'"  H N N 502 
U   "H5''" H N N 503 
U   "H4'"  H N N 504 
U   "H3'"  H N N 505 
U   "HO3'" H N N 506 
U   "H2'"  H N N 507 
U   "HO2'" H N N 508 
U   "H1'"  H N N 509 
U   H3     H N N 510 
U   H5     H N N 511 
U   H6     H N N 512 
VAL N      N N N 513 
VAL CA     C N S 514 
VAL C      C N N 515 
VAL O      O N N 516 
VAL CB     C N N 517 
VAL CG1    C N N 518 
VAL CG2    C N N 519 
VAL OXT    O N N 520 
VAL H      H N N 521 
VAL H2     H N N 522 
VAL HA     H N N 523 
VAL HB     H N N 524 
VAL HG11   H N N 525 
VAL HG12   H N N 526 
VAL HG13   H N N 527 
VAL HG21   H N N 528 
VAL HG22   H N N 529 
VAL HG23   H N N 530 
VAL HXT    H N N 531 
# 
loop_
_chem_comp_bond.comp_id 
_chem_comp_bond.atom_id_1 
_chem_comp_bond.atom_id_2 
_chem_comp_bond.value_order 
_chem_comp_bond.pdbx_aromatic_flag 
_chem_comp_bond.pdbx_stereo_config 
_chem_comp_bond.pdbx_ordinal 
A   OP3   P      sing N N 1   
A   OP3   HOP3   sing N N 2   
A   P     OP1    doub N N 3   
A   P     OP2    sing N N 4   
A   P     "O5'"  sing N N 5   
A   OP2   HOP2   sing N N 6   
A   "O5'" "C5'"  sing N N 7   
A   "C5'" "C4'"  sing N N 8   
A   "C5'" "H5'"  sing N N 9   
A   "C5'" "H5''" sing N N 10  
A   "C4'" "O4'"  sing N N 11  
A   "C4'" "C3'"  sing N N 12  
A   "C4'" "H4'"  sing N N 13  
A   "O4'" "C1'"  sing N N 14  
A   "C3'" "O3'"  sing N N 15  
A   "C3'" "C2'"  sing N N 16  
A   "C3'" "H3'"  sing N N 17  
A   "O3'" "HO3'" sing N N 18  
A   "C2'" "O2'"  sing N N 19  
A   "C2'" "C1'"  sing N N 20  
A   "C2'" "H2'"  sing N N 21  
A   "O2'" "HO2'" sing N N 22  
A   "C1'" N9     sing N N 23  
A   "C1'" "H1'"  sing N N 24  
A   N9    C8     sing Y N 25  
A   N9    C4     sing Y N 26  
A   C8    N7     doub Y N 27  
A   C8    H8     sing N N 28  
A   N7    C5     sing Y N 29  
A   C5    C6     sing Y N 30  
A   C5    C4     doub Y N 31  
A   C6    N6     sing N N 32  
A   C6    N1     doub Y N 33  
A   N6    H61    sing N N 34  
A   N6    H62    sing N N 35  
A   N1    C2     sing Y N 36  
A   C2    N3     doub Y N 37  
A   C2    H2     sing N N 38  
A   N3    C4     sing Y N 39  
ALA N     CA     sing N N 40  
ALA N     H      sing N N 41  
ALA N     H2     sing N N 42  
ALA CA    C      sing N N 43  
ALA CA    CB     sing N N 44  
ALA CA    HA     sing N N 45  
ALA C     O      doub N N 46  
ALA C     OXT    sing N N 47  
ALA CB    HB1    sing N N 48  
ALA CB    HB2    sing N N 49  
ALA CB    HB3    sing N N 50  
ALA OXT   HXT    sing N N 51  
ARG N     CA     sing N N 52  
ARG N     H      sing N N 53  
ARG N     H2     sing N N 54  
ARG CA    C      sing N N 55  
ARG CA    CB     sing N N 56  
ARG CA    HA     sing N N 57  
ARG C     O      doub N N 58  
ARG C     OXT    sing N N 59  
ARG CB    CG     sing N N 60  
ARG CB    HB2    sing N N 61  
ARG CB    HB3    sing N N 62  
ARG CG    CD     sing N N 63  
ARG CG    HG2    sing N N 64  
ARG CG    HG3    sing N N 65  
ARG CD    NE     sing N N 66  
ARG CD    HD2    sing N N 67  
ARG CD    HD3    sing N N 68  
ARG NE    CZ     sing N N 69  
ARG NE    HE     sing N N 70  
ARG CZ    NH1    sing N N 71  
ARG CZ    NH2    doub N N 72  
ARG NH1   HH11   sing N N 73  
ARG NH1   HH12   sing N N 74  
ARG NH2   HH21   sing N N 75  
ARG NH2   HH22   sing N N 76  
ARG OXT   HXT    sing N N 77  
ASN N     CA     sing N N 78  
ASN N     H      sing N N 79  
ASN N     H2     sing N N 80  
ASN CA    C      sing N N 81  
ASN CA    CB     sing N N 82  
ASN CA    HA     sing N N 83  
ASN C     O      doub N N 84  
ASN C     OXT    sing N N 85  
ASN CB    CG     sing N N 86  
ASN CB    HB2    sing N N 87  
ASN CB    HB3    sing N N 88  
ASN CG    OD1    doub N N 89  
ASN CG    ND2    sing N N 90  
ASN ND2   HD21   sing N N 91  
ASN ND2   HD22   sing N N 92  
ASN OXT   HXT    sing N N 93  
ASP N     CA     sing N N 94  
ASP N     H      sing N N 95  
ASP N     H2     sing N N 96  
ASP CA    C      sing N N 97  
ASP CA    CB     sing N N 98  
ASP CA    HA     sing N N 99  
ASP C     O      doub N N 100 
ASP C     OXT    sing N N 101 
ASP CB    CG     sing N N 102 
ASP CB    HB2    sing N N 103 
ASP CB    HB3    sing N N 104 
ASP CG    OD1    doub N N 105 
ASP CG    OD2    sing N N 106 
ASP OD2   HD2    sing N N 107 
ASP OXT   HXT    sing N N 108 
C   OP3   P      sing N N 109 
C   OP3   HOP3   sing N N 110 
C   P     OP1    doub N N 111 
C   P     OP2    sing N N 112 
C   P     "O5'"  sing N N 113 
C   OP2   HOP2   sing N N 114 
C   "O5'" "C5'"  sing N N 115 
C   "C5'" "C4'"  sing N N 116 
C   "C5'" "H5'"  sing N N 117 
C   "C5'" "H5''" sing N N 118 
C   "C4'" "O4'"  sing N N 119 
C   "C4'" "C3'"  sing N N 120 
C   "C4'" "H4'"  sing N N 121 
C   "O4'" "C1'"  sing N N 122 
C   "C3'" "O3'"  sing N N 123 
C   "C3'" "C2'"  sing N N 124 
C   "C3'" "H3'"  sing N N 125 
C   "O3'" "HO3'" sing N N 126 
C   "C2'" "O2'"  sing N N 127 
C   "C2'" "C1'"  sing N N 128 
C   "C2'" "H2'"  sing N N 129 
C   "O2'" "HO2'" sing N N 130 
C   "C1'" N1     sing N N 131 
C   "C1'" "H1'"  sing N N 132 
C   N1    C2     sing N N 133 
C   N1    C6     sing N N 134 
C   C2    O2     doub N N 135 
C   C2    N3     sing N N 136 
C   N3    C4     doub N N 137 
C   C4    N4     sing N N 138 
C   C4    C5     sing N N 139 
C   N4    H41    sing N N 140 
C   N4    H42    sing N N 141 
C   C5    C6     doub N N 142 
C   C5    H5     sing N N 143 
C   C6    H6     sing N N 144 
CYS N     CA     sing N N 145 
CYS N     H      sing N N 146 
CYS N     H2     sing N N 147 
CYS CA    C      sing N N 148 
CYS CA    CB     sing N N 149 
CYS CA    HA     sing N N 150 
CYS C     O      doub N N 151 
CYS C     OXT    sing N N 152 
CYS CB    SG     sing N N 153 
CYS CB    HB2    sing N N 154 
CYS CB    HB3    sing N N 155 
CYS SG    HG     sing N N 156 
CYS OXT   HXT    sing N N 157 
G   OP3   P      sing N N 158 
G   OP3   HOP3   sing N N 159 
G   P     OP1    doub N N 160 
G   P     OP2    sing N N 161 
G   P     "O5'"  sing N N 162 
G   OP2   HOP2   sing N N 163 
G   "O5'" "C5'"  sing N N 164 
G   "C5'" "C4'"  sing N N 165 
G   "C5'" "H5'"  sing N N 166 
G   "C5'" "H5''" sing N N 167 
G   "C4'" "O4'"  sing N N 168 
G   "C4'" "C3'"  sing N N 169 
G   "C4'" "H4'"  sing N N 170 
G   "O4'" "C1'"  sing N N 171 
G   "C3'" "O3'"  sing N N 172 
G   "C3'" "C2'"  sing N N 173 
G   "C3'" "H3'"  sing N N 174 
G   "O3'" "HO3'" sing N N 175 
G   "C2'" "O2'"  sing N N 176 
G   "C2'" "C1'"  sing N N 177 
G   "C2'" "H2'"  sing N N 178 
G   "O2'" "HO2'" sing N N 179 
G   "C1'" N9     sing N N 180 
G   "C1'" "H1'"  sing N N 181 
G   N9    C8     sing Y N 182 
G   N9    C4     sing Y N 183 
G   C8    N7     doub Y N 184 
G   C8    H8     sing N N 185 
G   N7    C5     sing Y N 186 
G   C5    C6     sing N N 187 
G   C5    C4     doub Y N 188 
G   C6    O6     doub N N 189 
G   C6    N1     sing N N 190 
G   N1    C2     sing N N 191 
G   N1    H1     sing N N 192 
G   C2    N2     sing N N 193 
G   C2    N3     doub N N 194 
G   N2    H21    sing N N 195 
G   N2    H22    sing N N 196 
G   N3    C4     sing N N 197 
GLN N     CA     sing N N 198 
GLN N     H      sing N N 199 
GLN N     H2     sing N N 200 
GLN CA    C      sing N N 201 
GLN CA    CB     sing N N 202 
GLN CA    HA     sing N N 203 
GLN C     O      doub N N 204 
GLN C     OXT    sing N N 205 
GLN CB    CG     sing N N 206 
GLN CB    HB2    sing N N 207 
GLN CB    HB3    sing N N 208 
GLN CG    CD     sing N N 209 
GLN CG    HG2    sing N N 210 
GLN CG    HG3    sing N N 211 
GLN CD    OE1    doub N N 212 
GLN CD    NE2    sing N N 213 
GLN NE2   HE21   sing N N 214 
GLN NE2   HE22   sing N N 215 
GLN OXT   HXT    sing N N 216 
GLU N     CA     sing N N 217 
GLU N     H      sing N N 218 
GLU N     H2     sing N N 219 
GLU CA    C      sing N N 220 
GLU CA    CB     sing N N 221 
GLU CA    HA     sing N N 222 
GLU C     O      doub N N 223 
GLU C     OXT    sing N N 224 
GLU CB    CG     sing N N 225 
GLU CB    HB2    sing N N 226 
GLU CB    HB3    sing N N 227 
GLU CG    CD     sing N N 228 
GLU CG    HG2    sing N N 229 
GLU CG    HG3    sing N N 230 
GLU CD    OE1    doub N N 231 
GLU CD    OE2    sing N N 232 
GLU OE2   HE2    sing N N 233 
GLU OXT   HXT    sing N N 234 
GLY N     CA     sing N N 235 
GLY N     H      sing N N 236 
GLY N     H2     sing N N 237 
GLY CA    C      sing N N 238 
GLY CA    HA2    sing N N 239 
GLY CA    HA3    sing N N 240 
GLY C     O      doub N N 241 
GLY C     OXT    sing N N 242 
GLY OXT   HXT    sing N N 243 
HIS N     CA     sing N N 244 
HIS N     H      sing N N 245 
HIS N     H2     sing N N 246 
HIS CA    C      sing N N 247 
HIS CA    CB     sing N N 248 
HIS CA    HA     sing N N 249 
HIS C     O      doub N N 250 
HIS C     OXT    sing N N 251 
HIS CB    CG     sing N N 252 
HIS CB    HB2    sing N N 253 
HIS CB    HB3    sing N N 254 
HIS CG    ND1    sing Y N 255 
HIS CG    CD2    doub Y N 256 
HIS ND1   CE1    doub Y N 257 
HIS ND1   HD1    sing N N 258 
HIS CD2   NE2    sing Y N 259 
HIS CD2   HD2    sing N N 260 
HIS CE1   NE2    sing Y N 261 
HIS CE1   HE1    sing N N 262 
HIS NE2   HE2    sing N N 263 
HIS OXT   HXT    sing N N 264 
ILE N     CA     sing N N 265 
ILE N     H      sing N N 266 
ILE N     H2     sing N N 267 
ILE CA    C      sing N N 268 
ILE CA    CB     sing N N 269 
ILE CA    HA     sing N N 270 
ILE C     O      doub N N 271 
ILE C     OXT    sing N N 272 
ILE CB    CG1    sing N N 273 
ILE CB    CG2    sing N N 274 
ILE CB    HB     sing N N 275 
ILE CG1   CD1    sing N N 276 
ILE CG1   HG12   sing N N 277 
ILE CG1   HG13   sing N N 278 
ILE CG2   HG21   sing N N 279 
ILE CG2   HG22   sing N N 280 
ILE CG2   HG23   sing N N 281 
ILE CD1   HD11   sing N N 282 
ILE CD1   HD12   sing N N 283 
ILE CD1   HD13   sing N N 284 
ILE OXT   HXT    sing N N 285 
LEU N     CA     sing N N 286 
LEU N     H      sing N N 287 
LEU N     H2     sing N N 288 
LEU CA    C      sing N N 289 
LEU CA    CB     sing N N 290 
LEU CA    HA     sing N N 291 
LEU C     O      doub N N 292 
LEU C     OXT    sing N N 293 
LEU CB    CG     sing N N 294 
LEU CB    HB2    sing N N 295 
LEU CB    HB3    sing N N 296 
LEU CG    CD1    sing N N 297 
LEU CG    CD2    sing N N 298 
LEU CG    HG     sing N N 299 
LEU CD1   HD11   sing N N 300 
LEU CD1   HD12   sing N N 301 
LEU CD1   HD13   sing N N 302 
LEU CD2   HD21   sing N N 303 
LEU CD2   HD22   sing N N 304 
LEU CD2   HD23   sing N N 305 
LEU OXT   HXT    sing N N 306 
LYS N     CA     sing N N 307 
LYS N     H      sing N N 308 
LYS N     H2     sing N N 309 
LYS CA    C      sing N N 310 
LYS CA    CB     sing N N 311 
LYS CA    HA     sing N N 312 
LYS C     O      doub N N 313 
LYS C     OXT    sing N N 314 
LYS CB    CG     sing N N 315 
LYS CB    HB2    sing N N 316 
LYS CB    HB3    sing N N 317 
LYS CG    CD     sing N N 318 
LYS CG    HG2    sing N N 319 
LYS CG    HG3    sing N N 320 
LYS CD    CE     sing N N 321 
LYS CD    HD2    sing N N 322 
LYS CD    HD3    sing N N 323 
LYS CE    NZ     sing N N 324 
LYS CE    HE2    sing N N 325 
LYS CE    HE3    sing N N 326 
LYS NZ    HZ1    sing N N 327 
LYS NZ    HZ2    sing N N 328 
LYS NZ    HZ3    sing N N 329 
LYS OXT   HXT    sing N N 330 
MET N     CA     sing N N 331 
MET N     H      sing N N 332 
MET N     H2     sing N N 333 
MET CA    C      sing N N 334 
MET CA    CB     sing N N 335 
MET CA    HA     sing N N 336 
MET C     O      doub N N 337 
MET C     OXT    sing N N 338 
MET CB    CG     sing N N 339 
MET CB    HB2    sing N N 340 
MET CB    HB3    sing N N 341 
MET CG    SD     sing N N 342 
MET CG    HG2    sing N N 343 
MET CG    HG3    sing N N 344 
MET SD    CE     sing N N 345 
MET CE    HE1    sing N N 346 
MET CE    HE2    sing N N 347 
MET CE    HE3    sing N N 348 
MET OXT   HXT    sing N N 349 
PHE N     CA     sing N N 350 
PHE N     H      sing N N 351 
PHE N     H2     sing N N 352 
PHE CA    C      sing N N 353 
PHE CA    CB     sing N N 354 
PHE CA    HA     sing N N 355 
PHE C     O      doub N N 356 
PHE C     OXT    sing N N 357 
PHE CB    CG     sing N N 358 
PHE CB    HB2    sing N N 359 
PHE CB    HB3    sing N N 360 
PHE CG    CD1    doub Y N 361 
PHE CG    CD2    sing Y N 362 
PHE CD1   CE1    sing Y N 363 
PHE CD1   HD1    sing N N 364 
PHE CD2   CE2    doub Y N 365 
PHE CD2   HD2    sing N N 366 
PHE CE1   CZ     doub Y N 367 
PHE CE1   HE1    sing N N 368 
PHE CE2   CZ     sing Y N 369 
PHE CE2   HE2    sing N N 370 
PHE CZ    HZ     sing N N 371 
PHE OXT   HXT    sing N N 372 
PRO N     CA     sing N N 373 
PRO N     CD     sing N N 374 
PRO N     H      sing N N 375 
PRO CA    C      sing N N 376 
PRO CA    CB     sing N N 377 
PRO CA    HA     sing N N 378 
PRO C     O      doub N N 379 
PRO C     OXT    sing N N 380 
PRO CB    CG     sing N N 381 
PRO CB    HB2    sing N N 382 
PRO CB    HB3    sing N N 383 
PRO CG    CD     sing N N 384 
PRO CG    HG2    sing N N 385 
PRO CG    HG3    sing N N 386 
PRO CD    HD2    sing N N 387 
PRO CD    HD3    sing N N 388 
PRO OXT   HXT    sing N N 389 
SER N     CA     sing N N 390 
SER N     H      sing N N 391 
SER N     H2     sing N N 392 
SER CA    C      sing N N 393 
SER CA    CB     sing N N 394 
SER CA    HA     sing N N 395 
SER C     O      doub N N 396 
SER C     OXT    sing N N 397 
SER CB    OG     sing N N 398 
SER CB    HB2    sing N N 399 
SER CB    HB3    sing N N 400 
SER OG    HG     sing N N 401 
SER OXT   HXT    sing N N 402 
THR N     CA     sing N N 403 
THR N     H      sing N N 404 
THR N     H2     sing N N 405 
THR CA    C      sing N N 406 
THR CA    CB     sing N N 407 
THR CA    HA     sing N N 408 
THR C     O      doub N N 409 
THR C     OXT    sing N N 410 
THR CB    OG1    sing N N 411 
THR CB    CG2    sing N N 412 
THR CB    HB     sing N N 413 
THR OG1   HG1    sing N N 414 
THR CG2   HG21   sing N N 415 
THR CG2   HG22   sing N N 416 
THR CG2   HG23   sing N N 417 
THR OXT   HXT    sing N N 418 
TRP N     CA     sing N N 419 
TRP N     H      sing N N 420 
TRP N     H2     sing N N 421 
TRP CA    C      sing N N 422 
TRP CA    CB     sing N N 423 
TRP CA    HA     sing N N 424 
TRP C     O      doub N N 425 
TRP C     OXT    sing N N 426 
TRP CB    CG     sing N N 427 
TRP CB    HB2    sing N N 428 
TRP CB    HB3    sing N N 429 
TRP CG    CD1    doub Y N 430 
TRP CG    CD2    sing Y N 431 
TRP CD1   NE1    sing Y N 432 
TRP CD1   HD1    sing N N 433 
TRP CD2   CE2    doub Y N 434 
TRP CD2   CE3    sing Y N 435 
TRP NE1   CE2    sing Y N 436 
TRP NE1   HE1    sing N N 437 
TRP CE2   CZ2    sing Y N 438 
TRP CE3   CZ3    doub Y N 439 
TRP CE3   HE3    sing N N 440 
TRP CZ2   CH2    doub Y N 441 
TRP CZ2   HZ2    sing N N 442 
TRP CZ3   CH2    sing Y N 443 
TRP CZ3   HZ3    sing N N 444 
TRP CH2   HH2    sing N N 445 
TRP OXT   HXT    sing N N 446 
TYR N     CA     sing N N 447 
TYR N     H      sing N N 448 
TYR N     H2     sing N N 449 
TYR CA    C      sing N N 450 
TYR CA    CB     sing N N 451 
TYR CA    HA     sing N N 452 
TYR C     O      doub N N 453 
TYR C     OXT    sing N N 454 
TYR CB    CG     sing N N 455 
TYR CB    HB2    sing N N 456 
TYR CB    HB3    sing N N 457 
TYR CG    CD1    doub Y N 458 
TYR CG    CD2    sing Y N 459 
TYR CD1   CE1    sing Y N 460 
TYR CD1   HD1    sing N N 461 
TYR CD2   CE2    doub Y N 462 
TYR CD2   HD2    sing N N 463 
TYR CE1   CZ     doub Y N 464 
TYR CE1   HE1    sing N N 465 
TYR CE2   CZ     sing Y N 466 
TYR CE2   HE2    sing N N 467 
TYR CZ    OH     sing N N 468 
TYR OH    HH     sing N N 469 
TYR OXT   HXT    sing N N 470 
U   OP3   P      sing N N 471 
U   OP3   HOP3   sing N N 472 
U   P     OP1    doub N N 473 
U   P     OP2    sing N N 474 
U   P     "O5'"  sing N N 475 
U   OP2   HOP2   sing N N 476 
U   "O5'" "C5'"  sing N N 477 
U   "C5'" "C4'"  sing N N 478 
U   "C5'" "H5'"  sing N N 479 
U   "C5'" "H5''" sing N N 480 
U   "C4'" "O4'"  sing N N 481 
U   "C4'" "C3'"  sing N N 482 
U   "C4'" "H4'"  sing N N 483 
U   "O4'" "C1'"  sing N N 484 
U   "C3'" "O3'"  sing N N 485 
U   "C3'" "C2'"  sing N N 486 
U   "C3'" "H3'"  sing N N 487 
U   "O3'" "HO3'" sing N N 488 
U   "C2'" "O2'"  sing N N 489 
U   "C2'" "C1'"  sing N N 490 
U   "C2'" "H2'"  sing N N 491 
U   "O2'" "HO2'" sing N N 492 
U   "C1'" N1     sing N N 493 
U   "C1'" "H1'"  sing N N 494 
U   N1    C2     sing N N 495 
U   N1    C6     sing N N 496 
U   C2    O2     doub N N 497 
U   C2    N3     sing N N 498 
U   N3    C4     sing N N 499 
U   N3    H3     sing N N 500 
U   C4    O4     doub N N 501 
U   C4    C5     sing N N 502 
U   C5    C6     doub N N 503 
U   C5    H5     sing N N 504 
U   C6    H6     sing N N 505 
VAL N     CA     sing N N 506 
VAL N     H      sing N N 507 
VAL N     H2     sing N N 508 
VAL CA    C      sing N N 509 
VAL CA    CB     sing N N 510 
VAL CA    HA     sing N N 511 
VAL C     O      doub N N 512 
VAL C     OXT    sing N N 513 
VAL CB    CG1    sing N N 514 
VAL CB    CG2    sing N N 515 
VAL CB    HB     sing N N 516 
VAL CG1   HG11   sing N N 517 
VAL CG1   HG12   sing N N 518 
VAL CG1   HG13   sing N N 519 
VAL CG2   HG21   sing N N 520 
VAL CG2   HG22   sing N N 521 
VAL CG2   HG23   sing N N 522 
VAL OXT   HXT    sing N N 523 
# 
_em_image_processing.id                   1 
_em_image_processing.image_recording_id   1 
_em_image_processing.details              ? 
# 
_em_image_recording.details                       ? 
_em_image_recording.id                            1 
_em_image_recording.avg_electron_dose_per_image   25 
_em_image_recording.film_or_detector_model        'GENERIC CCD' 
_em_image_recording.imaging_id                    1 
_em_image_recording.detector_mode                 ? 
_em_image_recording.average_exposure_time         ? 
_em_image_recording.num_diffraction_images        ? 
_em_image_recording.num_grids_imaged              ? 
_em_image_recording.num_real_images               ? 
# 
loop_
_em_software.id 
_em_software.name 
_em_software.version 
_em_software.category 
_em_software.details 
_em_software.image_processing_id 
1 RSRef  ? 'MODEL FITTING' TNT ? 
2 SPIDER ? RECONSTRUCTION  ?   1 
# 
_em_specimen.experiment_id           1 
_em_specimen.id                      1 
_em_specimen.concentration           ? 
_em_specimen.vitrification_applied   YES 
_em_specimen.staining_applied        NO 
_em_specimen.embedding_applied       NO 
_em_specimen.shadowing_applied       NO 
_em_specimen.details                 ? 
# 
loop_
_pdbx_coordinate_model.asym_id 
_pdbx_coordinate_model.type 
A 'CA ATOMS ONLY' 
B 'CA ATOMS ONLY' 
C 'CA ATOMS ONLY' 
D 'P ATOMS ONLY'  
E 'P ATOMS ONLY'  
F 'P ATOMS ONLY'  
G 'P ATOMS ONLY'  
H 'P ATOMS ONLY'  
I 'P ATOMS ONLY'  
# 
loop_
_pdbx_initial_refinement_model.id 
_pdbx_initial_refinement_model.type 
_pdbx_initial_refinement_model.source_name 
_pdbx_initial_refinement_model.accession_code 
1 'experimental model' PDB 2AVY 
2 'experimental model' PDB 2AW4 
3 'experimental model' PDB 1QZA 
4 'experimental model' PDB 1OB2 
# 
_atom_sites.entry_id                    3EQ3 
_atom_sites.fract_transf_matrix[1][1]   1.000000 
_atom_sites.fract_transf_matrix[1][2]   0.000000 
_atom_sites.fract_transf_matrix[1][3]   0.000000 
_atom_sites.fract_transf_matrix[2][1]   0.000000 
_atom_sites.fract_transf_matrix[2][2]   1.000000 
_atom_sites.fract_transf_matrix[2][3]   0.000000 
_atom_sites.fract_transf_matrix[3][1]   0.000000 
_atom_sites.fract_transf_matrix[3][2]   0.000000 
_atom_sites.fract_transf_matrix[3][3]   1.000000 
_atom_sites.fract_transf_vector[1]      0.00000 
_atom_sites.fract_transf_vector[2]      0.00000 
_atom_sites.fract_transf_vector[3]      0.00000 
# 
loop_
_atom_type.symbol 
C 
P 
# 
loop_
_atom_site.group_PDB 
_atom_site.id 
_atom_site.type_symbol 
_atom_site.label_atom_id 
_atom_site.label_alt_id 
_atom_site.label_comp_id 
_atom_site.label_asym_id 
_atom_site.label_entity_id 
_atom_site.label_seq_id 
_atom_site.pdbx_PDB_ins_code 
_atom_site.Cartn_x 
_atom_site.Cartn_y 
_atom_site.Cartn_z 
_atom_site.occupancy 
_atom_site.B_iso_or_equiv 
_atom_site.pdbx_formal_charge 
_atom_site.auth_seq_id 
_atom_site.auth_comp_id 
_atom_site.auth_asym_id 
_atom_site.auth_atom_id 
_atom_site.pdbx_PDB_model_num 
ATOM 1   C CA . SER A 1 1   ? -10.659 -25.196 -25.283 1.00 15.00 ? 1    SER X CA 1 
ATOM 2   C CA . LYS A 1 2   ? -10.018 -26.423 -28.825 1.00 15.00 ? 2    LYS X CA 1 
ATOM 3   C CA . GLU A 1 3   ? -8.960  -23.366 -30.786 1.00 15.00 ? 3    GLU X CA 1 
ATOM 4   C CA . LYS A 1 4   ? -5.190  -23.063 -30.825 1.00 15.00 ? 4    LYS X CA 1 
ATOM 5   C CA . PHE A 1 5   ? -3.756  -19.593 -30.545 1.00 15.00 ? 5    PHE X CA 1 
ATOM 6   C CA . GLU A 1 6   ? -0.689  -19.616 -32.754 1.00 15.00 ? 6    GLU X CA 1 
ATOM 7   C CA . ARG A 1 7   ? 2.137   -17.253 -31.984 1.00 15.00 ? 7    ARG X CA 1 
ATOM 8   C CA . THR A 1 8   ? 2.884   -14.209 -34.217 1.00 15.00 ? 8    THR X CA 1 
ATOM 9   C CA . LYS A 1 9   ? 4.184   -10.733 -33.306 1.00 15.00 ? 9    LYS X CA 1 
ATOM 10  C CA . PRO A 1 10  ? 5.450   -9.838  -29.837 1.00 15.00 ? 10   PRO X CA 1 
ATOM 11  C CA . HIS A 1 11  ? 2.792   -9.900  -27.120 1.00 15.00 ? 11   HIS X CA 1 
ATOM 12  C CA . VAL A 1 12  ? 2.259   -6.599  -25.458 1.00 15.00 ? 12   VAL X CA 1 
ATOM 13  C CA . ASN A 1 13  ? -0.385  -6.335  -22.739 1.00 15.00 ? 13   ASN X CA 1 
ATOM 14  C CA . VAL A 1 14  ? -1.842  -2.929  -22.020 1.00 15.00 ? 14   VAL X CA 1 
ATOM 15  C CA . GLY A 1 15  ? -4.903  -1.222  -20.540 1.00 15.00 ? 15   GLY X CA 1 
ATOM 16  C CA . THR A 1 16  ? -7.074  1.743   -19.583 1.00 15.00 ? 16   THR X CA 1 
ATOM 17  C CA . ILE A 1 17  ? -6.839  3.968   -16.491 1.00 15.00 ? 17   ILE X CA 1 
ATOM 18  C CA . GLY A 1 18  ? -8.054  7.457   -15.733 1.00 15.00 ? 18   GLY X CA 1 
ATOM 19  C CA . HIS A 1 19  ? -10.734 9.369   -13.893 1.00 15.00 ? 19   HIS X CA 1 
ATOM 20  C CA . VAL A 1 20  ? -14.244 8.009   -13.565 1.00 15.00 ? 20   VAL X CA 1 
ATOM 21  C CA . ASP A 1 21  ? -17.244 8.348   -15.847 1.00 15.00 ? 21   ASP X CA 1 
ATOM 22  C CA . HIS A 1 22  ? -15.230 9.430   -18.845 1.00 15.00 ? 22   HIS X CA 1 
ATOM 23  C CA . GLY A 1 23  ? -14.084 6.895   -21.422 1.00 15.00 ? 23   GLY X CA 1 
ATOM 24  C CA . LYS A 1 24  ? -12.096 3.916   -20.149 1.00 15.00 ? 24   LYS X CA 1 
ATOM 25  C CA . THR A 1 25  ? -14.633 1.107   -20.219 1.00 15.00 ? 25   THR X CA 1 
ATOM 26  C CA . THR A 1 26  ? -16.340 2.183   -23.430 1.00 15.00 ? 26   THR X CA 1 
ATOM 27  C CA . LEU A 1 27  ? -13.142 3.030   -25.259 1.00 15.00 ? 27   LEU X CA 1 
ATOM 28  C CA . THR A 1 28  ? -12.124 -0.575  -24.593 1.00 15.00 ? 28   THR X CA 1 
ATOM 29  C CA . ALA A 1 29  ? -15.149 -2.008  -26.390 1.00 15.00 ? 29   ALA X CA 1 
ATOM 30  C CA . ALA A 1 30  ? -14.542 0.476   -29.195 1.00 15.00 ? 30   ALA X CA 1 
ATOM 31  C CA . ILE A 1 31  ? -10.941 -0.631  -29.832 1.00 15.00 ? 31   ILE X CA 1 
ATOM 32  C CA . THR A 1 32  ? -12.131 -4.241  -29.802 1.00 15.00 ? 32   THR X CA 1 
ATOM 33  C CA . THR A 1 33  ? -15.033 -3.614  -32.216 1.00 15.00 ? 33   THR X CA 1 
ATOM 34  C CA . VAL A 1 34  ? -13.227 -1.133  -34.424 1.00 15.00 ? 34   VAL X CA 1 
ATOM 35  C CA . LEU A 1 35  ? -10.227 -3.366  -34.901 1.00 15.00 ? 35   LEU X CA 1 
ATOM 36  C CA . ALA A 1 36  ? -12.543 -6.348  -35.399 1.00 15.00 ? 36   ALA X CA 1 
ATOM 37  C CA . LYS A 1 37  ? -12.681 -5.048  -38.950 1.00 15.00 ? 37   LYS X CA 1 
ATOM 38  C CA . THR A 1 38  ? -9.910  -2.589  -39.690 1.00 15.00 ? 38   THR X CA 1 
ATOM 39  C CA . TYR A 1 39  ? -7.683  -5.669  -38.957 1.00 15.00 ? 39   TYR X CA 1 
ATOM 40  C CA . GLY A 1 40  ? -10.415 -8.316  -38.579 1.00 15.00 ? 40   GLY X CA 1 
ATOM 41  C CA . GLY A 1 41  ? -10.185 -9.662  -35.029 1.00 15.00 ? 41   GLY X CA 1 
ATOM 42  C CA . ALA A 1 42  ? -13.305 -10.479 -32.966 1.00 15.00 ? 42   ALA X CA 1 
ATOM 43  C CA . ALA A 1 43  ? -15.009 -7.786  -30.870 1.00 15.00 ? 43   ALA X CA 1 
ATOM 44  C CA . ARG A 1 44  ? -17.203 -7.437  -27.778 1.00 15.00 ? 44   ARG X CA 1 
ATOM 45  C CA . ALA A 1 45  ? -19.470 -4.763  -26.279 1.00 15.00 ? 45   ALA X CA 1 
ATOM 46  C CA . PHE A 1 46  ? -20.037 -2.776  -23.113 1.00 15.00 ? 46   PHE X CA 1 
ATOM 47  C CA . ASP A 1 47  ? -22.673 -5.256  -21.966 1.00 15.00 ? 47   ASP X CA 1 
ATOM 48  C CA . GLN A 1 48  ? -19.830 -7.768  -22.207 1.00 15.00 ? 48   GLN X CA 1 
ATOM 49  C CA . ILE A 1 49  ? -17.008 -5.768  -20.630 1.00 15.00 ? 49   ILE X CA 1 
ATOM 50  C CA . ASP A 1 50  ? -18.891 -4.542  -17.556 1.00 15.00 ? 50   ASP X CA 1 
ATOM 51  C CA . ASN A 1 51  ? -20.644 -7.950  -17.479 1.00 15.00 ? 51   ASN X CA 1 
ATOM 52  C CA . ALA A 1 52  ? -21.093 -7.827  -13.711 1.00 15.00 ? 52   ALA X CA 1 
ATOM 53  C CA . PRO A 1 53  ? -24.627 -6.927  -12.592 1.00 15.00 ? 53   PRO X CA 1 
ATOM 54  C CA . GLU A 1 54  ? -23.564 -4.459  -9.924  1.00 15.00 ? 54   GLU X CA 1 
ATOM 55  C CA . GLU A 1 55  ? -21.611 -2.691  -12.661 1.00 15.00 ? 55   GLU X CA 1 
ATOM 56  C CA . LYS A 1 56  ? -24.760 -2.681  -14.754 1.00 15.00 ? 56   LYS X CA 1 
ATOM 57  C CA . ALA A 1 57  ? -27.077 -1.238  -12.134 1.00 15.00 ? 57   ALA X CA 1 
ATOM 58  C CA . ARG A 1 58  ? -24.482 1.098   -10.648 1.00 15.00 ? 58   ARG X CA 1 
ATOM 59  C CA . GLY A 1 59  ? -23.033 1.867   -14.069 1.00 15.00 ? 59   GLY X CA 1 
ATOM 60  C CA . ILE A 1 60  ? -19.458 2.124   -12.914 1.00 15.00 ? 60   ILE X CA 1 
ATOM 61  C CA . THR A 1 61  ? -17.000 -0.784  -13.375 1.00 15.00 ? 61   THR X CA 1 
ATOM 62  C CA . ILE A 1 62  ? -15.816 -2.399  -10.148 1.00 15.00 ? 62   ILE X CA 1 
ATOM 63  C CA . ASN A 1 63  ? -13.317 -5.100  -11.090 1.00 15.00 ? 63   ASN X CA 1 
ATOM 64  C CA . THR A 1 64  ? -10.869 -5.035  -13.954 1.00 15.00 ? 64   THR X CA 1 
ATOM 65  C CA . SER A 1 65  ? -11.758 -7.306  -16.862 1.00 15.00 ? 65   SER X CA 1 
ATOM 66  C CA . HIS A 1 66  ? -9.478  -8.649  -19.569 1.00 15.00 ? 66   HIS X CA 1 
ATOM 67  C CA . VAL A 1 67  ? -10.029 -8.212  -23.267 1.00 15.00 ? 67   VAL X CA 1 
ATOM 68  C CA . GLU A 1 68  ? -8.012  -8.987  -26.378 1.00 15.00 ? 68   GLU X CA 1 
ATOM 69  C CA . TYR A 1 69  ? -7.477  -7.494  -29.806 1.00 15.00 ? 69   TYR X CA 1 
ATOM 70  C CA . ASP A 1 70  ? -4.929  -7.696  -32.655 1.00 15.00 ? 70   ASP X CA 1 
ATOM 71  C CA . THR A 1 71  ? -2.893  -4.978  -34.419 1.00 15.00 ? 71   THR X CA 1 
ATOM 72  C CA . PRO A 1 72  ? -0.713  -6.016  -37.376 1.00 15.00 ? 72   PRO X CA 1 
ATOM 73  C CA . THR A 1 73  ? 2.690   -5.877  -35.738 1.00 15.00 ? 73   THR X CA 1 
ATOM 74  C CA . ARG A 1 74  ? 1.798   -6.760  -32.105 1.00 15.00 ? 74   ARG X CA 1 
ATOM 75  C CA . HIS A 1 75  ? -0.584  -8.703  -29.902 1.00 15.00 ? 75   HIS X CA 1 
ATOM 76  C CA . TYR A 1 76  ? -2.639  -7.016  -27.240 1.00 15.00 ? 76   TYR X CA 1 
ATOM 77  C CA . ALA A 1 77  ? -3.930  -8.071  -23.832 1.00 15.00 ? 77   ALA X CA 1 
ATOM 78  C CA . HIS A 1 78  ? -6.139  -5.263  -22.588 1.00 15.00 ? 78   HIS X CA 1 
ATOM 79  C CA . VAL A 1 79  ? -7.237  -4.647  -19.054 1.00 15.00 ? 79   VAL X CA 1 
ATOM 80  C CA . ASP A 1 80  ? -9.988  -2.193  -18.181 1.00 15.00 ? 80   ASP X CA 1 
ATOM 81  C CA . CYS A 1 81  ? -9.499  -0.470  -14.855 1.00 15.00 ? 81   CYS X CA 1 
ATOM 82  C CA . PRO A 1 82  ? -12.121 1.097   -12.589 1.00 15.00 ? 82   PRO X CA 1 
ATOM 83  C CA . GLY A 1 83  ? -11.749 4.806   -12.017 1.00 15.00 ? 83   GLY X CA 1 
ATOM 84  C CA . HIS A 1 84  ? -13.874 4.890   -8.878  1.00 15.00 ? 84   HIS X CA 1 
ATOM 85  C CA . ALA A 1 85  ? -11.821 5.935   -5.884  1.00 15.00 ? 85   ALA X CA 1 
ATOM 86  C CA . ASP A 1 86  ? -13.116 3.022   -3.861  1.00 15.00 ? 86   ASP X CA 1 
ATOM 87  C CA . TYR A 1 87  ? -11.411 0.558   -6.144  1.00 15.00 ? 87   TYR X CA 1 
ATOM 88  C CA . VAL A 1 88  ? -7.894  1.938   -6.821  1.00 15.00 ? 88   VAL X CA 1 
ATOM 89  C CA . LYS A 1 89  ? -6.626  -1.100  -4.972  1.00 15.00 ? 89   LYS X CA 1 
ATOM 90  C CA . ASN A 1 90  ? -8.327  -3.196  -7.647  1.00 15.00 ? 90   ASN X CA 1 
ATOM 91  C CA . MET A 1 91  ? -6.749  -1.285  -10.546 1.00 15.00 ? 91   MET X CA 1 
ATOM 92  C CA . ILE A 1 92  ? -3.399  -0.901  -8.812  1.00 15.00 ? 92   ILE X CA 1 
ATOM 93  C CA . THR A 1 93  ? -2.895  -4.621  -9.272  1.00 15.00 ? 93   THR X CA 1 
ATOM 94  C CA . GLY A 1 94  ? -4.072  -4.498  -12.866 1.00 15.00 ? 94   GLY X CA 1 
ATOM 95  C CA . ALA A 1 95  ? -1.800  -1.668  -13.802 1.00 15.00 ? 95   ALA X CA 1 
ATOM 96  C CA . ALA A 1 96  ? 1.159   -3.049  -11.869 1.00 15.00 ? 96   ALA X CA 1 
ATOM 97  C CA . GLN A 1 97  ? 1.568   -5.650  -14.642 1.00 15.00 ? 97   GLN X CA 1 
ATOM 98  C CA . MET A 1 98  ? 1.051   -3.287  -17.593 1.00 15.00 ? 98   MET X CA 1 
ATOM 99  C CA . ASP A 1 99  ? 3.541   -2.746  -20.411 1.00 15.00 ? 99   ASP X CA 1 
ATOM 100 C CA . GLY A 1 100 ? 2.164   0.663   -21.264 1.00 15.00 ? 100  GLY X CA 1 
ATOM 101 C CA . ALA A 1 101 ? -1.059  2.424   -20.366 1.00 15.00 ? 101  ALA X CA 1 
ATOM 102 C CA . ILE A 1 102 ? -3.721  4.349   -22.245 1.00 15.00 ? 102  ILE X CA 1 
ATOM 103 C CA . LEU A 1 103 ? -4.716  7.190   -19.929 1.00 15.00 ? 103  LEU X CA 1 
ATOM 104 C CA . VAL A 1 104 ? -8.221  8.161   -21.095 1.00 15.00 ? 104  VAL X CA 1 
ATOM 105 C CA . VAL A 1 105 ? -9.275  11.753  -20.316 1.00 15.00 ? 105  VAL X CA 1 
ATOM 106 C CA . ALA A 1 106 ? -12.519 13.511  -21.300 1.00 15.00 ? 106  ALA X CA 1 
ATOM 107 C CA . ALA A 1 107 ? -12.292 16.674  -23.383 1.00 15.00 ? 107  ALA X CA 1 
ATOM 108 C CA . THR A 1 108 ? -15.131 18.293  -21.494 1.00 15.00 ? 108  THR X CA 1 
ATOM 109 C CA . ASP A 1 109 ? -13.976 18.195  -17.871 1.00 15.00 ? 109  ASP X CA 1 
ATOM 110 C CA . GLY A 1 110 ? -10.252 17.599  -18.223 1.00 15.00 ? 110  GLY X CA 1 
ATOM 111 C CA . PRO A 1 111 ? -7.885  16.674  -15.368 1.00 15.00 ? 111  PRO X CA 1 
ATOM 112 C CA . MET A 1 112 ? -9.846  15.460  -12.341 1.00 15.00 ? 112  MET X CA 1 
ATOM 113 C CA . PRO A 1 113 ? -8.984  13.832  -9.001  1.00 15.00 ? 113  PRO X CA 1 
ATOM 114 C CA . GLN A 1 114 ? -8.982  10.218  -10.166 1.00 15.00 ? 114  GLN X CA 1 
ATOM 115 C CA . THR A 1 115 ? -6.809  11.283  -13.085 1.00 15.00 ? 115  THR X CA 1 
ATOM 116 C CA . ARG A 1 116 ? -3.966  12.600  -10.957 1.00 15.00 ? 116  ARG X CA 1 
ATOM 117 C CA . GLU A 1 117 ? -4.297  9.608   -8.552  1.00 15.00 ? 117  GLU X CA 1 
ATOM 118 C CA . HIS A 1 118 ? -3.957  7.066   -11.378 1.00 15.00 ? 118  HIS X CA 1 
ATOM 119 C CA . ILE A 1 119 ? -1.085  8.770   -13.118 1.00 15.00 ? 119  ILE X CA 1 
ATOM 120 C CA . LEU A 1 120 ? 0.778   8.951   -9.815  1.00 15.00 ? 120  LEU X CA 1 
ATOM 121 C CA . LEU A 1 121 ? -0.100  5.381   -8.957  1.00 15.00 ? 121  LEU X CA 1 
ATOM 122 C CA . GLY A 1 122 ? 1.075   4.574   -12.444 1.00 15.00 ? 122  GLY X CA 1 
ATOM 123 C CA . ARG A 1 123 ? 4.447   6.237   -12.153 1.00 15.00 ? 123  ARG X CA 1 
ATOM 124 C CA . GLN A 1 124 ? 4.667   4.530   -8.715  1.00 15.00 ? 124  GLN X CA 1 
ATOM 125 C CA . VAL A 1 125 ? 3.960   0.995   -9.846  1.00 15.00 ? 125  VAL X CA 1 
ATOM 126 C CA . GLY A 1 126 ? 5.938   -0.217  -12.889 1.00 15.00 ? 126  GLY X CA 1 
ATOM 127 C CA . VAL A 1 127 ? 4.268   1.139   -16.082 1.00 15.00 ? 127  VAL X CA 1 
ATOM 128 C CA . PRO A 1 128 ? 6.812   2.719   -18.475 1.00 15.00 ? 128  PRO X CA 1 
ATOM 129 C CA . TYR A 1 129 ? 4.597   4.434   -21.052 1.00 15.00 ? 129  TYR X CA 1 
ATOM 130 C CA . ILE A 1 130 ? 1.398   6.454   -21.171 1.00 15.00 ? 130  ILE X CA 1 
ATOM 131 C CA . ILE A 1 131 ? -0.610  7.400   -24.233 1.00 15.00 ? 131  ILE X CA 1 
ATOM 132 C CA . VAL A 1 132 ? -3.220  10.067  -23.412 1.00 15.00 ? 132  VAL X CA 1 
ATOM 133 C CA . PHE A 1 133 ? -6.572  9.832   -25.171 1.00 15.00 ? 133  PHE X CA 1 
ATOM 134 C CA . LEU A 1 134 ? -8.844  12.921  -25.142 1.00 15.00 ? 134  LEU X CA 1 
ATOM 135 C CA . ASN A 1 135 ? -12.336 11.500  -25.142 1.00 15.00 ? 135  ASN X CA 1 
ATOM 136 C CA . LYS A 1 136 ? -15.783 12.893  -25.814 1.00 15.00 ? 136  LYS X CA 1 
ATOM 137 C CA . CYS A 1 137 ? -14.439 15.203  -28.506 1.00 15.00 ? 137  CYS X CA 1 
ATOM 138 C CA . ASP A 1 138 ? -17.901 14.792  -29.950 1.00 15.00 ? 138  ASP X CA 1 
ATOM 139 C CA . MET A 1 139 ? -19.098 17.151  -27.227 1.00 15.00 ? 139  MET X CA 1 
ATOM 140 C CA . VAL A 1 140 ? -16.697 19.983  -27.721 1.00 15.00 ? 140  VAL X CA 1 
ATOM 141 C CA . ASP A 1 141 ? -16.158 21.851  -30.947 1.00 15.00 ? 141  ASP X CA 1 
ATOM 142 C CA . ASP A 1 142 ? -13.758 24.611  -30.035 1.00 15.00 ? 142  ASP X CA 1 
ATOM 143 C CA . GLU A 1 143 ? -10.378 23.608  -31.454 1.00 15.00 ? 143  GLU X CA 1 
ATOM 144 C CA . GLU A 1 144 ? -9.110  26.057  -28.828 1.00 15.00 ? 144  GLU X CA 1 
ATOM 145 C CA . LEU A 1 145 ? -10.543 24.158  -25.858 1.00 15.00 ? 145  LEU X CA 1 
ATOM 146 C CA . LEU A 1 146 ? -8.587  21.020  -26.719 1.00 15.00 ? 146  LEU X CA 1 
ATOM 147 C CA . GLU A 1 147 ? -5.444  23.164  -27.063 1.00 15.00 ? 147  GLU X CA 1 
ATOM 148 C CA . LEU A 1 148 ? -6.083  24.318  -23.515 1.00 15.00 ? 148  LEU X CA 1 
ATOM 149 C CA . VAL A 1 149 ? -6.766  20.889  -21.967 1.00 15.00 ? 149  VAL X CA 1 
ATOM 150 C CA . GLU A 1 150 ? -4.000  18.981  -23.748 1.00 15.00 ? 150  GLU X CA 1 
ATOM 151 C CA . MET A 1 151 ? -1.647  21.761  -22.742 1.00 15.00 ? 151  MET X CA 1 
ATOM 152 C CA . GLU A 1 152 ? -2.702  20.931  -19.182 1.00 15.00 ? 152  GLU X CA 1 
ATOM 153 C CA . VAL A 1 153 ? -2.745  17.118  -19.330 1.00 15.00 ? 153  VAL X CA 1 
ATOM 154 C CA . ARG A 1 154 ? 0.877   17.303  -20.408 1.00 15.00 ? 154  ARG X CA 1 
ATOM 155 C CA . GLU A 1 155 ? 1.955   19.741  -17.700 1.00 15.00 ? 155  GLU X CA 1 
ATOM 156 C CA . LEU A 1 156 ? 0.314   17.215  -15.367 1.00 15.00 ? 156  LEU X CA 1 
ATOM 157 C CA . LEU A 1 157 ? 2.046   14.070  -16.593 1.00 15.00 ? 157  LEU X CA 1 
ATOM 158 C CA . SER A 1 158 ? 5.463   15.753  -16.653 1.00 15.00 ? 158  SER X CA 1 
ATOM 159 C CA . GLN A 1 159 ? 4.733   16.798  -13.065 1.00 15.00 ? 159  GLN X CA 1 
ATOM 160 C CA . TYR A 1 160 ? 4.966   13.165  -11.930 1.00 15.00 ? 160  TYR X CA 1 
ATOM 161 C CA . ASP A 1 161 ? 7.854   12.703  -14.356 1.00 15.00 ? 161  ASP X CA 1 
ATOM 162 C CA . PHE A 1 162 ? 6.618   11.323  -17.622 1.00 15.00 ? 162  PHE X CA 1 
ATOM 163 C CA . PRO A 1 163 ? 7.365   12.245  -21.208 1.00 15.00 ? 163  PRO X CA 1 
ATOM 164 C CA . GLY A 1 164 ? 4.297   14.449  -21.541 1.00 15.00 ? 164  GLY X CA 1 
ATOM 165 C CA . ASP A 1 165 ? 5.744   16.495  -24.346 1.00 15.00 ? 165  ASP X CA 1 
ATOM 166 C CA . ASP A 1 166 ? 6.954   13.567  -26.407 1.00 15.00 ? 166  ASP X CA 1 
ATOM 167 C CA . THR A 1 167 ? 3.689   12.005  -25.207 1.00 15.00 ? 167  THR X CA 1 
ATOM 168 C CA . PRO A 1 168 ? 1.297   11.052  -28.002 1.00 15.00 ? 168  PRO X CA 1 
ATOM 169 C CA . ILE A 1 169 ? -2.325  12.178  -27.714 1.00 15.00 ? 169  ILE X CA 1 
ATOM 170 C CA . VAL A 1 170 ? -5.160  10.902  -29.864 1.00 15.00 ? 170  VAL X CA 1 
ATOM 171 C CA . ARG A 1 171 ? -8.342  13.002  -30.243 1.00 15.00 ? 171  ARG X CA 1 
ATOM 172 C CA . GLY A 1 172 ? -11.517 11.004  -30.594 1.00 15.00 ? 172  GLY X CA 1 
ATOM 173 C CA . SER A 1 173 ? -14.759 9.661   -29.192 1.00 15.00 ? 173  SER X CA 1 
ATOM 174 C CA . ALA A 1 174 ? -15.435 6.166   -27.948 1.00 15.00 ? 174  ALA X CA 1 
ATOM 175 C CA . LEU A 1 175 ? -19.202 5.644   -28.361 1.00 15.00 ? 175  LEU X CA 1 
ATOM 176 C CA . LYS A 1 176 ? -19.050 7.553   -31.611 1.00 15.00 ? 176  LYS X CA 1 
ATOM 177 C CA . ALA A 1 177 ? -16.544 5.042   -32.955 1.00 15.00 ? 177  ALA X CA 1 
ATOM 178 C CA . LEU A 1 178 ? -18.170 2.101   -31.189 1.00 15.00 ? 178  LEU X CA 1 
ATOM 179 C CA . GLU A 1 179 ? -21.387 3.135   -32.872 1.00 15.00 ? 179  GLU X CA 1 
ATOM 180 C CA . GLY A 1 180 ? -20.044 3.374   -36.411 1.00 15.00 ? 180  GLY X CA 1 
ATOM 181 C CA . ASP A 1 181 ? -19.342 6.930   -37.516 1.00 15.00 ? 181  ASP X CA 1 
ATOM 182 C CA . ALA A 1 182 ? -16.127 6.245   -39.381 1.00 15.00 ? 182  ALA X CA 1 
ATOM 183 C CA . GLU A 1 183 ? -14.811 9.792   -38.906 1.00 15.00 ? 183  GLU X CA 1 
ATOM 184 C CA . TRP A 1 184 ? -14.036 8.450   -35.441 1.00 15.00 ? 184  TRP X CA 1 
ATOM 185 C CA . GLU A 1 185 ? -13.353 4.782   -36.104 1.00 15.00 ? 185  GLU X CA 1 
ATOM 186 C CA . ALA A 1 186 ? -10.277 6.274   -37.723 1.00 15.00 ? 186  ALA X CA 1 
ATOM 187 C CA . LYS A 1 187 ? -9.284  7.930   -34.460 1.00 15.00 ? 187  LYS X CA 1 
ATOM 188 C CA . ILE A 1 188 ? -9.508  4.575   -32.704 1.00 15.00 ? 188  ILE X CA 1 
ATOM 189 C CA . LEU A 1 189 ? -6.734  3.436   -35.030 1.00 15.00 ? 189  LEU X CA 1 
ATOM 190 C CA . GLU A 1 190 ? -4.659  6.611   -34.640 1.00 15.00 ? 190  GLU X CA 1 
ATOM 191 C CA . LEU A 1 191 ? -4.372  5.190   -31.111 1.00 15.00 ? 191  LEU X CA 1 
ATOM 192 C CA . ALA A 1 192 ? -4.356  1.523   -31.809 1.00 15.00 ? 192  ALA X CA 1 
ATOM 193 C CA . GLY A 1 193 ? -1.539  2.760   -34.015 1.00 15.00 ? 193  GLY X CA 1 
ATOM 194 C CA . PHE A 1 194 ? 0.643   4.155   -31.238 1.00 15.00 ? 194  PHE X CA 1 
ATOM 195 C CA . LEU A 1 195 ? 0.474   1.021   -29.094 1.00 15.00 ? 195  LEU X CA 1 
ATOM 196 C CA . ASP A 1 196 ? 3.010   -0.295  -31.610 1.00 15.00 ? 196  ASP X CA 1 
ATOM 197 C CA . SER A 1 197 ? 4.667   2.911   -32.731 1.00 15.00 ? 197  SER X CA 1 
ATOM 198 C CA . TYR A 1 198 ? 5.225   3.760   -29.105 1.00 15.00 ? 198  TYR X CA 1 
ATOM 199 C CA . ILE A 1 199 ? 5.416   0.485   -27.099 1.00 15.00 ? 199  ILE X CA 1 
ATOM 200 C CA . PRO A 1 200 ? 8.393   -0.223  -27.781 1.00 15.00 ? 200  PRO X CA 1 
ATOM 201 C CA . GLU A 1 201 ? 8.832   -4.081  -27.791 1.00 15.00 ? 201  GLU X CA 1 
ATOM 202 C CA . PRO A 1 202 ? 8.940   -5.759  -24.334 1.00 15.00 ? 202  PRO X CA 1 
ATOM 203 C CA . GLU A 1 203 ? 11.163  -7.233  -22.452 1.00 15.00 ? 203  GLU X CA 1 
ATOM 204 C CA . ARG A 1 204 ? 10.712  -10.919 -21.668 1.00 15.00 ? 204  ARG X CA 1 
ATOM 205 C CA . ALA A 1 205 ? 13.324  -12.962 -19.794 1.00 15.00 ? 205  ALA X CA 1 
ATOM 206 C CA . ILE A 1 206 ? 13.406  -16.420 -21.441 1.00 15.00 ? 206  ILE X CA 1 
ATOM 207 C CA . ASP A 1 207 ? 17.248  -16.564 -21.225 1.00 15.00 ? 207  ASP X CA 1 
ATOM 208 C CA . LYS A 1 208 ? 16.863  -17.931 -17.699 1.00 15.00 ? 208  LYS X CA 1 
ATOM 209 C CA . PRO A 1 209 ? 15.327  -20.812 -15.598 1.00 15.00 ? 209  PRO X CA 1 
ATOM 210 C CA . PHE A 1 210 ? 11.595  -21.362 -15.082 1.00 15.00 ? 210  PHE X CA 1 
ATOM 211 C CA . LEU A 1 211 ? 9.712   -19.759 -12.206 1.00 15.00 ? 211  LEU X CA 1 
ATOM 212 C CA . LEU A 1 212 ? 6.127   -18.616 -11.732 1.00 15.00 ? 212  LEU X CA 1 
ATOM 213 C CA . PRO A 1 213 ? 4.867   -17.021 -8.517  1.00 15.00 ? 213  PRO X CA 1 
ATOM 214 C CA . ILE A 1 214 ? 1.483   -18.594 -7.946  1.00 15.00 ? 214  ILE X CA 1 
ATOM 215 C CA . GLU A 1 215 ? -1.382  -16.184 -7.496  1.00 15.00 ? 215  GLU X CA 1 
ATOM 216 C CA . ASP A 1 216 ? -4.535  -18.203 -7.835  1.00 15.00 ? 216  ASP X CA 1 
ATOM 217 C CA . VAL A 1 217 ? -5.538  -21.833 -7.614  1.00 15.00 ? 217  VAL X CA 1 
ATOM 218 C CA . PHE A 1 218 ? -8.412  -23.741 -9.176  1.00 15.00 ? 218  PHE X CA 1 
ATOM 219 C CA . SER A 1 219 ? -9.716  -27.300 -9.347  1.00 15.00 ? 219  SER X CA 1 
ATOM 220 C CA . ILE A 1 220 ? -11.096 -28.056 -12.836 1.00 15.00 ? 220  ILE X CA 1 
ATOM 221 C CA . SER A 1 221 ? -13.557 -30.924 -12.644 1.00 15.00 ? 221  SER X CA 1 
ATOM 222 C CA . GLY A 1 222 ? -12.453 -32.431 -15.896 1.00 15.00 ? 222  GLY X CA 1 
ATOM 223 C CA . ARG A 1 223 ? -8.704  -32.132 -15.411 1.00 15.00 ? 223  ARG X CA 1 
ATOM 224 C CA . GLY A 1 224 ? -6.929  -31.576 -12.111 1.00 15.00 ? 224  GLY X CA 1 
ATOM 225 C CA . THR A 1 225 ? -5.629  -28.776 -9.889  1.00 15.00 ? 225  THR X CA 1 
ATOM 226 C CA . VAL A 1 226 ? -4.640  -25.555 -11.607 1.00 15.00 ? 226  VAL X CA 1 
ATOM 227 C CA . VAL A 1 227 ? -2.447  -22.630 -10.572 1.00 15.00 ? 227  VAL X CA 1 
ATOM 228 C CA . THR A 1 228 ? -2.226  -19.335 -12.434 1.00 15.00 ? 228  THR X CA 1 
ATOM 229 C CA . GLY A 1 229 ? 0.237   -16.467 -12.539 1.00 15.00 ? 229  GLY X CA 1 
ATOM 230 C CA . ARG A 1 230 ? 2.575   -14.290 -14.600 1.00 15.00 ? 230  ARG X CA 1 
ATOM 231 C CA . VAL A 1 231 ? 5.602   -16.346 -15.570 1.00 15.00 ? 231  VAL X CA 1 
ATOM 232 C CA . GLU A 1 232 ? 8.563   -14.527 -14.023 1.00 15.00 ? 232  GLU X CA 1 
ATOM 233 C CA . ARG A 1 233 ? 11.078  -15.907 -16.507 1.00 15.00 ? 233  ARG X CA 1 
ATOM 234 C CA . GLY A 1 234 ? 11.944  -18.866 -18.688 1.00 15.00 ? 234  GLY X CA 1 
ATOM 235 C CA . ILE A 1 235 ? 9.368   -21.251 -20.081 1.00 15.00 ? 235  ILE X CA 1 
ATOM 236 C CA . ILE A 1 236 ? 7.514   -24.414 -18.975 1.00 15.00 ? 236  ILE X CA 1 
ATOM 237 C CA . LYS A 1 237 ? 7.202   -26.946 -21.723 1.00 15.00 ? 237  LYS X CA 1 
ATOM 238 C CA . VAL A 1 238 ? 4.252   -29.095 -20.671 1.00 15.00 ? 238  VAL X CA 1 
ATOM 239 C CA . GLY A 1 239 ? 5.507   -32.425 -19.448 1.00 15.00 ? 239  GLY X CA 1 
ATOM 240 C CA . GLU A 1 240 ? 8.502   -30.824 -17.678 1.00 15.00 ? 240  GLU X CA 1 
ATOM 241 C CA . GLU A 1 241 ? 9.177   -31.173 -13.989 1.00 15.00 ? 241  GLU X CA 1 
ATOM 242 C CA . VAL A 1 242 ? 8.375   -28.483 -11.441 1.00 15.00 ? 242  VAL X CA 1 
ATOM 243 C CA . GLU A 1 243 ? 8.790   -27.871 -7.730  1.00 15.00 ? 243  GLU X CA 1 
ATOM 244 C CA . ILE A 1 244 ? 6.150   -26.061 -5.713  1.00 15.00 ? 244  ILE X CA 1 
ATOM 245 C CA . VAL A 1 245 ? 8.557   -24.126 -3.485  1.00 15.00 ? 245  VAL X CA 1 
ATOM 246 C CA . GLY A 1 246 ? 8.036   -22.279 -0.194  1.00 15.00 ? 246  GLY X CA 1 
ATOM 247 C CA . ILE A 1 247 ? 5.479   -21.841 2.607   1.00 15.00 ? 247  ILE X CA 1 
ATOM 248 C CA . LYS A 1 248 ? 4.664   -25.516 2.859   1.00 15.00 ? 248  LYS X CA 1 
ATOM 249 C CA . GLU A 1 249 ? 6.981   -28.496 2.541   1.00 15.00 ? 249  GLU X CA 1 
ATOM 250 C CA . THR A 1 250 ? 8.516   -28.453 -0.959  1.00 15.00 ? 250  THR X CA 1 
ATOM 251 C CA . GLN A 1 251 ? 6.534   -30.566 -3.407  1.00 15.00 ? 251  GLN X CA 1 
ATOM 252 C CA . LYS A 1 252 ? 7.612   -32.170 -6.655  1.00 15.00 ? 252  LYS X CA 1 
ATOM 253 C CA . SER A 1 253 ? 5.380   -32.327 -9.701  1.00 15.00 ? 253  SER X CA 1 
ATOM 254 C CA . THR A 1 254 ? 5.256   -32.544 -13.482 1.00 15.00 ? 254  THR X CA 1 
ATOM 255 C CA . CYS A 1 255 ? 3.404   -30.122 -15.732 1.00 15.00 ? 255  CYS X CA 1 
ATOM 256 C CA . THR A 1 256 ? 0.396   -31.599 -17.451 1.00 15.00 ? 256  THR X CA 1 
ATOM 257 C CA . GLY A 1 257 ? -1.059  -28.593 -19.196 1.00 15.00 ? 257  GLY X CA 1 
ATOM 258 C CA . VAL A 1 258 ? -0.642  -24.876 -19.757 1.00 15.00 ? 258  VAL X CA 1 
ATOM 259 C CA . GLU A 1 259 ? -3.643  -22.901 -20.940 1.00 15.00 ? 259  GLU X CA 1 
ATOM 260 C CA . MET A 1 260 ? -3.841  -19.237 -21.915 1.00 15.00 ? 260  MET X CA 1 
ATOM 261 C CA . PHE A 1 261 ? -7.379  -18.059 -21.264 1.00 15.00 ? 261  PHE X CA 1 
ATOM 262 C CA . ARG A 1 262 ? -9.251  -21.364 -21.686 1.00 15.00 ? 262  ARG X CA 1 
ATOM 263 C CA . LYS A 1 263 ? -7.214  -21.918 -24.880 1.00 15.00 ? 263  LYS X CA 1 
ATOM 264 C CA . LEU A 1 264 ? -4.806  -24.898 -24.876 1.00 15.00 ? 264  LEU X CA 1 
ATOM 265 C CA . LEU A 1 265 ? -1.032  -24.336 -25.059 1.00 15.00 ? 265  LEU X CA 1 
ATOM 266 C CA . ASP A 1 266 ? 2.237   -26.280 -25.077 1.00 15.00 ? 266  ASP X CA 1 
ATOM 267 C CA . GLU A 1 267 ? 4.397   -23.690 -23.349 1.00 15.00 ? 267  GLU X CA 1 
ATOM 268 C CA . GLY A 1 268 ? 4.210   -20.569 -21.222 1.00 15.00 ? 268  GLY X CA 1 
ATOM 269 C CA . ARG A 1 269 ? 6.835   -17.920 -21.767 1.00 15.00 ? 269  ARG X CA 1 
ATOM 270 C CA . ALA A 1 270 ? 7.761   -15.067 -19.460 1.00 15.00 ? 270  ALA X CA 1 
ATOM 271 C CA . GLY A 1 271 ? 5.104   -12.386 -19.185 1.00 15.00 ? 271  GLY X CA 1 
ATOM 272 C CA . GLU A 1 272 ? 2.041   -14.506 -19.864 1.00 15.00 ? 272  GLU X CA 1 
ATOM 273 C CA . ASN A 1 273 ? -0.436  -14.990 -17.039 1.00 15.00 ? 273  ASN X CA 1 
ATOM 274 C CA . VAL A 1 274 ? -1.177  -18.654 -17.657 1.00 15.00 ? 274  VAL X CA 1 
ATOM 275 C CA . GLY A 1 275 ? -2.571  -21.694 -15.917 1.00 15.00 ? 275  GLY X CA 1 
ATOM 276 C CA . VAL A 1 276 ? -0.781  -24.951 -15.065 1.00 15.00 ? 276  VAL X CA 1 
ATOM 277 C CA . LEU A 1 277 ? -1.927  -28.492 -14.298 1.00 15.00 ? 277  LEU X CA 1 
ATOM 278 C CA . LEU A 1 278 ? 0.536   -30.067 -11.783 1.00 15.00 ? 278  LEU X CA 1 
ATOM 279 C CA . ARG A 1 279 ? -0.546  -33.722 -11.473 1.00 15.00 ? 279  ARG X CA 1 
ATOM 280 C CA . GLY A 1 280 ? -1.067  -35.397 -8.128  1.00 15.00 ? 280  GLY X CA 1 
ATOM 281 C CA . ILE A 1 281 ? -1.488  -32.061 -6.345  1.00 15.00 ? 281  ILE X CA 1 
ATOM 282 C CA . LYS A 1 282 ? -4.873  -31.490 -4.741  1.00 15.00 ? 282  LYS X CA 1 
ATOM 283 C CA . ARG A 1 283 ? -6.335  -28.006 -4.073  1.00 15.00 ? 283  ARG X CA 1 
ATOM 284 C CA . GLU A 1 284 ? -5.493  -28.196 -0.378  1.00 15.00 ? 284  GLU X CA 1 
ATOM 285 C CA . GLU A 1 285 ? -1.739  -28.694 -0.943  1.00 15.00 ? 285  GLU X CA 1 
ATOM 286 C CA . ILE A 1 286 ? -0.755  -25.587 -2.874  1.00 15.00 ? 286  ILE X CA 1 
ATOM 287 C CA . GLU A 1 287 ? -1.526  -21.906 -2.331  1.00 15.00 ? 287  GLU X CA 1 
ATOM 288 C CA . ARG A 1 288 ? -0.947  -18.363 -3.491  1.00 15.00 ? 288  ARG X CA 1 
ATOM 289 C CA . GLY A 1 289 ? 2.495   -17.113 -2.645  1.00 15.00 ? 289  GLY X CA 1 
ATOM 290 C CA . GLN A 1 290 ? 4.202   -20.335 -3.582  1.00 15.00 ? 290  GLN X CA 1 
ATOM 291 C CA . VAL A 1 291 ? 6.419   -20.483 -6.657  1.00 15.00 ? 291  VAL X CA 1 
ATOM 292 C CA . LEU A 1 292 ? 6.445   -23.107 -9.377  1.00 15.00 ? 292  LEU X CA 1 
ATOM 293 C CA . ALA A 1 293 ? 9.943   -23.667 -10.780 1.00 15.00 ? 293  ALA X CA 1 
ATOM 294 C CA . LYS A 1 294 ? 12.784  -25.620 -12.360 1.00 15.00 ? 294  LYS X CA 1 
ATOM 295 C CA . PRO A 1 295 ? 13.722  -28.157 -9.701  1.00 15.00 ? 295  PRO X CA 1 
ATOM 296 C CA . GLY A 1 296 ? 16.762  -27.250 -7.607  1.00 15.00 ? 296  GLY X CA 1 
ATOM 297 C CA . THR A 1 297 ? 17.010  -23.670 -8.814  1.00 15.00 ? 297  THR X CA 1 
ATOM 298 C CA . ILE A 1 298 ? 15.386  -22.282 -5.748  1.00 15.00 ? 298  ILE X CA 1 
ATOM 299 C CA . LYS A 1 299 ? 15.138  -23.313 -2.124  1.00 15.00 ? 299  LYS X CA 1 
ATOM 300 C CA . PRO A 1 300 ? 12.876  -21.957 0.635   1.00 15.00 ? 300  PRO X CA 1 
ATOM 301 C CA . HIS A 1 301 ? 13.114  -15.594 4.110   1.00 15.00 ? 301  HIS X CA 1 
ATOM 302 C CA . THR A 1 302 ? 11.699  -13.451 6.906   1.00 15.00 ? 302  THR X CA 1 
ATOM 303 C CA . LYS A 1 303 ? 14.313  -11.096 8.339   1.00 15.00 ? 303  LYS X CA 1 
ATOM 304 C CA . PHE A 1 304 ? 16.743  -9.035  6.299   1.00 15.00 ? 304  PHE X CA 1 
ATOM 305 C CA . GLU A 1 305 ? 18.769  -5.802  6.589   1.00 15.00 ? 305  GLU X CA 1 
ATOM 306 C CA . SER A 1 306 ? 17.909  -3.210  3.987   1.00 15.00 ? 306  SER X CA 1 
ATOM 307 C CA . GLU A 1 307 ? 18.965  0.095   2.521   1.00 15.00 ? 307  GLU X CA 1 
ATOM 308 C CA . VAL A 1 308 ? 15.943  2.255   1.948   1.00 15.00 ? 308  VAL X CA 1 
ATOM 309 C CA . TYR A 1 309 ? 15.152  5.718   0.687   1.00 15.00 ? 309  TYR X CA 1 
ATOM 310 C CA . ILE A 1 310 ? 12.056  7.064   2.401   1.00 15.00 ? 310  ILE X CA 1 
ATOM 311 C CA . LEU A 1 311 ? 10.470  9.453   -0.094  1.00 15.00 ? 311  LEU X CA 1 
ATOM 312 C CA . SER A 1 312 ? 9.596   12.968  1.108   1.00 15.00 ? 312  SER X CA 1 
ATOM 313 C CA . LYS A 1 313 ? 6.165   14.646  1.110   1.00 15.00 ? 313  LYS X CA 1 
ATOM 314 C CA . ASP A 1 314 ? 7.169   16.382  -2.098  1.00 15.00 ? 314  ASP X CA 1 
ATOM 315 C CA . GLU A 1 315 ? 7.233   12.877  -3.533  1.00 15.00 ? 315  GLU X CA 1 
ATOM 316 C CA . GLY A 1 316 ? 3.940   11.875  -1.958  1.00 15.00 ? 316  GLY X CA 1 
ATOM 317 C CA . GLY A 1 317 ? 5.272   10.249  1.199   1.00 15.00 ? 317  GLY X CA 1 
ATOM 318 C CA . ARG A 1 318 ? 5.130   10.602  4.940   1.00 15.00 ? 318  ARG X CA 1 
ATOM 319 C CA . HIS A 1 319 ? 5.548   14.051  6.494   1.00 15.00 ? 319  HIS X CA 1 
ATOM 320 C CA . THR A 1 320 ? 6.008   12.809  10.037  1.00 15.00 ? 320  THR X CA 1 
ATOM 321 C CA . PRO A 1 321 ? 8.936   10.643  11.121  1.00 15.00 ? 321  PRO X CA 1 
ATOM 322 C CA . PHE A 1 322 ? 8.656   6.943   12.024  1.00 15.00 ? 322  PHE X CA 1 
ATOM 323 C CA . PHE A 1 323 ? 10.466  4.891   14.707  1.00 15.00 ? 323  PHE X CA 1 
ATOM 324 C CA . LYS A 1 324 ? 11.085  1.399   16.017  1.00 15.00 ? 324  LYS X CA 1 
ATOM 325 C CA . GLY A 1 325 ? 7.977   -0.644  15.461  1.00 15.00 ? 325  GLY X CA 1 
ATOM 326 C CA . TYR A 1 326 ? 6.715   1.082   12.370  1.00 15.00 ? 326  TYR X CA 1 
ATOM 327 C CA . ARG A 1 327 ? 5.215   -1.707  10.317  1.00 15.00 ? 327  ARG X CA 1 
ATOM 328 C CA . PRO A 1 328 ? 4.060   -0.820  6.795   1.00 15.00 ? 328  PRO X CA 1 
ATOM 329 C CA . GLN A 1 329 ? 3.727   -3.089  3.805   1.00 15.00 ? 329  GLN X CA 1 
ATOM 330 C CA . PHE A 1 330 ? 6.729   -4.275  1.813   1.00 15.00 ? 330  PHE X CA 1 
ATOM 331 C CA . TYR A 1 331 ? 5.930   -4.983  -1.852  1.00 15.00 ? 331  TYR X CA 1 
ATOM 332 C CA . PHE A 1 332 ? 7.842   -7.928  -3.368  1.00 15.00 ? 332  PHE X CA 1 
ATOM 333 C CA . ARG A 1 333 ? 7.192   -8.803  -6.990  1.00 15.00 ? 333  ARG X CA 1 
ATOM 334 C CA . THR A 1 334 ? 3.525   -9.714  -7.160  1.00 15.00 ? 334  THR X CA 1 
ATOM 335 C CA . THR A 1 335 ? 2.465   -8.801  -3.612  1.00 15.00 ? 335  THR X CA 1 
ATOM 336 C CA . ASP A 1 336 ? 3.151   -7.119  -0.332  1.00 15.00 ? 336  ASP X CA 1 
ATOM 337 C CA . VAL A 1 337 ? 3.444   -8.150  3.269   1.00 15.00 ? 337  VAL X CA 1 
ATOM 338 C CA . THR A 1 338 ? 3.509   -6.341  6.547   1.00 15.00 ? 338  THR X CA 1 
ATOM 339 C CA . GLY A 1 339 ? 6.915   -6.469  8.167   1.00 15.00 ? 339  GLY X CA 1 
ATOM 340 C CA . THR A 1 340 ? 8.252   -4.582  11.204  1.00 15.00 ? 340  THR X CA 1 
ATOM 341 C CA . ILE A 1 341 ? 11.117  -2.081  11.290  1.00 15.00 ? 341  ILE X CA 1 
ATOM 342 C CA . GLU A 1 342 ? 14.029  -1.994  13.718  1.00 15.00 ? 342  GLU X CA 1 
ATOM 343 C CA . LEU A 1 343 ? 16.355  1.006   13.487  1.00 15.00 ? 343  LEU X CA 1 
ATOM 344 C CA . PRO A 1 344 ? 20.159  0.966   14.064  1.00 15.00 ? 344  PRO X CA 1 
ATOM 345 C CA . GLU A 1 345 ? 21.639  1.436   17.522  1.00 15.00 ? 345  GLU X CA 1 
ATOM 346 C CA . GLY A 1 346 ? 22.501  5.033   16.798  1.00 15.00 ? 346  GLY X CA 1 
ATOM 347 C CA . VAL A 1 347 ? 19.384  6.187   14.968  1.00 15.00 ? 347  VAL X CA 1 
ATOM 348 C CA . GLU A 1 348 ? 16.140  7.081   16.700  1.00 15.00 ? 348  GLU X CA 1 
ATOM 349 C CA . MET A 1 349 ? 13.954  8.353   13.904  1.00 15.00 ? 349  MET X CA 1 
ATOM 350 C CA . VAL A 1 350 ? 13.540  8.472   10.148  1.00 15.00 ? 350  VAL X CA 1 
ATOM 351 C CA . MET A 1 351 ? 12.414  11.669  8.383   1.00 15.00 ? 351  MET X CA 1 
ATOM 352 C CA . PRO A 1 352 ? 10.745  11.536  4.982   1.00 15.00 ? 352  PRO X CA 1 
ATOM 353 C CA . GLY A 1 353 ? 13.549  12.148  2.504   1.00 15.00 ? 353  GLY X CA 1 
ATOM 354 C CA . ASP A 1 354 ? 16.193  10.477  4.697   1.00 15.00 ? 354  ASP X CA 1 
ATOM 355 C CA . ASN A 1 355 ? 17.983  7.313   3.659   1.00 15.00 ? 355  ASN X CA 1 
ATOM 356 C CA . ILE A 1 356 ? 18.188  4.550   6.215   1.00 15.00 ? 356  ILE X CA 1 
ATOM 357 C CA . LYS A 1 357 ? 19.555  1.122   6.889   1.00 15.00 ? 357  LYS X CA 1 
ATOM 358 C CA . MET A 1 358 ? 16.895  -0.830  8.743   1.00 15.00 ? 358  MET X CA 1 
ATOM 359 C CA . VAL A 1 359 ? 16.314  -4.507  9.521   1.00 15.00 ? 359  VAL X CA 1 
ATOM 360 C CA . VAL A 1 360 ? 12.879  -5.745  8.505   1.00 15.00 ? 360  VAL X CA 1 
ATOM 361 C CA . THR A 1 361 ? 10.932  -8.804  9.656   1.00 15.00 ? 361  THR X CA 1 
ATOM 362 C CA . LEU A 1 362 ? 7.913   -9.755  7.563   1.00 15.00 ? 362  LEU X CA 1 
ATOM 363 C CA . ILE A 1 363 ? 4.998   -11.626 9.031   1.00 15.00 ? 363  ILE X CA 1 
ATOM 364 C CA . HIS A 1 364 ? 5.416   -14.121 6.166   1.00 15.00 ? 364  HIS X CA 1 
ATOM 365 C CA . PRO A 1 365 ? 8.425   -15.664 4.544   1.00 15.00 ? 365  PRO X CA 1 
ATOM 366 C CA . ILE A 1 366 ? 9.075   -14.562 0.961   1.00 15.00 ? 366  ILE X CA 1 
ATOM 367 C CA . ALA A 1 367 ? 11.238  -15.658 -1.957  1.00 15.00 ? 367  ALA X CA 1 
ATOM 368 C CA . MET A 1 368 ? 14.144  -13.263 -1.811  1.00 15.00 ? 368  MET X CA 1 
ATOM 369 C CA . ASP A 1 369 ? 17.793  -13.039 -2.888  1.00 15.00 ? 369  ASP X CA 1 
ATOM 370 C CA . ASP A 1 370 ? 20.202  -10.458 -1.561  1.00 15.00 ? 370  ASP X CA 1 
ATOM 371 C CA . GLY A 1 371 ? 19.831  -7.372  -3.752  1.00 15.00 ? 371  GLY X CA 1 
ATOM 372 C CA . LEU A 1 372 ? 16.131  -7.822  -4.525  1.00 15.00 ? 372  LEU X CA 1 
ATOM 373 C CA . ARG A 1 373 ? 14.412  -4.496  -4.826  1.00 15.00 ? 373  ARG X CA 1 
ATOM 374 C CA . PHE A 1 374 ? 11.150  -3.786  -3.002  1.00 15.00 ? 374  PHE X CA 1 
ATOM 375 C CA . ALA A 1 375 ? 8.738   -0.971  -2.277  1.00 15.00 ? 375  ALA X CA 1 
ATOM 376 C CA . ILE A 1 376 ? 7.043   0.233   0.908   1.00 15.00 ? 376  ILE X CA 1 
ATOM 377 C CA . ARG A 1 377 ? 3.461   1.528   0.824   1.00 15.00 ? 377  ARG X CA 1 
ATOM 378 C CA . GLU A 1 378 ? 1.548   2.367   3.986   1.00 15.00 ? 378  GLU X CA 1 
ATOM 379 C CA . GLY A 1 379 ? -1.828  3.711   4.875   1.00 15.00 ? 379  GLY X CA 1 
ATOM 380 C CA . GLY A 1 380 ? -2.559  4.592   1.278   1.00 15.00 ? 380  GLY X CA 1 
ATOM 381 C CA . ARG A 1 381 ? 0.626   6.048   -0.202  1.00 15.00 ? 381  ARG X CA 1 
ATOM 382 C CA . THR A 1 382 ? 4.127   4.824   -1.147  1.00 15.00 ? 382  THR X CA 1 
ATOM 383 C CA . VAL A 1 383 ? 6.285   5.427   1.891   1.00 15.00 ? 383  VAL X CA 1 
ATOM 384 C CA . GLY A 1 384 ? 9.636   4.522   0.399   1.00 15.00 ? 384  GLY X CA 1 
ATOM 385 C CA . ALA A 1 385 ? 11.826  2.563   -2.017  1.00 15.00 ? 385  ALA X CA 1 
ATOM 386 C CA . GLY A 1 386 ? 14.576  0.156   -1.018  1.00 15.00 ? 386  GLY X CA 1 
ATOM 387 C CA . VAL A 1 387 ? 16.499  -3.065  -1.584  1.00 15.00 ? 387  VAL X CA 1 
ATOM 388 C CA . VAL A 1 388 ? 17.400  -6.245  0.268   1.00 15.00 ? 388  VAL X CA 1 
ATOM 389 C CA . ALA A 1 389 ? 21.013  -5.719  1.232   1.00 15.00 ? 389  ALA X CA 1 
ATOM 390 C CA . LYS A 1 390 ? 21.621  -8.663  3.510   1.00 15.00 ? 390  LYS X CA 1 
ATOM 391 C CA . VAL A 1 391 ? 19.300  -11.516 4.342   1.00 15.00 ? 391  VAL X CA 1 
ATOM 392 C CA . LEU A 1 392 ? 19.326  -12.521 8.006   1.00 15.00 ? 392  LEU X CA 1 
ATOM 393 C CA . SER A 1 393 ? 16.283  -14.837 8.037   1.00 15.00 ? 393  SER X CA 1 
ATOM 394 C CA . ALA B 2 1   ? -23.537 -74.960 33.871  1.00 15.00 ? 1    ALA L CA 1 
ATOM 395 C CA . THR B 2 2   ? -24.235 -78.293 32.174  1.00 15.00 ? 2    THR L CA 1 
ATOM 396 C CA . VAL B 2 3   ? -24.176 -79.286 28.495  1.00 15.00 ? 3    VAL L CA 1 
ATOM 397 C CA . ASN B 2 4   ? -27.979 -79.303 28.507  1.00 15.00 ? 4    ASN L CA 1 
ATOM 398 C CA . GLN B 2 5   ? -28.188 -75.940 30.272  1.00 15.00 ? 5    GLN L CA 1 
ATOM 399 C CA . LEU B 2 6   ? -25.639 -74.734 27.724  1.00 15.00 ? 6    LEU L CA 1 
ATOM 400 C CA . VAL B 2 7   ? -27.324 -76.127 24.608  1.00 15.00 ? 7    VAL L CA 1 
ATOM 401 C CA . ARG B 2 8   ? -30.332 -74.010 25.571  1.00 15.00 ? 8    ARG L CA 1 
ATOM 402 C CA . LYS B 2 9   ? -28.771 -70.758 26.802  1.00 15.00 ? 9    LYS L CA 1 
ATOM 403 C CA . PRO B 2 10  ? -25.013 -70.926 25.987  1.00 15.00 ? 10   PRO L CA 1 
ATOM 404 C CA . ARG B 2 11  ? -22.367 -68.448 27.147  1.00 15.00 ? 11   ARG L CA 1 
ATOM 405 C CA . ALA B 2 12  ? -23.296 -64.834 26.393  1.00 15.00 ? 12   ALA L CA 1 
ATOM 406 C CA . ARG B 2 13  ? -20.682 -62.379 25.116  1.00 15.00 ? 13   ARG L CA 1 
ATOM 407 C CA . LYS B 2 14  ? -20.302 -58.799 26.364  1.00 15.00 ? 14   LYS L CA 1 
ATOM 408 C CA . VAL B 2 15  ? -20.798 -55.717 24.177  1.00 15.00 ? 15   VAL L CA 1 
ATOM 409 C CA . ALA B 2 16  ? -17.497 -53.911 24.755  1.00 15.00 ? 16   ALA L CA 1 
ATOM 410 C CA . LYS B 2 17  ? -18.352 -50.321 25.672  1.00 15.00 ? 17   LYS L CA 1 
ATOM 411 C CA . SER B 2 18  ? -15.827 -48.008 24.007  1.00 15.00 ? 18   SER L CA 1 
ATOM 412 C CA . ASN B 2 19  ? -15.712 -44.873 26.154  1.00 15.00 ? 19   ASN L CA 1 
ATOM 413 C CA . VAL B 2 20  ? -15.667 -42.383 23.265  1.00 15.00 ? 20   VAL L CA 1 
ATOM 414 C CA . PRO B 2 21  ? -18.493 -40.348 21.674  1.00 15.00 ? 21   PRO L CA 1 
ATOM 415 C CA . ALA B 2 22  ? -16.305 -39.375 18.719  1.00 15.00 ? 22   ALA L CA 1 
ATOM 416 C CA . LEU B 2 23  ? -16.292 -43.044 17.719  1.00 15.00 ? 23   LEU L CA 1 
ATOM 417 C CA . GLU B 2 24  ? -16.800 -43.665 14.006  1.00 15.00 ? 24   GLU L CA 1 
ATOM 418 C CA . ALA B 2 25  ? -13.706 -45.821 14.519  1.00 15.00 ? 25   ALA L CA 1 
ATOM 419 C CA . CYS B 2 26  ? -11.294 -42.958 13.864  1.00 15.00 ? 26   CYS L CA 1 
ATOM 420 C CA . PRO B 2 27  ? -7.820  -41.974 15.146  1.00 15.00 ? 27   PRO L CA 1 
ATOM 421 C CA . GLN B 2 28  ? -8.998  -38.367 15.422  1.00 15.00 ? 28   GLN L CA 1 
ATOM 422 C CA . LYS B 2 29  ? -11.852 -35.986 14.582  1.00 15.00 ? 29   LYS L CA 1 
ATOM 423 C CA . ARG B 2 30  ? -12.038 -32.329 13.528  1.00 15.00 ? 30   ARG L CA 1 
ATOM 424 C CA . GLY B 2 31  ? -13.743 -29.735 15.700  1.00 15.00 ? 31   GLY L CA 1 
ATOM 425 C CA . VAL B 2 32  ? -14.424 -26.009 15.988  1.00 15.00 ? 32   VAL L CA 1 
ATOM 426 C CA . CYS B 2 33  ? -13.933 -25.187 19.679  1.00 15.00 ? 33   CYS L CA 1 
ATOM 427 C CA . THR B 2 34  ? -16.888 -23.628 21.510  1.00 15.00 ? 34   THR L CA 1 
ATOM 428 C CA . ARG B 2 35  ? -14.793 -21.917 24.184  1.00 15.00 ? 35   ARG L CA 1 
ATOM 429 C CA . VAL B 2 36  ? -11.677 -22.202 26.347  1.00 15.00 ? 36   VAL L CA 1 
ATOM 430 C CA . TYR B 2 37  ? -12.179 -23.237 29.976  1.00 15.00 ? 37   TYR L CA 1 
ATOM 431 C CA . THR B 2 38  ? -9.882  -23.600 32.978  1.00 15.00 ? 38   THR L CA 1 
ATOM 432 C CA . THR B 2 39  ? -11.808 -25.994 35.228  1.00 15.00 ? 39   THR L CA 1 
ATOM 433 C CA . THR B 2 40  ? -10.346 -27.380 38.452  1.00 15.00 ? 40   THR L CA 1 
ATOM 434 C CA . PRO B 2 41  ? -9.206  -31.014 38.983  1.00 15.00 ? 41   PRO L CA 1 
ATOM 435 C CA . LYS B 2 42  ? -10.562 -33.612 41.410  1.00 15.00 ? 42   LYS L CA 1 
ATOM 436 C CA . LYS B 2 43  ? -10.038 -33.866 45.168  1.00 15.00 ? 43   LYS L CA 1 
ATOM 437 C CA . PRO B 2 44  ? -6.540  -35.437 45.174  1.00 15.00 ? 44   PRO L CA 1 
ATOM 438 C CA . ASN B 2 45  ? -4.978  -32.826 42.879  1.00 15.00 ? 45   ASN L CA 1 
ATOM 439 C CA . SER B 2 46  ? -5.112  -29.051 42.510  1.00 15.00 ? 46   SER L CA 1 
ATOM 440 C CA . ALA B 2 47  ? -4.140  -26.363 39.977  1.00 15.00 ? 47   ALA L CA 1 
ATOM 441 C CA . LEU B 2 48  ? -6.485  -25.312 37.168  1.00 15.00 ? 48   LEU L CA 1 
ATOM 442 C CA . ARG B 2 49  ? -6.050  -27.136 33.851  1.00 15.00 ? 49   ARG L CA 1 
ATOM 443 C CA . LYS B 2 50  ? -7.086  -25.980 30.376  1.00 15.00 ? 50   LYS L CA 1 
ATOM 444 C CA . VAL B 2 51  ? -9.968  -27.536 28.436  1.00 15.00 ? 51   VAL L CA 1 
ATOM 445 C CA . CYS B 2 52  ? -12.480 -26.614 25.732  1.00 15.00 ? 52   CYS L CA 1 
ATOM 446 C CA . ARG B 2 53  ? -15.819 -27.735 24.299  1.00 15.00 ? 53   ARG L CA 1 
ATOM 447 C CA . VAL B 2 54  ? -15.524 -29.000 20.728  1.00 15.00 ? 54   VAL L CA 1 
ATOM 448 C CA . ARG B 2 55  ? -18.217 -29.148 18.047  1.00 15.00 ? 55   ARG L CA 1 
ATOM 449 C CA . LEU B 2 56  ? -16.981 -32.287 16.274  1.00 15.00 ? 56   LEU L CA 1 
ATOM 450 C CA . THR B 2 57  ? -17.666 -32.597 12.544  1.00 15.00 ? 57   THR L CA 1 
ATOM 451 C CA . ASN B 2 58  ? -20.294 -35.220 13.373  1.00 15.00 ? 58   ASN L CA 1 
ATOM 452 C CA . GLY B 2 59  ? -22.173 -32.741 15.544  1.00 15.00 ? 59   GLY L CA 1 
ATOM 453 C CA . PHE B 2 60  ? -21.273 -34.691 18.682  1.00 15.00 ? 60   PHE L CA 1 
ATOM 454 C CA . GLU B 2 61  ? -20.086 -31.920 20.994  1.00 15.00 ? 61   GLU L CA 1 
ATOM 455 C CA . VAL B 2 62  ? -17.489 -32.680 23.665  1.00 15.00 ? 62   VAL L CA 1 
ATOM 456 C CA . THR B 2 63  ? -14.753 -31.019 25.714  1.00 15.00 ? 63   THR L CA 1 
ATOM 457 C CA . SER B 2 64  ? -11.169 -31.911 24.816  1.00 15.00 ? 64   SER L CA 1 
ATOM 458 C CA . TYR B 2 65  ? -8.015  -31.470 26.888  1.00 15.00 ? 65   TYR L CA 1 
ATOM 459 C CA . ILE B 2 66  ? -5.404  -28.984 25.676  1.00 15.00 ? 66   ILE L CA 1 
ATOM 460 C CA . GLY B 2 67  ? -2.233  -30.433 27.180  1.00 15.00 ? 67   GLY L CA 1 
ATOM 461 C CA . GLY B 2 68  ? 1.130   -28.718 26.911  1.00 15.00 ? 68   GLY L CA 1 
ATOM 462 C CA . GLU B 2 69  ? 2.948   -25.961 28.789  1.00 15.00 ? 69   GLU L CA 1 
ATOM 463 C CA . GLY B 2 70  ? 1.376   -23.190 26.736  1.00 15.00 ? 70   GLY L CA 1 
ATOM 464 C CA . HIS B 2 71  ? -2.164  -22.923 25.393  1.00 15.00 ? 71   HIS L CA 1 
ATOM 465 C CA . ASN B 2 72  ? -3.034  -20.805 22.349  1.00 15.00 ? 72   ASN L CA 1 
ATOM 466 C CA . LEU B 2 73  ? -6.540  -21.683 21.176  1.00 15.00 ? 73   LEU L CA 1 
ATOM 467 C CA . GLN B 2 74  ? -9.419  -19.318 20.430  1.00 15.00 ? 74   GLN L CA 1 
ATOM 468 C CA . GLU B 2 75  ? -13.206 -19.457 20.800  1.00 15.00 ? 75   GLU L CA 1 
ATOM 469 C CA . HIS B 2 76  ? -13.426 -20.282 17.087  1.00 15.00 ? 76   HIS L CA 1 
ATOM 470 C CA . SER B 2 77  ? -10.079 -21.881 16.229  1.00 15.00 ? 77   SER L CA 1 
ATOM 471 C CA . VAL B 2 78  ? -10.266 -25.309 14.591  1.00 15.00 ? 78   VAL L CA 1 
ATOM 472 C CA . ILE B 2 79  ? -8.570  -28.124 16.508  1.00 15.00 ? 79   ILE L CA 1 
ATOM 473 C CA . LEU B 2 80  ? -8.318  -31.897 16.094  1.00 15.00 ? 80   LEU L CA 1 
ATOM 474 C CA . ILE B 2 81  ? -9.529  -34.298 18.795  1.00 15.00 ? 81   ILE L CA 1 
ATOM 475 C CA . ARG B 2 82  ? -7.495  -37.453 19.406  1.00 15.00 ? 82   ARG L CA 1 
ATOM 476 C CA . GLY B 2 83  ? -8.558  -39.335 22.525  1.00 15.00 ? 83   GLY L CA 1 
ATOM 477 C CA . GLY B 2 84  ? -6.989  -40.505 25.768  1.00 15.00 ? 84   GLY L CA 1 
ATOM 478 C CA . ARG B 2 85  ? -9.231  -39.399 28.624  1.00 15.00 ? 85   ARG L CA 1 
ATOM 479 C CA . VAL B 2 86  ? -8.080  -37.468 31.687  1.00 15.00 ? 86   VAL L CA 1 
ATOM 480 C CA . LYS B 2 87  ? -8.724  -38.354 35.332  1.00 15.00 ? 87   LYS L CA 1 
ATOM 481 C CA . ASP B 2 88  ? -8.565  -35.053 37.229  1.00 15.00 ? 88   ASP L CA 1 
ATOM 482 C CA . LEU B 2 89  ? -10.926 -33.718 34.554  1.00 15.00 ? 89   LEU L CA 1 
ATOM 483 C CA . PRO B 2 90  ? -14.218 -35.677 34.420  1.00 15.00 ? 90   PRO L CA 1 
ATOM 484 C CA . GLY B 2 91  ? -16.240 -35.780 31.214  1.00 15.00 ? 91   GLY L CA 1 
ATOM 485 C CA . VAL B 2 92  ? -13.025 -34.634 29.549  1.00 15.00 ? 92   VAL L CA 1 
ATOM 486 C CA . ARG B 2 93  ? -12.093 -37.868 27.782  1.00 15.00 ? 93   ARG L CA 1 
ATOM 487 C CA . TYR B 2 94  ? -10.287 -36.252 24.844  1.00 15.00 ? 94   TYR L CA 1 
ATOM 488 C CA . HIS B 2 95  ? -7.246  -34.161 23.927  1.00 15.00 ? 95   HIS L CA 1 
ATOM 489 C CA . THR B 2 96  ? -6.642  -31.630 21.146  1.00 15.00 ? 96   THR L CA 1 
ATOM 490 C CA . VAL B 2 97  ? -3.865  -32.621 18.746  1.00 15.00 ? 97   VAL L CA 1 
ATOM 491 C CA . ARG B 2 98  ? -0.785  -30.453 19.244  1.00 15.00 ? 98   ARG L CA 1 
ATOM 492 C CA . GLY B 2 99  ? 0.421   -28.946 15.984  1.00 15.00 ? 99   GLY L CA 1 
ATOM 493 C CA . ALA B 2 100 ? -2.503  -29.592 13.646  1.00 15.00 ? 100  ALA L CA 1 
ATOM 494 C CA . LEU B 2 101 ? -5.311  -27.708 11.894  1.00 15.00 ? 101  LEU L CA 1 
ATOM 495 C CA . ASP B 2 102 ? -5.919  -24.143 13.085  1.00 15.00 ? 102  ASP L CA 1 
ATOM 496 C CA . CYS B 2 103 ? -4.374  -24.835 16.494  1.00 15.00 ? 103  CYS L CA 1 
ATOM 497 C CA . SER B 2 104 ? -0.852  -24.092 17.727  1.00 15.00 ? 104  SER L CA 1 
ATOM 498 C CA . GLY B 2 105 ? 1.701   -26.122 19.650  1.00 15.00 ? 105  GLY L CA 1 
ATOM 499 C CA . VAL B 2 106 ? 3.890   -25.974 22.750  1.00 15.00 ? 106  VAL L CA 1 
ATOM 500 C CA . LYS B 2 107 ? 6.718   -23.450 22.498  1.00 15.00 ? 107  LYS L CA 1 
ATOM 501 C CA . ASP B 2 108 ? 10.396  -23.784 23.423  1.00 15.00 ? 108  ASP L CA 1 
ATOM 502 C CA . ARG B 2 109 ? 9.880   -27.505 24.087  1.00 15.00 ? 109  ARG L CA 1 
ATOM 503 C CA . LYS B 2 110 ? 12.999  -29.522 23.258  1.00 15.00 ? 110  LYS L CA 1 
ATOM 504 C CA . GLN B 2 111 ? 12.048  -32.899 24.731  1.00 15.00 ? 111  GLN L CA 1 
ATOM 505 C CA . ALA B 2 112 ? 9.451   -35.264 23.275  1.00 15.00 ? 112  ALA L CA 1 
ATOM 506 C CA . ARG B 2 113 ? 9.093   -33.142 20.135  1.00 15.00 ? 113  ARG L CA 1 
ATOM 507 C CA . SER B 2 114 ? 6.832   -35.692 18.431  1.00 15.00 ? 114  SER L CA 1 
ATOM 508 C CA . LYS B 2 115 ? 4.185   -35.032 21.060  1.00 15.00 ? 115  LYS L CA 1 
ATOM 509 C CA . TYR B 2 116 ? 3.167   -31.383 21.429  1.00 15.00 ? 116  TYR L CA 1 
ATOM 510 C CA . GLY B 2 117 ? 3.991   -28.721 18.845  1.00 15.00 ? 117  GLY L CA 1 
ATOM 511 C CA . VAL B 2 118 ? 7.698   -28.740 17.982  1.00 15.00 ? 118  VAL L CA 1 
ATOM 512 C CA . LYS B 2 119 ? 9.810   -29.866 15.021  1.00 15.00 ? 119  LYS L CA 1 
ATOM 513 C CA . ARG B 2 120 ? 13.622  -29.731 15.215  1.00 15.00 ? 120  ARG L CA 1 
ATOM 514 C CA . PRO B 2 121 ? 14.670  -26.731 17.378  1.00 15.00 ? 121  PRO L CA 1 
ATOM 515 C CA . LYS B 2 122 ? 17.012  -23.841 16.584  1.00 15.00 ? 122  LYS L CA 1 
ATOM 516 C CA . ALA B 2 123 ? 19.694  -26.515 16.136  1.00 15.00 ? 123  ALA L CA 1 
ATOM 517 C CA . ALA C 3 1   ? 5.663   55.055  1.011   1.00 15.00 ? 1    ALA I CA 1 
ATOM 518 C CA . LYS C 3 2   ? 6.020   53.404  -2.394  1.00 15.00 ? 2    LYS I CA 1 
ATOM 519 C CA . LYS C 3 3   ? 3.918   51.404  -4.849  1.00 15.00 ? 3    LYS I CA 1 
ATOM 520 C CA . VAL C 3 4   ? 2.105   48.702  -2.879  1.00 15.00 ? 4    VAL I CA 1 
ATOM 521 C CA . GLN C 3 5   ? 2.951   45.151  -3.920  1.00 15.00 ? 5    GLN I CA 1 
ATOM 522 C CA . ALA C 3 6   ? 1.668   41.778  -2.778  1.00 15.00 ? 6    ALA I CA 1 
ATOM 523 C CA . TYR C 3 7   ? 3.421   40.808  0.442   1.00 15.00 ? 7    TYR I CA 1 
ATOM 524 C CA . VAL C 3 8   ? 2.647   39.304  3.831   1.00 15.00 ? 8    VAL I CA 1 
ATOM 525 C CA . LYS C 3 9   ? 3.631   40.612  7.242   1.00 15.00 ? 9    LYS I CA 1 
ATOM 526 C CA . LEU C 3 10  ? 4.179   38.543  10.364  1.00 15.00 ? 10   LEU I CA 1 
ATOM 527 C CA . GLN C 3 11  ? 6.150   38.576  13.598  1.00 15.00 ? 11   GLN I CA 1 
ATOM 528 C CA . VAL C 3 12  ? 8.305   35.484  13.999  1.00 15.00 ? 12   VAL I CA 1 
ATOM 529 C CA . ALA C 3 13  ? 10.696  34.659  16.827  1.00 15.00 ? 13   ALA I CA 1 
ATOM 530 C CA . ALA C 3 14  ? 14.332  35.635  16.394  1.00 15.00 ? 14   ALA I CA 1 
ATOM 531 C CA . GLY C 3 15  ? 16.062  32.302  15.866  1.00 15.00 ? 15   GLY I CA 1 
ATOM 532 C CA . MET C 3 16  ? 13.361  29.834  14.824  1.00 15.00 ? 16   MET I CA 1 
ATOM 533 C CA . ALA C 3 17  ? 10.955  29.152  11.955  1.00 15.00 ? 17   ALA I CA 1 
ATOM 534 C CA . ASN C 3 18  ? 9.170   26.675  9.656   1.00 15.00 ? 18   ASN I CA 1 
ATOM 535 C CA . PRO C 3 19  ? 6.459   25.281  11.925  1.00 15.00 ? 19   PRO I CA 1 
ATOM 536 C CA . SER C 3 20  ? 3.203   24.975  9.970   1.00 15.00 ? 20   SER I CA 1 
ATOM 537 C CA . PRO C 3 21  ? 0.785   26.683  12.395  1.00 15.00 ? 21   PRO I CA 1 
ATOM 538 C CA . PRO C 3 22  ? 3.009   29.709  13.163  1.00 15.00 ? 22   PRO I CA 1 
ATOM 539 C CA . VAL C 3 23  ? 4.273   30.198  9.603   1.00 15.00 ? 23   VAL I CA 1 
ATOM 540 C CA . GLY C 3 24  ? 4.074   27.697  6.746   1.00 15.00 ? 24   GLY I CA 1 
ATOM 541 C CA . PRO C 3 25  ? 0.420   27.972  5.557   1.00 15.00 ? 25   PRO I CA 1 
ATOM 542 C CA . ALA C 3 26  ? 0.339   31.687  6.418   1.00 15.00 ? 26   ALA I CA 1 
ATOM 543 C CA . LEU C 3 27  ? 2.698   32.822  3.660   1.00 15.00 ? 27   LEU I CA 1 
ATOM 544 C CA . GLY C 3 28  ? 2.645   29.358  2.122   1.00 15.00 ? 28   GLY I CA 1 
ATOM 545 C CA . GLN C 3 29  ? -0.693  30.210  0.526   1.00 15.00 ? 29   GLN I CA 1 
ATOM 546 C CA . GLN C 3 30  ? 1.049   33.100  -1.234  1.00 15.00 ? 30   GLN I CA 1 
ATOM 547 C CA . GLY C 3 31  ? 3.484   30.852  -3.065  1.00 15.00 ? 31   GLY I CA 1 
ATOM 548 C CA . VAL C 3 32  ? 6.350   31.597  -0.710  1.00 15.00 ? 32   VAL I CA 1 
ATOM 549 C CA . ASN C 3 33  ? 9.149   29.069  -0.270  1.00 15.00 ? 33   ASN I CA 1 
ATOM 550 C CA . ILE C 3 34  ? 8.958   28.306  3.454   1.00 15.00 ? 34   ILE I CA 1 
ATOM 551 C CA . MET C 3 35  ? 12.238  26.385  3.612   1.00 15.00 ? 35   MET I CA 1 
ATOM 552 C CA . GLU C 3 36  ? 14.273  29.175  2.008   1.00 15.00 ? 36   GLU I CA 1 
ATOM 553 C CA . PHE C 3 37  ? 12.736  31.839  4.236   1.00 15.00 ? 37   PHE I CA 1 
ATOM 554 C CA . CYS C 3 38  ? 13.059  29.891  7.484   1.00 15.00 ? 38   CYS I CA 1 
ATOM 555 C CA . LYS C 3 39  ? 16.787  29.446  6.893   1.00 15.00 ? 39   LYS I CA 1 
ATOM 556 C CA . ALA C 3 40  ? 17.139  32.909  5.370   1.00 15.00 ? 40   ALA I CA 1 
ATOM 557 C CA . PHE C 3 41  ? 15.264  34.640  8.188   1.00 15.00 ? 41   PHE I CA 1 
ATOM 558 C CA . ASN C 3 42  ? 17.030  32.862  11.053  1.00 15.00 ? 42   ASN I CA 1 
ATOM 559 C CA . ALA C 3 43  ? 20.337  33.661  9.355   1.00 15.00 ? 43   ALA I CA 1 
ATOM 560 C CA . LYS C 3 44  ? 20.312  37.427  9.855   1.00 15.00 ? 44   LYS I CA 1 
ATOM 561 C CA . THR C 3 45  ? 18.075  37.307  12.921  1.00 15.00 ? 45   THR I CA 1 
ATOM 562 C CA . ASP C 3 46  ? 20.775  35.614  15.010  1.00 15.00 ? 46   ASP I CA 1 
ATOM 563 C CA . SER C 3 47  ? 23.103  38.553  14.369  1.00 15.00 ? 47   SER I CA 1 
ATOM 564 C CA . ILE C 3 48  ? 20.490  41.297  14.713  1.00 15.00 ? 48   ILE I CA 1 
ATOM 565 C CA . GLU C 3 49  ? 19.240  39.763  17.947  1.00 15.00 ? 49   GLU I CA 1 
ATOM 566 C CA . LYS C 3 50  ? 18.090  36.389  19.285  1.00 15.00 ? 50   LYS I CA 1 
ATOM 567 C CA . GLY C 3 51  ? 15.436  35.808  21.930  1.00 15.00 ? 51   GLY I CA 1 
ATOM 568 C CA . LEU C 3 52  ? 13.281  38.702  20.744  1.00 15.00 ? 52   LEU I CA 1 
ATOM 569 C CA . PRO C 3 53  ? 10.288  38.299  18.404  1.00 15.00 ? 53   PRO I CA 1 
ATOM 570 C CA . ILE C 3 54  ? 10.948  40.483  15.364  1.00 15.00 ? 54   ILE I CA 1 
ATOM 571 C CA . PRO C 3 55  ? 8.220   41.331  12.846  1.00 15.00 ? 55   PRO I CA 1 
ATOM 572 C CA . VAL C 3 56  ? 9.273   40.950  9.216   1.00 15.00 ? 56   VAL I CA 1 
ATOM 573 C CA . VAL C 3 57  ? 7.579   41.983  5.981   1.00 15.00 ? 57   VAL I CA 1 
ATOM 574 C CA . ILE C 3 58  ? 7.794   39.301  3.301   1.00 15.00 ? 58   ILE I CA 1 
ATOM 575 C CA . THR C 3 59  ? 7.426   40.572  -0.256  1.00 15.00 ? 59   THR I CA 1 
ATOM 576 C CA . VAL C 3 60  ? 6.686   37.879  -2.824  1.00 15.00 ? 60   VAL I CA 1 
ATOM 577 C CA . TYR C 3 61  ? 7.027   38.446  -6.562  1.00 15.00 ? 61   TYR I CA 1 
ATOM 578 C CA . ALA C 3 62  ? 5.328   36.936  -9.601  1.00 15.00 ? 62   ALA I CA 1 
ATOM 579 C CA . ASP C 3 63  ? 8.376   34.670  -9.641  1.00 15.00 ? 63   ASP I CA 1 
ATOM 580 C CA . ARG C 3 64  ? 6.868   33.686  -6.277  1.00 15.00 ? 64   ARG I CA 1 
ATOM 581 C CA . SER C 3 65  ? 10.403  34.518  -5.200  1.00 15.00 ? 65   SER I CA 1 
ATOM 582 C CA . PHE C 3 66  ? 10.579  36.906  -2.268  1.00 15.00 ? 66   PHE I CA 1 
ATOM 583 C CA . THR C 3 67  ? 12.428  39.404  -0.120  1.00 15.00 ? 67   THR I CA 1 
ATOM 584 C CA . PHE C 3 68  ? 11.904  40.664  3.414   1.00 15.00 ? 68   PHE I CA 1 
ATOM 585 C CA . VAL C 3 69  ? 12.993  43.531  5.637   1.00 15.00 ? 69   VAL I CA 1 
ATOM 586 C CA . THR C 3 70  ? 13.652  42.956  9.325   1.00 15.00 ? 70   THR I CA 1 
ATOM 587 C CA . LYS C 3 71  ? 12.459  45.824  11.515  1.00 15.00 ? 71   LYS I CA 1 
ATOM 588 C CA . THR C 3 72  ? 12.602  46.306  15.283  1.00 15.00 ? 72   THR I CA 1 
ATOM 589 C CA . PRO C 3 73  ? 12.603  45.416  19.604  1.00 15.00 ? 73   PRO I CA 1 
ATOM 590 C CA . PRO C 3 74  ? 9.063   46.285  20.795  1.00 15.00 ? 74   PRO I CA 1 
ATOM 591 C CA . ALA C 3 75  ? 8.668   48.898  23.533  1.00 15.00 ? 75   ALA I CA 1 
ATOM 592 C CA . ALA C 3 76  ? 6.945   46.345  25.762  1.00 15.00 ? 76   ALA I CA 1 
ATOM 593 C CA . VAL C 3 77  ? 9.856   43.907  25.550  1.00 15.00 ? 77   VAL I CA 1 
ATOM 594 C CA . LEU C 3 78  ? 12.534  46.532  26.194  1.00 15.00 ? 78   LEU I CA 1 
ATOM 595 C CA . LEU C 3 79  ? 10.518  47.746  29.166  1.00 15.00 ? 79   LEU I CA 1 
ATOM 596 C CA . LYS C 3 80  ? 10.269  44.186  30.450  1.00 15.00 ? 80   LYS I CA 1 
ATOM 597 C CA . LYS C 3 81  ? 14.031  43.678  30.342  1.00 15.00 ? 81   LYS I CA 1 
ATOM 598 C CA . ALA C 3 82  ? 14.631  47.153  31.757  1.00 15.00 ? 82   ALA I CA 1 
ATOM 599 C CA . ALA C 3 83  ? 12.155  46.348  34.525  1.00 15.00 ? 83   ALA I CA 1 
ATOM 600 C CA . GLY C 3 84  ? 13.862  43.001  34.948  1.00 15.00 ? 84   GLY I CA 1 
ATOM 601 C CA . ILE C 3 85  ? 10.505  41.245  34.778  1.00 15.00 ? 85   ILE I CA 1 
ATOM 602 C CA . LYS C 3 86  ? 9.379   38.390  32.536  1.00 15.00 ? 86   LYS I CA 1 
ATOM 603 C CA . SER C 3 87  ? 5.766   39.455  31.954  1.00 15.00 ? 87   SER I CA 1 
ATOM 604 C CA . GLY C 3 88  ? 3.341   42.362  32.101  1.00 15.00 ? 88   GLY I CA 1 
ATOM 605 C CA . SER C 3 89  ? 0.947   43.283  34.909  1.00 15.00 ? 89   SER I CA 1 
ATOM 606 C CA . GLY C 3 90  ? -2.095  41.255  33.884  1.00 15.00 ? 90   GLY I CA 1 
ATOM 607 C CA . LYS C 3 91  ? -4.037  44.034  35.583  1.00 15.00 ? 91   LYS I CA 1 
ATOM 608 C CA . PRO C 3 92  ? -2.129  47.251  34.614  1.00 15.00 ? 92   PRO I CA 1 
ATOM 609 C CA . ASN C 3 93  ? -2.161  50.285  36.919  1.00 15.00 ? 93   ASN I CA 1 
ATOM 610 C CA . LYS C 3 94  ? -4.124  48.224  39.440  1.00 15.00 ? 94   LYS I CA 1 
ATOM 611 C CA . ASP C 3 95  ? -1.019  46.265  40.341  1.00 15.00 ? 95   ASP I CA 1 
ATOM 612 C CA . LYS C 3 96  ? 2.532   47.350  39.557  1.00 15.00 ? 96   LYS I CA 1 
ATOM 613 C CA . VAL C 3 97  ? 4.722   44.428  38.483  1.00 15.00 ? 97   VAL I CA 1 
ATOM 614 C CA . GLY C 3 98  ? 7.840   46.553  38.186  1.00 15.00 ? 98   GLY I CA 1 
ATOM 615 C CA . LYS C 3 99  ? 9.328   50.012  37.744  1.00 15.00 ? 99   LYS I CA 1 
ATOM 616 C CA . ILE C 3 100 ? 11.698  51.901  35.452  1.00 15.00 ? 100  ILE I CA 1 
ATOM 617 C CA . SER C 3 101 ? 13.737  55.031  36.146  1.00 15.00 ? 101  SER I CA 1 
ATOM 618 C CA . ARG C 3 102 ? 13.025  57.945  33.799  1.00 15.00 ? 102  ARG I CA 1 
ATOM 619 C CA . ALA C 3 103 ? 16.631  57.637  32.659  1.00 15.00 ? 103  ALA I CA 1 
ATOM 620 C CA . GLN C 3 104 ? 15.962  54.149  31.299  1.00 15.00 ? 104  GLN I CA 1 
ATOM 621 C CA . LEU C 3 105 ? 12.850  55.397  29.506  1.00 15.00 ? 105  LEU I CA 1 
ATOM 622 C CA . GLN C 3 106 ? 15.149  57.790  27.679  1.00 15.00 ? 106  GLN I CA 1 
ATOM 623 C CA . GLU C 3 107 ? 17.450  54.877  26.812  1.00 15.00 ? 107  GLU I CA 1 
ATOM 624 C CA . ILE C 3 108 ? 14.607  52.810  25.360  1.00 15.00 ? 108  ILE I CA 1 
ATOM 625 C CA . ALA C 3 109 ? 13.278  55.893  23.594  1.00 15.00 ? 109  ALA I CA 1 
ATOM 626 C CA . GLN C 3 110 ? 16.788  56.283  22.168  1.00 15.00 ? 110  GLN I CA 1 
ATOM 627 C CA . THR C 3 111 ? 16.915  52.684  20.953  1.00 15.00 ? 111  THR I CA 1 
ATOM 628 C CA . LYS C 3 112 ? 13.518  52.742  19.241  1.00 15.00 ? 112  LYS I CA 1 
ATOM 629 C CA . ALA C 3 113 ? 14.178  56.290  18.010  1.00 15.00 ? 113  ALA I CA 1 
ATOM 630 C CA . ALA C 3 114 ? 14.707  54.940  14.494  1.00 15.00 ? 114  ALA I CA 1 
ATOM 631 C CA . ASP C 3 115 ? 11.226  53.408  14.546  1.00 15.00 ? 115  ASP I CA 1 
ATOM 632 C CA . MET C 3 116 ? 9.711   56.323  16.466  1.00 15.00 ? 116  MET I CA 1 
ATOM 633 C CA . THR C 3 117 ? 8.098   59.367  14.856  1.00 15.00 ? 117  THR I CA 1 
ATOM 634 C CA . GLY C 3 118 ? 8.964   61.605  17.798  1.00 15.00 ? 118  GLY I CA 1 
ATOM 635 C CA . ALA C 3 119 ? 10.372  64.953  16.715  1.00 15.00 ? 119  ALA I CA 1 
ATOM 636 C CA . ASP C 3 120 ? 12.354  65.251  19.956  1.00 15.00 ? 120  ASP I CA 1 
ATOM 637 C CA . ILE C 3 121 ? 13.745  63.020  22.709  1.00 15.00 ? 121  ILE I CA 1 
ATOM 638 C CA . GLU C 3 122 ? 11.184  64.218  25.249  1.00 15.00 ? 122  GLU I CA 1 
ATOM 639 C CA . ALA C 3 123 ? 8.531   63.184  22.736  1.00 15.00 ? 123  ALA I CA 1 
ATOM 640 C CA . MET C 3 124 ? 9.857   59.655  22.220  1.00 15.00 ? 124  MET I CA 1 
ATOM 641 C CA . THR C 3 125 ? 10.109  59.198  25.984  1.00 15.00 ? 125  THR I CA 1 
ATOM 642 C CA . ARG C 3 126 ? 6.465   60.174  26.385  1.00 15.00 ? 126  ARG I CA 1 
ATOM 643 C CA . SER C 3 127 ? 5.585   57.507  23.806  1.00 15.00 ? 127  SER I CA 1 
ATOM 644 C CA . ILE C 3 128 ? 7.587   54.895  25.711  1.00 15.00 ? 128  ILE I CA 1 
ATOM 645 C CA . GLU C 3 129 ? 5.744   55.892  28.887  1.00 15.00 ? 129  GLU I CA 1 
ATOM 646 C CA . GLY C 3 130 ? 2.510   54.987  27.129  1.00 15.00 ? 130  GLY I CA 1 
ATOM 647 C CA . THR C 3 131 ? 3.631   51.383  26.765  1.00 15.00 ? 131  THR I CA 1 
ATOM 648 C CA . ALA C 3 132 ? 4.840   51.220  30.368  1.00 15.00 ? 132  ALA I CA 1 
ATOM 649 C CA . ARG C 3 133 ? 1.479   52.419  31.681  1.00 15.00 ? 133  ARG I CA 1 
ATOM 650 C CA . SER C 3 134 ? -0.198  49.631  29.724  1.00 15.00 ? 134  SER I CA 1 
ATOM 651 C CA . MET C 3 135 ? 2.097   46.937  31.119  1.00 15.00 ? 135  MET I CA 1 
ATOM 652 C CA . GLY C 3 136 ? 1.892   47.799  34.807  1.00 15.00 ? 136  GLY I CA 1 
ATOM 653 C CA . LEU C 3 137 ? 5.365   49.320  34.841  1.00 15.00 ? 137  LEU I CA 1 
ATOM 654 C CA . VAL C 3 138 ? 5.739   52.577  36.741  1.00 15.00 ? 138  VAL I CA 1 
ATOM 655 C CA . VAL C 3 139 ? 8.521   55.081  36.209  1.00 15.00 ? 139  VAL I CA 1 
ATOM 656 C CA . GLU C 3 140 ? 10.447  56.770  38.995  1.00 15.00 ? 140  GLU I CA 1 
ATOM 657 C CA . ASP C 3 141 ? 11.439  60.307  38.046  1.00 15.00 ? 141  ASP I CA 1 
ATOM 658 P P  . C   D 4 1   ? -8.490  -10.119 -5.408  1.00 15.00 ? 2    C   Y P  1 
ATOM 659 P P  . G   D 4 2   ? -11.874 -5.312  -3.521  1.00 15.00 ? 3    G   Y P  1 
ATOM 660 P P  . G   D 4 3   ? -15.721 -3.004  1.951   1.00 15.00 ? 4    G   Y P  1 
ATOM 661 P P  . A   D 4 4   ? -18.577 -2.823  8.106   1.00 15.00 ? 5    A   Y P  1 
ATOM 662 P P  . U   D 4 5   ? -19.567 -3.888  13.995  1.00 15.00 ? 6    U   Y P  1 
ATOM 663 P P  . U   D 4 6   ? -17.141 -5.476  19.378  1.00 15.00 ? 7    U   Y P  1 
ATOM 664 P P  . U   D 4 7   ? -12.504 -2.286  23.257  1.00 15.00 ? 8    U   Y P  1 
ATOM 665 P P  . A   D 4 8   ? -9.713  -2.086  27.138  1.00 15.00 ? 9    A   Y P  1 
ATOM 666 P P  . G   D 4 9   ? -4.923  -1.843  30.330  1.00 15.00 ? 10   G   Y P  1 
ATOM 667 P P  . C   D 4 10  ? -7.963  -6.416  27.828  1.00 15.00 ? 11   C   Y P  1 
ATOM 668 P P  . U   D 4 11  ? -12.872 -9.315  27.452  1.00 15.00 ? 12   U   Y P  1 
ATOM 669 P P  . C   D 4 12  ? -18.790 -8.398  27.876  1.00 15.00 ? 13   C   Y P  1 
ATOM 670 P P  . A   D 4 13  ? -21.631 -1.871  28.543  1.00 15.00 ? 14   A   Y P  1 
ATOM 671 P P  . G   D 4 14  ? -24.040 3.757   30.537  1.00 15.00 ? 15   G   Y P  1 
ATOM 672 P P  . U   D 4 15  ? -23.739 9.644   30.373  1.00 15.00 ? 16   U   Y P  1 
ATOM 673 P P  . U   D 4 16  ? -21.978 14.413  27.458  1.00 15.00 ? 17   U   Y P  1 
ATOM 674 P P  . G   D 4 17  ? -19.134 16.409  23.187  1.00 15.00 ? 18   G   Y P  1 
ATOM 675 P P  . G   D 4 18  ? -15.258 16.209  28.566  1.00 15.00 ? 19   G   Y P  1 
ATOM 676 P P  . G   D 4 19  ? -12.624 18.498  34.131  1.00 15.00 ? 20   G   Y P  1 
ATOM 677 P P  . A   D 4 20  ? -8.752  13.051  33.014  1.00 15.00 ? 21   A   Y P  1 
ATOM 678 P P  . G   D 4 21  ? -10.266 7.339   37.164  1.00 15.00 ? 22   G   Y P  1 
ATOM 679 P P  . A   D 4 22  ? -13.684 2.967   41.111  1.00 15.00 ? 23   A   Y P  1 
ATOM 680 P P  . G   D 4 23  ? -16.173 -1.734  43.411  1.00 15.00 ? 24   G   Y P  1 
ATOM 681 P P  . C   D 4 24  ? -15.238 -7.805  43.240  1.00 15.00 ? 25   C   Y P  1 
ATOM 682 P P  . G   D 4 25  ? -11.820 -16.172 41.966  1.00 15.00 ? 26   G   Y P  1 
ATOM 683 P P  . C   D 4 26  ? -5.734  -17.579 42.269  1.00 15.00 ? 27   C   Y P  1 
ATOM 684 P P  . C   D 4 27  ? -0.972  -15.133 45.028  1.00 15.00 ? 28   C   Y P  1 
ATOM 685 P P  . A   D 4 28  ? 3.147   -13.524 49.061  1.00 15.00 ? 29   A   Y P  1 
ATOM 686 P P  . G   D 4 29  ? 4.109   -14.278 55.179  1.00 15.00 ? 30   G   Y P  1 
ATOM 687 P P  . A   D 4 30  ? 3.425   -17.122 60.497  1.00 15.00 ? 31   A   Y P  1 
ATOM 688 P P  . C   D 4 31  ? 2.298   -20.898 61.862  1.00 15.00 ? 32   C   Y P  1 
ATOM 689 P P  . U   D 4 32  ? 1.934   -27.154 60.806  1.00 15.00 ? 33   U   Y P  1 
ATOM 690 P P  . G   D 4 33  ? 1.854   -30.858 57.578  1.00 15.00 ? 34   G   Y P  1 
ATOM 691 P P  . A   D 4 34  ? 1.814   -26.632 53.732  1.00 15.00 ? 35   A   Y P  1 
ATOM 692 P P  . A   D 4 35  ? -2.519  -23.495 50.645  1.00 15.00 ? 36   A   Y P  1 
ATOM 693 P P  . G   D 4 36  ? -8.468  -22.263 49.818  1.00 15.00 ? 37   G   Y P  1 
ATOM 694 P P  . A   D 4 37  ? -13.814 -22.053 52.616  1.00 15.00 ? 38   A   Y P  1 
ATOM 695 P P  . U   D 4 38  ? -15.573 -20.255 57.716  1.00 15.00 ? 39   U   Y P  1 
ATOM 696 P P  . C   D 4 39  ? -13.574 -15.999 61.117  1.00 15.00 ? 40   C   Y P  1 
ATOM 697 P P  . U   D 4 40  ? -10.785 -11.939 62.631  1.00 15.00 ? 41   U   Y P  1 
ATOM 698 P P  . G   D 4 41  ? -8.836  -6.982  60.977  1.00 15.00 ? 42   G   Y P  1 
ATOM 699 P P  . G   D 4 42  ? -6.437  -2.763  57.036  1.00 15.00 ? 43   G   Y P  1 
ATOM 700 P P  . A   D 4 43  ? -3.169  -1.711  50.837  1.00 15.00 ? 44   A   Y P  1 
ATOM 701 P P  . G   D 4 44  ? -0.039  -1.738  46.551  1.00 15.00 ? 45   G   Y P  1 
ATOM 702 P P  . G   D 4 45  ? -0.082  -0.168  41.934  1.00 15.00 ? 46   G   Y P  1 
ATOM 703 P P  . U   D 4 46  ? 0.482   0.446   35.974  1.00 15.00 ? 47   U   Y P  1 
ATOM 704 P P  . C   D 4 47  ? -1.466  6.488   33.564  1.00 15.00 ? 48   C   Y P  1 
ATOM 705 P P  . C   D 4 48  ? -5.666  4.957   28.318  1.00 15.00 ? 49   C   Y P  1 
ATOM 706 P P  . U   D 4 49  ? -5.911  -0.796  23.245  1.00 15.00 ? 50   U   Y P  1 
ATOM 707 P P  . G   D 4 50  ? -1.063  -0.169  19.967  1.00 15.00 ? 51   G   Y P  1 
ATOM 708 P P  . U   D 4 51  ? 1.795   2.652   15.864  1.00 15.00 ? 52   U   Y P  1 
ATOM 709 P P  . G   D 4 52  ? 0.544   8.631   12.529  1.00 15.00 ? 53   G   Y P  1 
ATOM 710 P P  . U   D 4 53  ? -1.906  13.627  10.221  1.00 15.00 ? 54   U   Y P  1 
ATOM 711 P P  . U   D 4 54  ? -4.612  18.457  11.107  1.00 15.00 ? 55   U   Y P  1 
ATOM 712 P P  . C   D 4 55  ? -4.340  22.289  14.817  1.00 15.00 ? 56   C   Y P  1 
ATOM 713 P P  . G   D 4 56  ? -2.332  18.787  18.844  1.00 15.00 ? 57   G   Y P  1 
ATOM 714 P P  . A   D 4 57  ? -3.779  14.541  21.902  1.00 15.00 ? 58   A   Y P  1 
ATOM 715 P P  . U   D 4 58  ? -6.758  9.632   24.304  1.00 15.00 ? 59   U   Y P  1 
ATOM 716 P P  . C   D 4 59  ? -10.382 8.079   20.686  1.00 15.00 ? 60   C   Y P  1 
ATOM 717 P P  . C   D 4 60  ? -15.912 7.334   17.220  1.00 15.00 ? 61   C   Y P  1 
ATOM 718 P P  . A   D 4 61  ? -15.346 8.280   11.849  1.00 15.00 ? 62   A   Y P  1 
ATOM 719 P P  . C   D 4 62  ? -12.810 6.588   7.046   1.00 15.00 ? 63   C   Y P  1 
ATOM 720 P P  . A   D 4 63  ? -9.473  1.783   5.041   1.00 15.00 ? 64   A   Y P  1 
ATOM 721 P P  . G   D 4 64  ? -6.189  -4.391  5.715   1.00 15.00 ? 65   G   Y P  1 
ATOM 722 P P  . A   D 4 65  ? -2.214  -11.758 7.154   1.00 15.00 ? 66   A   Y P  1 
ATOM 723 P P  . A   D 4 66  ? -4.835  -16.198 9.836   1.00 15.00 ? 67   A   Y P  1 
ATOM 724 P P  . U   D 4 67  ? -9.938  -19.098 12.182  1.00 15.00 ? 68   U   Y P  1 
ATOM 725 P P  . U   D 4 68  ? -15.844 -19.399 13.117  1.00 15.00 ? 69   U   Y P  1 
ATOM 726 P P  . C   D 4 69  ? -21.701 -17.415 9.735   1.00 15.00 ? 70   C   Y P  1 
ATOM 727 P P  . G   D 4 70  ? -25.369 -14.293 6.154   1.00 15.00 ? 71   G   Y P  1 
ATOM 728 P P  . C   D 4 71  ? -25.964 -12.480 -0.618  1.00 15.00 ? 72   C   Y P  1 
ATOM 729 P P  . A   D 4 72  ? -23.498 -12.557 -7.104  1.00 15.00 ? 73   A   Y P  1 
ATOM 730 P P  . C   D 4 73  ? -19.744 -14.521 -12.362 1.00 15.00 ? 74   C   Y P  1 
ATOM 731 P P  . C   D 4 74  ? -16.423 -18.050 -15.644 1.00 15.00 ? 75   C   Y P  1 
ATOM 732 P P  . C   E 5 1   ? -5.198  -44.614 39.566  1.00 15.00 ? 526  C   A P  1 
ATOM 733 P P  . G   E 5 2   ? -2.655  -43.758 44.860  1.00 15.00 ? 527  G   A P  1 
ATOM 734 P P  . C   E 5 3   ? 2.783   -39.401 45.052  1.00 15.00 ? 528  C   A P  1 
ATOM 735 P P  . G   E 5 4   ? 6.516   -34.988 44.284  1.00 15.00 ? 529  G   A P  1 
ATOM 736 P P  . G   E 5 5   ? 7.396   -30.109 45.296  1.00 15.00 ? 530  G   A P  1 
ATOM 737 P P  . U   E 5 6   ? 8.595   -26.716 49.384  1.00 15.00 ? 531  U   A P  1 
ATOM 738 P P  . A   E 5 7   ? 13.840  -28.848 49.511  1.00 15.00 ? 532  A   A P  1 
ATOM 739 P P  . A   E 5 8   ? 14.595  -30.658 44.804  1.00 15.00 ? 533  A   A P  1 
ATOM 740 P P  . U   E 5 9   ? 15.321  -37.068 42.180  1.00 15.00 ? 534  U   A P  1 
ATOM 741 P P  . G   F 6 1   ? -34.229 -36.641 44.429  1.00 15.00 ? 1487 G   C P  1 
ATOM 742 P P  . G   F 6 2   ? -28.467 -39.502 44.440  1.00 15.00 ? 1488 G   C P  1 
ATOM 743 P P  . G   F 6 3   ? -25.701 -45.125 43.462  1.00 15.00 ? 1489 G   C P  1 
ATOM 744 P P  . C   F 6 4   ? -20.137 -43.748 44.176  1.00 15.00 ? 1490 C   C P  1 
ATOM 745 P P  . G   F 6 5   ? -17.152 -38.558 44.473  1.00 15.00 ? 1491 G   C P  1 
ATOM 746 P P  . A   F 6 6   ? -16.112 -33.461 45.230  1.00 15.00 ? 1492 A   C P  1 
ATOM 747 P P  . A   F 6 7   ? -19.815 -29.393 47.418  1.00 15.00 ? 1493 A   C P  1 
ATOM 748 P P  . G   F 6 8   ? -23.348 -26.669 49.575  1.00 15.00 ? 1494 G   C P  1 
ATOM 749 P P  . U   F 6 9   ? -28.532 -24.559 51.481  1.00 15.00 ? 1495 U   C P  1 
ATOM 750 P P  . C   F 6 10  ? -33.425 -25.531 53.787  1.00 15.00 ? 1496 C   C P  1 
ATOM 751 P P  . G   F 6 11  ? -25.942 -24.370 64.175  1.00 15.00 ? 1497 G   C P  1 
ATOM 752 P P  . A   G 7 1   ? -15.549 54.853  -5.674  1.00 15.00 ? 1054 A   B P  1 
ATOM 753 P P  . G   G 7 2   ? -10.333 54.232  -2.141  1.00 15.00 ? 1055 G   B P  1 
ATOM 754 P P  . G   G 7 3   ? -7.129  54.434  2.715   1.00 15.00 ? 1056 G   B P  1 
ATOM 755 P P  . A   G 7 4   ? -5.427  52.379  7.942   1.00 15.00 ? 1057 A   B P  1 
ATOM 756 P P  . U   G 7 5   ? 0.524   51.347  8.161   1.00 15.00 ? 1058 U   B P  1 
ATOM 757 P P  . G   G 7 6   ? 4.643   50.517  12.062  1.00 15.00 ? 1059 G   B P  1 
ATOM 758 P P  . U   G 7 7   ? 6.560   48.669  17.042  1.00 15.00 ? 1060 U   B P  1 
ATOM 759 P P  . U   G 7 8   ? 1.902   46.058  13.271  1.00 15.00 ? 1061 U   B P  1 
ATOM 760 P P  . G   G 7 9   ? -1.454  45.220  18.455  1.00 15.00 ? 1062 G   B P  1 
ATOM 761 P P  . G   G 7 10  ? 2.619   44.167  22.772  1.00 15.00 ? 1063 G   B P  1 
ATOM 762 P P  . C   G 7 11  ? 3.292   41.265  27.491  1.00 15.00 ? 1064 C   B P  1 
ATOM 763 P P  . U   G 7 12  ? 1.185   36.786  30.726  1.00 15.00 ? 1065 U   B P  1 
ATOM 764 P P  . U   G 7 13  ? -1.776  31.932  30.290  1.00 15.00 ? 1066 U   B P  1 
ATOM 765 P P  . A   G 7 14  ? -2.279  27.436  26.604  1.00 15.00 ? 1067 A   B P  1 
ATOM 766 P P  . G   G 7 15  ? 0.534   30.536  22.611  1.00 15.00 ? 1068 G   B P  1 
ATOM 767 P P  . A   G 7 16  ? -0.669  35.215  19.859  1.00 15.00 ? 1069 A   B P  1 
ATOM 768 P P  . A   G 7 17  ? -3.820  40.504  20.541  1.00 15.00 ? 1070 A   B P  1 
ATOM 769 P P  . G   G 7 18  ? -4.495  44.348  14.249  1.00 15.00 ? 1071 G   B P  1 
ATOM 770 P P  . C   G 7 19  ? -8.037  42.686  18.573  1.00 15.00 ? 1072 C   B P  1 
ATOM 771 P P  . A   G 7 20  ? -11.608 38.728  19.221  1.00 15.00 ? 1073 A   B P  1 
ATOM 772 P P  . G   G 7 21  ? -15.086 39.357  23.670  1.00 15.00 ? 1074 G   B P  1 
ATOM 773 P P  . C   G 7 22  ? -14.088 41.399  29.023  1.00 15.00 ? 1075 C   B P  1 
ATOM 774 P P  . C   G 7 23  ? -11.628 45.251  32.532  1.00 15.00 ? 1076 C   B P  1 
ATOM 775 P P  . A   G 7 24  ? -8.746  50.305  32.727  1.00 15.00 ? 1077 A   B P  1 
ATOM 776 P P  . U   G 7 25  ? -6.703  55.024  29.942  1.00 15.00 ? 1078 U   B P  1 
ATOM 777 P P  . C   G 7 26  ? -7.156  58.097  26.331  1.00 15.00 ? 1079 C   B P  1 
ATOM 778 P P  . A   G 7 27  ? -2.436  62.167  23.554  1.00 15.00 ? 1080 A   B P  1 
ATOM 779 P P  . U   G 7 28  ? 1.276   63.991  19.365  1.00 15.00 ? 1081 U   B P  1 
ATOM 780 P P  . U   G 7 29  ? 3.835   64.641  13.913  1.00 15.00 ? 1082 U   B P  1 
ATOM 781 P P  . U   G 7 30  ? 2.727   66.155  9.042   1.00 15.00 ? 1083 U   B P  1 
ATOM 782 P P  . A   G 7 31  ? -2.815  68.487  5.889   1.00 15.00 ? 1084 A   B P  1 
ATOM 783 P P  . A   G 7 32  ? -6.811  66.998  9.352   1.00 15.00 ? 1085 A   B P  1 
ATOM 784 P P  . A   G 7 33  ? -8.573  62.447  12.418  1.00 15.00 ? 1086 A   B P  1 
ATOM 785 P P  . G   G 7 34  ? -7.489  57.653  14.924  1.00 15.00 ? 1087 G   B P  1 
ATOM 786 P P  . A   G 7 35  ? -7.207  55.836  19.656  1.00 15.00 ? 1088 A   B P  1 
ATOM 787 P P  . A   G 7 36  ? -8.986  48.863  20.179  1.00 15.00 ? 1089 A   B P  1 
ATOM 788 P P  . A   G 7 37  ? -15.276 49.952  18.680  1.00 15.00 ? 1090 A   B P  1 
ATOM 789 P P  . G   G 7 38  ? -18.860 45.413  17.654  1.00 15.00 ? 1091 G   B P  1 
ATOM 790 P P  . C   G 7 39  ? -20.355 40.101  14.565  1.00 15.00 ? 1092 C   B P  1 
ATOM 791 P P  . G   G 7 40  ? -19.473 35.563  10.946  1.00 15.00 ? 1093 G   B P  1 
ATOM 792 P P  . U   G 7 41  ? -14.893 32.094  9.271   1.00 15.00 ? 1094 U   B P  1 
ATOM 793 P P  . A   G 7 42  ? -11.129 28.872  10.569  1.00 15.00 ? 1095 A   B P  1 
ATOM 794 P P  . A   G 7 43  ? -9.550  32.348  14.719  1.00 15.00 ? 1096 A   B P  1 
ATOM 795 P P  . U   G 7 44  ? -5.998  37.290  14.881  1.00 15.00 ? 1097 U   B P  1 
ATOM 796 P P  . A   G 7 45  ? -4.575  41.107  9.555   1.00 15.00 ? 1098 A   B P  1 
ATOM 797 P P  . G   G 7 46  ? -5.112  42.425  4.051   1.00 15.00 ? 1099 G   B P  1 
ATOM 798 P P  . C   G 7 47  ? -9.903  44.132  1.176   1.00 15.00 ? 1100 C   B P  1 
ATOM 799 P P  . U   G 7 48  ? -14.661 46.940  0.922   1.00 15.00 ? 1101 U   B P  1 
ATOM 800 P P  . U   H 8 1   ? -55.176 14.862  -8.829  1.00 15.00 ? 2647 U   D P  1 
ATOM 801 P P  . G   H 8 2   ? -50.015 10.700  -8.670  1.00 15.00 ? 2648 G   D P  1 
ATOM 802 P P  . C   H 8 3   ? -45.803 7.077   -7.723  1.00 15.00 ? 2649 C   D P  1 
ATOM 803 P P  . U   H 8 4   ? -41.980 3.712   -10.668 1.00 15.00 ? 2650 U   D P  1 
ATOM 804 P P  . C   H 8 5   ? -38.940 2.321   -15.434 1.00 15.00 ? 2651 C   D P  1 
ATOM 805 P P  . C   H 8 6   ? -36.454 3.544   -20.600 1.00 15.00 ? 2652 C   D P  1 
ATOM 806 P P  . U   H 8 7   ? -34.390 7.439   -23.923 1.00 15.00 ? 2653 U   D P  1 
ATOM 807 P P  . A   H 8 8   ? -31.606 12.335  -22.639 1.00 15.00 ? 2654 A   D P  1 
ATOM 808 P P  . G   H 8 9   ? -29.942 7.145   -19.917 1.00 15.00 ? 2655 G   D P  1 
ATOM 809 P P  . U   H 8 10  ? -25.286 9.661   -15.778 1.00 15.00 ? 2656 U   D P  1 
ATOM 810 P P  . A   H 8 11  ? -24.247 15.436  -16.452 1.00 15.00 ? 2657 A   D P  1 
ATOM 811 P P  . C   H 8 12  ? -23.591 19.563  -13.935 1.00 15.00 ? 2658 C   D P  1 
ATOM 812 P P  . G   H 8 13  ? -22.329 20.156  -8.427  1.00 15.00 ? 2659 G   D P  1 
ATOM 813 P P  . A   H 8 14  ? -18.830 17.115  -5.076  1.00 15.00 ? 2660 A   D P  1 
ATOM 814 P P  . G   H 8 15  ? -18.235 11.828  -8.130  1.00 15.00 ? 2661 G   D P  1 
ATOM 815 P P  . A   H 8 16  ? -21.293 5.928   -6.836  1.00 15.00 ? 2662 A   D P  1 
ATOM 816 P P  . G   H 8 17  ? -25.699 3.778   -4.986  1.00 15.00 ? 2663 G   D P  1 
ATOM 817 P P  . G   H 8 18  ? -31.606 6.722   -5.972  1.00 15.00 ? 2664 G   D P  1 
ATOM 818 P P  . A   H 8 19  ? -34.758 10.183  -9.518  1.00 15.00 ? 2665 A   D P  1 
ATOM 819 P P  . C   H 8 20  ? -38.642 14.996  -12.059 1.00 15.00 ? 2666 C   D P  1 
ATOM 820 P P  . C   H 8 21  ? -41.580 19.288  -14.290 1.00 15.00 ? 2667 C   D P  1 
ATOM 821 P P  . G   H 8 22  ? -44.664 20.917  -18.738 1.00 15.00 ? 2668 G   D P  1 
ATOM 822 P P  . G   H 8 23  ? -47.512 17.291  -22.716 1.00 15.00 ? 2669 G   D P  1 
ATOM 823 P P  . A   H 8 24  ? -49.322 11.827  -25.083 1.00 15.00 ? 2670 A   D P  1 
ATOM 824 P P  . G   H 8 25  ? -50.950 6.416   -25.008 1.00 15.00 ? 2671 G   D P  1 
ATOM 825 P P  . U   H 8 26  ? -53.193 1.074   -22.419 1.00 15.00 ? 2672 U   D P  1 
ATOM 826 P P  . G   H 8 27  ? -54.788 -2.355  -17.343 1.00 15.00 ? 2673 G   D P  1 
ATOM 827 P P  . G   H 8 28  ? -57.553 -1.756  -11.263 1.00 15.00 ? 2674 G   D P  1 
ATOM 828 P P  . G   I 9 1   ? -49.425 -15.757 57.733  1.00 15.00 ? 1907 G   E P  1 
ATOM 829 P P  . C   I 9 2   ? -45.385 -10.459 58.010  1.00 15.00 ? 1908 C   E P  1 
ATOM 830 P P  . C   I 9 3   ? -40.537 -7.463  58.517  1.00 15.00 ? 1909 C   E P  1 
ATOM 831 P P  . G   I 9 4   ? -34.634 -7.336  58.629  1.00 15.00 ? 1910 G   E P  1 
ATOM 832 P P  . U   I 9 5   ? -29.315 -9.449  57.314  1.00 15.00 ? 1911 U   E P  1 
ATOM 833 P P  . A   I 9 6   ? -25.455 -13.783 55.102  1.00 15.00 ? 1912 A   E P  1 
ATOM 834 P P  . A   I 9 7   ? -21.741 -14.751 52.584  1.00 15.00 ? 1913 A   E P  1 
ATOM 835 P P  . C   I 9 8   ? -19.207 -15.390 46.681  1.00 15.00 ? 1914 C   E P  1 
ATOM 836 P P  . U   I 9 9   ? -22.159 -11.734 47.447  1.00 15.00 ? 1915 U   E P  1 
ATOM 837 P P  . A   I 9 10  ? -28.522 -9.733  47.757  1.00 15.00 ? 1916 A   E P  1 
ATOM 838 P P  . U   I 9 11  ? -33.841 -11.546 48.536  1.00 15.00 ? 1917 U   E P  1 
ATOM 839 P P  . A   I 9 12  ? -36.468 -16.112 51.465  1.00 15.00 ? 1918 A   E P  1 
ATOM 840 P P  . A   I 9 13  ? -35.947 -21.434 54.687  1.00 15.00 ? 1919 A   E P  1 
ATOM 841 P P  . C   I 9 14  ? -34.908 -24.963 59.132  1.00 15.00 ? 1920 C   E P  1 
ATOM 842 P P  . G   I 9 15  ? -32.972 -23.304 63.914  1.00 15.00 ? 1921 G   E P  1 
ATOM 843 P P  . G   I 9 16  ? -33.331 -19.785 68.438  1.00 15.00 ? 1922 G   E P  1 
ATOM 844 P P  . U   I 9 17  ? -35.769 -15.659 71.666  1.00 15.00 ? 1923 U   E P  1 
# 
